data_5UEG
# 
_entry.id   5UEG 
# 
_audit_conform.dict_name       mmcif_pdbx.dic 
_audit_conform.dict_version    5.379 
_audit_conform.dict_location   http://mmcif.pdb.org/dictionaries/ascii/mmcif_pdbx.dic 
# 
loop_
_database_2.database_id 
_database_2.database_code 
_database_2.pdbx_database_accession 
_database_2.pdbx_DOI 
PDB   5UEG         pdb_00005ueg 10.2210/pdb5ueg/pdb 
WWPDB D_1000225741 ?            ?                   
# 
loop_
_pdbx_database_related.content_type 
_pdbx_database_related.db_id 
_pdbx_database_related.db_name 
_pdbx_database_related.details 
unspecified 5UED PDB . 
unspecified 5UEE PDB . 
unspecified 5UEF PDB . 
# 
_pdbx_database_status.status_code                     REL 
_pdbx_database_status.status_code_sf                  REL 
_pdbx_database_status.status_code_mr                  ? 
_pdbx_database_status.entry_id                        5UEG 
_pdbx_database_status.recvd_initial_deposition_date   2017-01-02 
_pdbx_database_status.SG_entry                        N 
_pdbx_database_status.deposit_site                    RCSB 
_pdbx_database_status.process_site                    RCSB 
_pdbx_database_status.status_code_cs                  ? 
_pdbx_database_status.methods_development_category    ? 
_pdbx_database_status.pdb_format_compatible           Y 
_pdbx_database_status.status_code_nmr_data            ? 
# 
loop_
_audit_author.name 
_audit_author.pdbx_ordinal 
_audit_author.identifier_ORCID 
'Zhang, W.'     1 ? 
'Tam, C.P.'     2 ? 
'Szostak, J.W.' 3 ? 
# 
_citation.abstract                  ? 
_citation.abstract_id_CAS           ? 
_citation.book_id_ISBN              ? 
_citation.book_publisher            ? 
_citation.book_publisher_city       ? 
_citation.book_title                ? 
_citation.coordinate_linkage        ? 
_citation.country                   US 
_citation.database_id_Medline       ? 
_citation.details                   ? 
_citation.id                        primary 
_citation.journal_abbrev            'Proc. Natl. Acad. Sci. U.S.A.' 
_citation.journal_id_ASTM           PNASA6 
_citation.journal_id_CSD            0040 
_citation.journal_id_ISSN           1091-6490 
_citation.journal_full              ? 
_citation.journal_issue             ? 
_citation.journal_volume            114 
_citation.language                  ? 
_citation.page_first                7659 
_citation.page_last                 7664 
_citation.title                     
'Insight into the mechanism of nonenzymatic RNA primer extension from the structure of an RNA-GpppG complex.' 
_citation.year                      2017 
_citation.database_id_CSD           ? 
_citation.pdbx_database_id_DOI      10.1073/pnas.1704006114 
_citation.pdbx_database_id_PubMed   28673998 
_citation.unpublished_flag          ? 
# 
loop_
_citation_author.citation_id 
_citation_author.name 
_citation_author.ordinal 
_citation_author.identifier_ORCID 
primary 'Zhang, W.'        1 ? 
primary 'Tam, C.P.'        2 ? 
primary 'Walton, T.'       3 ? 
primary 'Fahrenbach, A.C.' 4 ? 
primary 'Birrane, G.'      5 ? 
primary 'Szostak, J.W.'    6 ? 
# 
_cell.angle_alpha                  90.00 
_cell.angle_alpha_esd              ? 
_cell.angle_beta                   90.00 
_cell.angle_beta_esd               ? 
_cell.angle_gamma                  120.00 
_cell.angle_gamma_esd              ? 
_cell.entry_id                     5UEG 
_cell.details                      ? 
_cell.formula_units_Z              ? 
_cell.length_a                     48.416 
_cell.length_a_esd                 ? 
_cell.length_b                     48.416 
_cell.length_b_esd                 ? 
_cell.length_c                     81.965 
_cell.length_c_esd                 ? 
_cell.volume                       ? 
_cell.volume_esd                   ? 
_cell.Z_PDB                        12 
_cell.reciprocal_angle_alpha       ? 
_cell.reciprocal_angle_beta        ? 
_cell.reciprocal_angle_gamma       ? 
_cell.reciprocal_angle_alpha_esd   ? 
_cell.reciprocal_angle_beta_esd    ? 
_cell.reciprocal_angle_gamma_esd   ? 
_cell.reciprocal_length_a          ? 
_cell.reciprocal_length_b          ? 
_cell.reciprocal_length_c          ? 
_cell.reciprocal_length_a_esd      ? 
_cell.reciprocal_length_b_esd      ? 
_cell.reciprocal_length_c_esd      ? 
_cell.pdbx_unique_axis             ? 
# 
_symmetry.entry_id                         5UEG 
_symmetry.cell_setting                     ? 
_symmetry.Int_Tables_number                143 
_symmetry.space_group_name_Hall            ? 
_symmetry.space_group_name_H-M             'P 3' 
_symmetry.pdbx_full_space_group_name_H-M   ? 
# 
loop_
_entity.id 
_entity.type 
_entity.src_method 
_entity.pdbx_description 
_entity.formula_weight 
_entity.pdbx_number_of_molecules 
_entity.pdbx_ec 
_entity.pdbx_mutation 
_entity.pdbx_fragment 
_entity.details 
1 polymer     syn 
;RNA (5'-R(*(LCC)P*(LCC)P*(LCC)P*GP*AP*CP*UP*UP*AP*AP*GP*UP*CP*G)-3')
;
4500.794 4 ? ? ? ? 
2 non-polymer man 
;[[(2~{R},3~{S},4~{R},5~{R})-5-(2-azanyl-6-oxidanylidene-1~{H}-purin-9-yl)-3,4-bis(oxidanyl)oxolan-2-yl]methoxy-oxidanyl-phosphoryl] [[[(2~{R},3~{S},4~{R},5~{R})-5-(2-azanyl-6-oxidanylidene-1~{H}-purin-9-yl)-3,4-bis(oxidanyl)oxolan-2-yl]methoxy-oxidanyl-phosphoryl]oxy-oxidanyl-phosphoryl] hydrogen phosphate
;
868.386  4 ? ? ? ? 
# 
_entity_poly.entity_id                      1 
_entity_poly.type                           polyribonucleotide 
_entity_poly.nstd_linkage                   no 
_entity_poly.nstd_monomer                   yes 
_entity_poly.pdbx_seq_one_letter_code       '(LCC)(LCC)(LCC)GACUUAAGUCG' 
_entity_poly.pdbx_seq_one_letter_code_can   NNNGACUUAAGUCG 
_entity_poly.pdbx_strand_id                 A,B,C,D 
_entity_poly.pdbx_target_identifier         ? 
# 
loop_
_entity_poly_seq.entity_id 
_entity_poly_seq.num 
_entity_poly_seq.mon_id 
_entity_poly_seq.hetero 
1 1  LCC n 
1 2  LCC n 
1 3  LCC n 
1 4  G   n 
1 5  A   n 
1 6  C   n 
1 7  U   n 
1 8  U   n 
1 9  A   n 
1 10 A   n 
1 11 G   n 
1 12 U   n 
1 13 C   n 
1 14 G   n 
# 
_pdbx_entity_src_syn.entity_id              1 
_pdbx_entity_src_syn.pdbx_src_id            1 
_pdbx_entity_src_syn.pdbx_alt_source_flag   sample 
_pdbx_entity_src_syn.pdbx_beg_seq_num       1 
_pdbx_entity_src_syn.pdbx_end_seq_num       14 
_pdbx_entity_src_syn.organism_scientific    'synthetic construct' 
_pdbx_entity_src_syn.organism_common_name   ? 
_pdbx_entity_src_syn.ncbi_taxonomy_id       32630 
_pdbx_entity_src_syn.details                ? 
# 
_struct_ref.id                         1 
_struct_ref.db_name                    PDB 
_struct_ref.db_code                    5UEG 
_struct_ref.pdbx_db_accession          5UEG 
_struct_ref.pdbx_db_isoform            ? 
_struct_ref.entity_id                  1 
_struct_ref.pdbx_seq_one_letter_code   ? 
_struct_ref.pdbx_align_begin           1 
# 
loop_
_struct_ref_seq.align_id 
_struct_ref_seq.ref_id 
_struct_ref_seq.pdbx_PDB_id_code 
_struct_ref_seq.pdbx_strand_id 
_struct_ref_seq.seq_align_beg 
_struct_ref_seq.pdbx_seq_align_beg_ins_code 
_struct_ref_seq.seq_align_end 
_struct_ref_seq.pdbx_seq_align_end_ins_code 
_struct_ref_seq.pdbx_db_accession 
_struct_ref_seq.db_align_beg 
_struct_ref_seq.pdbx_db_align_beg_ins_code 
_struct_ref_seq.db_align_end 
_struct_ref_seq.pdbx_db_align_end_ins_code 
_struct_ref_seq.pdbx_auth_seq_align_beg 
_struct_ref_seq.pdbx_auth_seq_align_end 
1 1 5UEG A 1 ? 14 ? 5UEG 1 ? 14 ? 1 14 
2 1 5UEG B 1 ? 14 ? 5UEG 1 ? 14 ? 1 14 
3 1 5UEG C 1 ? 14 ? 5UEG 1 ? 14 ? 1 14 
4 1 5UEG D 1 ? 14 ? 5UEG 1 ? 14 ? 1 14 
# 
loop_
_chem_comp.id 
_chem_comp.type 
_chem_comp.mon_nstd_flag 
_chem_comp.name 
_chem_comp.pdbx_synonyms 
_chem_comp.formula 
_chem_comp.formula_weight 
86P non-polymer   . 
;[[(2~{R},3~{S},4~{R},5~{R})-5-(2-azanyl-6-oxidanylidene-1~{H}-purin-9-yl)-3,4-bis(oxidanyl)oxolan-2-yl]methoxy-oxidanyl-phosphoryl] [[[(2~{R},3~{S},4~{R},5~{R})-5-(2-azanyl-6-oxidanylidene-1~{H}-purin-9-yl)-3,4-bis(oxidanyl)oxolan-2-yl]methoxy-oxidanyl-phosphoryl]oxy-oxidanyl-phosphoryl] hydrogen phosphate
;
? 'C20 H28 N10 O21 P4' 868.386 
A   'RNA linking' y "ADENOSINE-5'-MONOPHOSPHATE" ? 'C10 H14 N5 O7 P'    347.221 
C   'RNA linking' y "CYTIDINE-5'-MONOPHOSPHATE" ? 'C9 H14 N3 O8 P'     323.197 
G   'RNA linking' y "GUANOSINE-5'-MONOPHOSPHATE" ? 'C10 H14 N5 O8 P'    363.221 
LCC 'RNA linking' . 
'[(1R,3R,4R,7S)-7-HYDROXY-3-(5-METHYLCYTOSIN-1-YL)-2,5-DIOXABICYCLO[2.2.1]HEPT-1-YL]METHYL DIHYDROGEN PHOSPHATE' ? 
'C11 H16 N3 O8 P'    349.234 
U   'RNA linking' y "URIDINE-5'-MONOPHOSPHATE" ? 'C9 H13 N2 O9 P'     324.181 
# 
_exptl.absorpt_coefficient_mu     ? 
_exptl.absorpt_correction_T_max   ? 
_exptl.absorpt_correction_T_min   ? 
_exptl.absorpt_correction_type    ? 
_exptl.absorpt_process_details    ? 
_exptl.entry_id                   5UEG 
_exptl.crystals_number            1 
_exptl.details                    ? 
_exptl.method                     'X-RAY DIFFRACTION' 
_exptl.method_details             ? 
# 
_exptl_crystal.colour                      ? 
_exptl_crystal.density_diffrn              ? 
_exptl_crystal.density_Matthews            3.08 
_exptl_crystal.density_method              ? 
_exptl_crystal.density_percent_sol         60.08 
_exptl_crystal.description                 ? 
_exptl_crystal.F_000                       ? 
_exptl_crystal.id                          1 
_exptl_crystal.preparation                 ? 
_exptl_crystal.size_max                    ? 
_exptl_crystal.size_mid                    ? 
_exptl_crystal.size_min                    ? 
_exptl_crystal.size_rad                    ? 
_exptl_crystal.colour_lustre               ? 
_exptl_crystal.colour_modifier             ? 
_exptl_crystal.colour_primary              ? 
_exptl_crystal.density_meas                ? 
_exptl_crystal.density_meas_esd            ? 
_exptl_crystal.density_meas_gt             ? 
_exptl_crystal.density_meas_lt             ? 
_exptl_crystal.density_meas_temp           ? 
_exptl_crystal.density_meas_temp_esd       ? 
_exptl_crystal.density_meas_temp_gt        ? 
_exptl_crystal.density_meas_temp_lt        ? 
_exptl_crystal.pdbx_crystal_image_url      ? 
_exptl_crystal.pdbx_crystal_image_format   ? 
_exptl_crystal.pdbx_mosaicity              ? 
_exptl_crystal.pdbx_mosaicity_esd          ? 
# 
_exptl_crystal_grow.apparatus       ? 
_exptl_crystal_grow.atmosphere      ? 
_exptl_crystal_grow.crystal_id      1 
_exptl_crystal_grow.details         ? 
_exptl_crystal_grow.method          'VAPOR DIFFUSION, SITTING DROP' 
_exptl_crystal_grow.method_ref      ? 
_exptl_crystal_grow.pH              6.5 
_exptl_crystal_grow.pressure        ? 
_exptl_crystal_grow.pressure_esd    ? 
_exptl_crystal_grow.seeding         ? 
_exptl_crystal_grow.seeding_ref     ? 
_exptl_crystal_grow.temp            293 
_exptl_crystal_grow.temp_details    ? 
_exptl_crystal_grow.temp_esd        ? 
_exptl_crystal_grow.time            ? 
_exptl_crystal_grow.pdbx_details    '0.05 M Magnesium chloride, 1.2 M Lithium sulfate, 50 mM MES pH 6.5, 2 mM Cobalt (II) chloride' 
_exptl_crystal_grow.pdbx_pH_range   ? 
# 
_diffrn.ambient_environment    ? 
_diffrn.ambient_temp           99 
_diffrn.ambient_temp_details   ? 
_diffrn.ambient_temp_esd       ? 
_diffrn.crystal_id             1 
_diffrn.crystal_support        ? 
_diffrn.crystal_treatment      ? 
_diffrn.details                ? 
_diffrn.id                     1 
_diffrn.ambient_pressure       ? 
_diffrn.ambient_pressure_esd   ? 
_diffrn.ambient_pressure_gt    ? 
_diffrn.ambient_pressure_lt    ? 
_diffrn.ambient_temp_gt        ? 
_diffrn.ambient_temp_lt        ? 
# 
_diffrn_detector.details                      ? 
_diffrn_detector.detector                     CCD 
_diffrn_detector.diffrn_id                    1 
_diffrn_detector.type                         'ADSC QUANTUM 315' 
_diffrn_detector.area_resol_mean              ? 
_diffrn_detector.dtime                        ? 
_diffrn_detector.pdbx_frames_total            ? 
_diffrn_detector.pdbx_collection_time_total   ? 
_diffrn_detector.pdbx_collection_date         2016-10-28 
# 
_diffrn_radiation.collimation                      ? 
_diffrn_radiation.diffrn_id                        1 
_diffrn_radiation.filter_edge                      ? 
_diffrn_radiation.inhomogeneity                    ? 
_diffrn_radiation.monochromator                    ? 
_diffrn_radiation.polarisn_norm                    ? 
_diffrn_radiation.polarisn_ratio                   ? 
_diffrn_radiation.probe                            ? 
_diffrn_radiation.type                             ? 
_diffrn_radiation.xray_symbol                      ? 
_diffrn_radiation.wavelength_id                    1 
_diffrn_radiation.pdbx_monochromatic_or_laue_m_l   M 
_diffrn_radiation.pdbx_wavelength_list             ? 
_diffrn_radiation.pdbx_wavelength                  ? 
_diffrn_radiation.pdbx_diffrn_protocol             'SINGLE WAVELENGTH' 
_diffrn_radiation.pdbx_analyzer                    ? 
_diffrn_radiation.pdbx_scattering_type             x-ray 
# 
_diffrn_radiation_wavelength.id           1 
_diffrn_radiation_wavelength.wavelength   0.995 
_diffrn_radiation_wavelength.wt           1.0 
# 
_diffrn_source.current                     ? 
_diffrn_source.details                     ? 
_diffrn_source.diffrn_id                   1 
_diffrn_source.power                       ? 
_diffrn_source.size                        ? 
_diffrn_source.source                      SYNCHROTRON 
_diffrn_source.target                      ? 
_diffrn_source.type                        'ALS BEAMLINE 8.2.1' 
_diffrn_source.voltage                     ? 
_diffrn_source.take-off_angle              ? 
_diffrn_source.pdbx_wavelength_list        0.995 
_diffrn_source.pdbx_wavelength             ? 
_diffrn_source.pdbx_synchrotron_beamline   8.2.1 
_diffrn_source.pdbx_synchrotron_site       ALS 
# 
_reflns.B_iso_Wilson_estimate            ? 
_reflns.entry_id                         5UEG 
_reflns.data_reduction_details           ? 
_reflns.data_reduction_method            ? 
_reflns.d_resolution_high                2.60 
_reflns.d_resolution_low                 50 
_reflns.details                          ? 
_reflns.limit_h_max                      ? 
_reflns.limit_h_min                      ? 
_reflns.limit_k_max                      ? 
_reflns.limit_k_min                      ? 
_reflns.limit_l_max                      ? 
_reflns.limit_l_min                      ? 
_reflns.number_all                       ? 
_reflns.number_obs                       6425 
_reflns.observed_criterion               ? 
_reflns.observed_criterion_F_max         ? 
_reflns.observed_criterion_F_min         ? 
_reflns.observed_criterion_I_max         ? 
_reflns.observed_criterion_I_min         ? 
_reflns.observed_criterion_sigma_F       ? 
_reflns.observed_criterion_sigma_I       ? 
_reflns.percent_possible_obs             96.6 
_reflns.R_free_details                   ? 
_reflns.Rmerge_F_all                     ? 
_reflns.Rmerge_F_obs                     ? 
_reflns.Friedel_coverage                 ? 
_reflns.number_gt                        ? 
_reflns.threshold_expression             ? 
_reflns.pdbx_redundancy                  5.1 
_reflns.pdbx_Rmerge_I_obs                0.100 
_reflns.pdbx_Rmerge_I_all                ? 
_reflns.pdbx_Rsym_value                  ? 
_reflns.pdbx_netI_over_av_sigmaI         ? 
_reflns.pdbx_netI_over_sigmaI            15.14 
_reflns.pdbx_res_netI_over_av_sigmaI_2   ? 
_reflns.pdbx_res_netI_over_sigmaI_2      ? 
_reflns.pdbx_chi_squared                 ? 
_reflns.pdbx_scaling_rejects             ? 
_reflns.pdbx_d_res_high_opt              ? 
_reflns.pdbx_d_res_low_opt               ? 
_reflns.pdbx_d_res_opt_method            ? 
_reflns.phase_calculation_details        ? 
_reflns.pdbx_Rrim_I_all                  ? 
_reflns.pdbx_Rpim_I_all                  ? 
_reflns.pdbx_d_opt                       ? 
_reflns.pdbx_number_measured_all         ? 
_reflns.pdbx_diffrn_id                   1 
_reflns.pdbx_ordinal                     1 
_reflns.pdbx_CC_half                     0.978 
_reflns.pdbx_R_split                     ? 
# 
_reflns_shell.d_res_high                  2.60 
_reflns_shell.d_res_low                   2.69 
_reflns_shell.meanI_over_sigI_all         ? 
_reflns_shell.meanI_over_sigI_obs         1.26 
_reflns_shell.number_measured_all         ? 
_reflns_shell.number_measured_obs         ? 
_reflns_shell.number_possible             ? 
_reflns_shell.number_unique_all           ? 
_reflns_shell.number_unique_obs           ? 
_reflns_shell.percent_possible_all        74.8 
_reflns_shell.percent_possible_obs        ? 
_reflns_shell.Rmerge_F_all                ? 
_reflns_shell.Rmerge_F_obs                ? 
_reflns_shell.Rmerge_I_all                ? 
_reflns_shell.Rmerge_I_obs                0.554 
_reflns_shell.meanI_over_sigI_gt          ? 
_reflns_shell.meanI_over_uI_all           ? 
_reflns_shell.meanI_over_uI_gt            ? 
_reflns_shell.number_measured_gt          ? 
_reflns_shell.number_unique_gt            ? 
_reflns_shell.percent_possible_gt         ? 
_reflns_shell.Rmerge_F_gt                 ? 
_reflns_shell.Rmerge_I_gt                 ? 
_reflns_shell.pdbx_redundancy             3.6 
_reflns_shell.pdbx_Rsym_value             ? 
_reflns_shell.pdbx_chi_squared            ? 
_reflns_shell.pdbx_netI_over_sigmaI_all   ? 
_reflns_shell.pdbx_netI_over_sigmaI_obs   ? 
_reflns_shell.pdbx_Rrim_I_all             ? 
_reflns_shell.pdbx_Rpim_I_all             ? 
_reflns_shell.pdbx_rejects                ? 
_reflns_shell.pdbx_ordinal                1 
_reflns_shell.pdbx_diffrn_id              1 
_reflns_shell.pdbx_CC_half                0.916 
_reflns_shell.pdbx_R_split                ? 
# 
_refine.aniso_B[1][1]                            -0.01 
_refine.aniso_B[1][2]                            0.00 
_refine.aniso_B[1][3]                            0.00 
_refine.aniso_B[2][2]                            -0.01 
_refine.aniso_B[2][3]                            0.00 
_refine.aniso_B[3][3]                            0.03 
_refine.B_iso_max                                ? 
_refine.B_iso_mean                               84.063 
_refine.B_iso_min                                ? 
_refine.correlation_coeff_Fo_to_Fc               0.934 
_refine.correlation_coeff_Fo_to_Fc_free          0.912 
_refine.details                                  'HYDROGENS HAVE BEEN ADDED IN THE RIDING POSITIONS' 
_refine.diff_density_max                         ? 
_refine.diff_density_max_esd                     ? 
_refine.diff_density_min                         ? 
_refine.diff_density_min_esd                     ? 
_refine.diff_density_rms                         ? 
_refine.diff_density_rms_esd                     ? 
_refine.entry_id                                 5UEG 
_refine.pdbx_refine_id                           'X-RAY DIFFRACTION' 
_refine.ls_abs_structure_details                 ? 
_refine.ls_abs_structure_Flack                   ? 
_refine.ls_abs_structure_Flack_esd               ? 
_refine.ls_abs_structure_Rogers                  ? 
_refine.ls_abs_structure_Rogers_esd              ? 
_refine.ls_d_res_high                            2.60 
_refine.ls_d_res_low                             50 
_refine.ls_extinction_coef                       ? 
_refine.ls_extinction_coef_esd                   ? 
_refine.ls_extinction_expression                 ? 
_refine.ls_extinction_method                     ? 
_refine.ls_goodness_of_fit_all                   ? 
_refine.ls_goodness_of_fit_all_esd               ? 
_refine.ls_goodness_of_fit_obs                   ? 
_refine.ls_goodness_of_fit_obs_esd               ? 
_refine.ls_hydrogen_treatment                    ? 
_refine.ls_matrix_type                           ? 
_refine.ls_number_constraints                    ? 
_refine.ls_number_parameters                     ? 
_refine.ls_number_reflns_all                     ? 
_refine.ls_number_reflns_obs                     6081 
_refine.ls_number_reflns_R_free                  325 
_refine.ls_number_reflns_R_work                  ? 
_refine.ls_number_restraints                     ? 
_refine.ls_percent_reflns_obs                    96.33 
_refine.ls_percent_reflns_R_free                 5.1 
_refine.ls_R_factor_all                          ? 
_refine.ls_R_factor_obs                          0.21197 
_refine.ls_R_factor_R_free                       0.30148 
_refine.ls_R_factor_R_free_error                 ? 
_refine.ls_R_factor_R_free_error_details         ? 
_refine.ls_R_factor_R_work                       0.20764 
_refine.ls_R_Fsqd_factor_obs                     ? 
_refine.ls_R_I_factor_obs                        ? 
_refine.ls_redundancy_reflns_all                 ? 
_refine.ls_redundancy_reflns_obs                 ? 
_refine.ls_restrained_S_all                      ? 
_refine.ls_restrained_S_obs                      ? 
_refine.ls_shift_over_esd_max                    ? 
_refine.ls_shift_over_esd_mean                   ? 
_refine.ls_structure_factor_coef                 ? 
_refine.ls_weighting_details                     ? 
_refine.ls_weighting_scheme                      ? 
_refine.ls_wR_factor_all                         ? 
_refine.ls_wR_factor_obs                         ? 
_refine.ls_wR_factor_R_free                      ? 
_refine.ls_wR_factor_R_work                      ? 
_refine.occupancy_max                            ? 
_refine.occupancy_min                            ? 
_refine.solvent_model_details                    ? 
_refine.solvent_model_param_bsol                 ? 
_refine.solvent_model_param_ksol                 ? 
_refine.ls_R_factor_gt                           ? 
_refine.ls_goodness_of_fit_gt                    ? 
_refine.ls_goodness_of_fit_ref                   ? 
_refine.ls_shift_over_su_max                     ? 
_refine.ls_shift_over_su_max_lt                  ? 
_refine.ls_shift_over_su_mean                    ? 
_refine.ls_shift_over_su_mean_lt                 ? 
_refine.pdbx_ls_sigma_I                          ? 
_refine.pdbx_ls_sigma_F                          ? 
_refine.pdbx_ls_sigma_Fsqd                       ? 
_refine.pdbx_data_cutoff_high_absF               ? 
_refine.pdbx_data_cutoff_high_rms_absF           ? 
_refine.pdbx_data_cutoff_low_absF                ? 
_refine.pdbx_isotropic_thermal_model             ? 
_refine.pdbx_ls_cross_valid_method               THROUGHOUT 
_refine.pdbx_method_to_determine_struct          'MOLECULAR REPLACEMENT' 
_refine.pdbx_starting_model                      5dhc 
_refine.pdbx_stereochemistry_target_values       ? 
_refine.pdbx_R_Free_selection_details            RANDOM 
_refine.pdbx_stereochem_target_val_spec_case     ? 
_refine.pdbx_overall_ESU_R                       ? 
_refine.pdbx_overall_ESU_R_Free                  0.418 
_refine.pdbx_solvent_vdw_probe_radii             1.20 
_refine.pdbx_solvent_ion_probe_radii             0.80 
_refine.pdbx_solvent_shrinkage_radii             0.80 
_refine.pdbx_real_space_R                        ? 
_refine.pdbx_density_correlation                 ? 
_refine.pdbx_pd_number_of_powder_patterns        ? 
_refine.pdbx_pd_number_of_points                 ? 
_refine.pdbx_pd_meas_number_of_points            ? 
_refine.pdbx_pd_proc_ls_prof_R_factor            ? 
_refine.pdbx_pd_proc_ls_prof_wR_factor           ? 
_refine.pdbx_pd_Marquardt_correlation_coeff      ? 
_refine.pdbx_pd_Fsqrd_R_factor                   ? 
_refine.pdbx_pd_ls_matrix_band_width             ? 
_refine.pdbx_overall_phase_error                 ? 
_refine.pdbx_overall_SU_R_free_Cruickshank_DPI   ? 
_refine.pdbx_overall_SU_R_free_Blow_DPI          ? 
_refine.pdbx_overall_SU_R_Blow_DPI               ? 
_refine.pdbx_TLS_residual_ADP_flag               ? 
_refine.pdbx_diffrn_id                           1 
_refine.overall_SU_B                             18.124 
_refine.overall_SU_ML                            0.337 
_refine.overall_SU_R_Cruickshank_DPI             ? 
_refine.overall_SU_R_free                        ? 
_refine.overall_FOM_free_R_set                   ? 
_refine.overall_FOM_work_R_set                   ? 
_refine.pdbx_average_fsc_overall                 ? 
_refine.pdbx_average_fsc_work                    ? 
_refine.pdbx_average_fsc_free                    ? 
# 
_refine_hist.pdbx_refine_id                   'X-RAY DIFFRACTION' 
_refine_hist.cycle_id                         1 
_refine_hist.pdbx_number_atoms_protein        0 
_refine_hist.pdbx_number_atoms_nucleic_acid   1192 
_refine_hist.pdbx_number_atoms_ligand         440 
_refine_hist.number_atoms_solvent             0 
_refine_hist.number_atoms_total               1632 
_refine_hist.d_res_high                       2.60 
_refine_hist.d_res_low                        50 
# 
loop_
_refine_ls_restr.pdbx_refine_id 
_refine_ls_restr.criterion 
_refine_ls_restr.dev_ideal 
_refine_ls_restr.dev_ideal_target 
_refine_ls_restr.number 
_refine_ls_restr.rejects 
_refine_ls_restr.type 
_refine_ls_restr.weight 
_refine_ls_restr.pdbx_restraint_function 
'X-RAY DIFFRACTION' ? 0.018  0.017  1804 ? r_bond_refined_d             ? ? 
'X-RAY DIFFRACTION' ? 0.020  0.024  752  ? r_bond_other_d               ? ? 
'X-RAY DIFFRACTION' ? 3.009  2.037  2812 ? r_angle_refined_deg          ? ? 
'X-RAY DIFFRACTION' ? 3.684  3.272  1812 ? r_angle_other_deg            ? ? 
'X-RAY DIFFRACTION' ? ?      ?      ?    ? r_dihedral_angle_1_deg       ? ? 
'X-RAY DIFFRACTION' ? ?      ?      ?    ? r_dihedral_angle_2_deg       ? ? 
'X-RAY DIFFRACTION' ? ?      ?      ?    ? r_dihedral_angle_3_deg       ? ? 
'X-RAY DIFFRACTION' ? ?      ?      ?    ? r_dihedral_angle_4_deg       ? ? 
'X-RAY DIFFRACTION' ? 0.220  0.200  328  ? r_chiral_restr               ? ? 
'X-RAY DIFFRACTION' ? 0.010  0.021  888  ? r_gen_planes_refined         ? ? 
'X-RAY DIFFRACTION' ? 0.002  0.022  328  ? r_gen_planes_other           ? ? 
'X-RAY DIFFRACTION' ? ?      ?      ?    ? r_nbd_refined                ? ? 
'X-RAY DIFFRACTION' ? ?      ?      ?    ? r_nbd_other                  ? ? 
'X-RAY DIFFRACTION' ? ?      ?      ?    ? r_nbtor_refined              ? ? 
'X-RAY DIFFRACTION' ? ?      ?      ?    ? r_nbtor_other                ? ? 
'X-RAY DIFFRACTION' ? ?      ?      ?    ? r_xyhbond_nbd_refined        ? ? 
'X-RAY DIFFRACTION' ? ?      ?      ?    ? r_xyhbond_nbd_other          ? ? 
'X-RAY DIFFRACTION' ? ?      ?      ?    ? r_metal_ion_refined          ? ? 
'X-RAY DIFFRACTION' ? ?      ?      ?    ? r_metal_ion_other            ? ? 
'X-RAY DIFFRACTION' ? ?      ?      ?    ? r_symmetry_vdw_refined       ? ? 
'X-RAY DIFFRACTION' ? ?      ?      ?    ? r_symmetry_vdw_other         ? ? 
'X-RAY DIFFRACTION' ? ?      ?      ?    ? r_symmetry_hbond_refined     ? ? 
'X-RAY DIFFRACTION' ? ?      ?      ?    ? r_symmetry_hbond_other       ? ? 
'X-RAY DIFFRACTION' ? ?      ?      ?    ? r_symmetry_metal_ion_refined ? ? 
'X-RAY DIFFRACTION' ? ?      ?      ?    ? r_symmetry_metal_ion_other   ? ? 
'X-RAY DIFFRACTION' ? ?      ?      ?    ? r_mcbond_it                  ? ? 
'X-RAY DIFFRACTION' ? ?      ?      ?    ? r_mcbond_other               ? ? 
'X-RAY DIFFRACTION' ? ?      ?      ?    ? r_mcangle_it                 ? ? 
'X-RAY DIFFRACTION' ? ?      ?      ?    ? r_mcangle_other              ? ? 
'X-RAY DIFFRACTION' ? 6.837  8.989  1804 ? r_scbond_it                  ? ? 
'X-RAY DIFFRACTION' ? 6.835  8.988  1805 ? r_scbond_other               ? ? 
'X-RAY DIFFRACTION' ? ?      ?      ?    ? r_scangle_it                 ? ? 
'X-RAY DIFFRACTION' ? 9.504  13.459 2813 ? r_scangle_other              ? ? 
'X-RAY DIFFRACTION' ? 11.524 89.295 2423 ? r_long_range_B_refined       ? ? 
'X-RAY DIFFRACTION' ? 11.522 89.293 2424 ? r_long_range_B_other         ? ? 
'X-RAY DIFFRACTION' ? ?      ?      ?    ? r_rigid_bond_restr           ? ? 
'X-RAY DIFFRACTION' ? ?      ?      ?    ? r_sphericity_free            ? ? 
'X-RAY DIFFRACTION' ? ?      ?      ?    ? r_sphericity_bonded          ? ? 
# 
_refine_ls_shell.pdbx_refine_id                   'X-RAY DIFFRACTION' 
_refine_ls_shell.d_res_high                       2.600 
_refine_ls_shell.d_res_low                        2.668 
_refine_ls_shell.number_reflns_all                ? 
_refine_ls_shell.number_reflns_obs                ? 
_refine_ls_shell.number_reflns_R_free             16 
_refine_ls_shell.number_reflns_R_work             387 
_refine_ls_shell.percent_reflns_obs               75.19 
_refine_ls_shell.percent_reflns_R_free            ? 
_refine_ls_shell.R_factor_all                     ? 
_refine_ls_shell.R_factor_obs                     ? 
_refine_ls_shell.R_factor_R_free                  0.582 
_refine_ls_shell.R_factor_R_free_error            ? 
_refine_ls_shell.R_factor_R_work                  0.508 
_refine_ls_shell.redundancy_reflns_all            ? 
_refine_ls_shell.redundancy_reflns_obs            ? 
_refine_ls_shell.wR_factor_all                    ? 
_refine_ls_shell.wR_factor_obs                    ? 
_refine_ls_shell.wR_factor_R_free                 ? 
_refine_ls_shell.wR_factor_R_work                 ? 
_refine_ls_shell.pdbx_total_number_of_bins_used   20 
_refine_ls_shell.pdbx_phase_error                 ? 
_refine_ls_shell.pdbx_fsc_work                    ? 
_refine_ls_shell.pdbx_fsc_free                    ? 
# 
_struct.entry_id                     5UEG 
_struct.title                        
;RNA primer-template complex with guanosine dinucleotide G(5')pppp(5')G ligand
;
_struct.pdbx_model_details           ? 
_struct.pdbx_formula_weight          ? 
_struct.pdbx_formula_weight_method   ? 
_struct.pdbx_model_type_details      ? 
_struct.pdbx_CASP_flag               N 
# 
_struct_keywords.entry_id        5UEG 
_struct_keywords.text            'RNA, dinucleotide' 
_struct_keywords.pdbx_keywords   RNA 
# 
loop_
_struct_asym.id 
_struct_asym.pdbx_blank_PDB_chainid_flag 
_struct_asym.pdbx_modified 
_struct_asym.entity_id 
_struct_asym.details 
A N N 1 ? 
B N N 1 ? 
C N N 1 ? 
D N N 1 ? 
E N N 2 ? 
F N N 2 ? 
G N N 2 ? 
H N N 2 ? 
# 
loop_
_struct_conn.id 
_struct_conn.conn_type_id 
_struct_conn.pdbx_leaving_atom_flag 
_struct_conn.pdbx_PDB_id 
_struct_conn.ptnr1_label_asym_id 
_struct_conn.ptnr1_label_comp_id 
_struct_conn.ptnr1_label_seq_id 
_struct_conn.ptnr1_label_atom_id 
_struct_conn.pdbx_ptnr1_label_alt_id 
_struct_conn.pdbx_ptnr1_PDB_ins_code 
_struct_conn.pdbx_ptnr1_standard_comp_id 
_struct_conn.ptnr1_symmetry 
_struct_conn.ptnr2_label_asym_id 
_struct_conn.ptnr2_label_comp_id 
_struct_conn.ptnr2_label_seq_id 
_struct_conn.ptnr2_label_atom_id 
_struct_conn.pdbx_ptnr2_label_alt_id 
_struct_conn.pdbx_ptnr2_PDB_ins_code 
_struct_conn.ptnr1_auth_asym_id 
_struct_conn.ptnr1_auth_comp_id 
_struct_conn.ptnr1_auth_seq_id 
_struct_conn.ptnr2_auth_asym_id 
_struct_conn.ptnr2_auth_comp_id 
_struct_conn.ptnr2_auth_seq_id 
_struct_conn.ptnr2_symmetry 
_struct_conn.pdbx_ptnr3_label_atom_id 
_struct_conn.pdbx_ptnr3_label_seq_id 
_struct_conn.pdbx_ptnr3_label_comp_id 
_struct_conn.pdbx_ptnr3_label_asym_id 
_struct_conn.pdbx_ptnr3_label_alt_id 
_struct_conn.pdbx_ptnr3_PDB_ins_code 
_struct_conn.details 
_struct_conn.pdbx_dist_value 
_struct_conn.pdbx_value_order 
_struct_conn.pdbx_role 
covale1  covale both ? A LCC 1  "O3'" ? ? ? 1_555 A LCC 2  P  ? ? A LCC 1  A LCC 2  1_555 ? ? ? ? ? ? ?            1.694 ? ? 
covale2  covale both ? A LCC 2  "O3'" ? ? ? 1_555 A LCC 3  P  ? ? A LCC 2  A LCC 3  1_555 ? ? ? ? ? ? ?            1.556 ? ? 
covale3  covale both ? A LCC 3  "O3'" ? ? ? 1_555 A G   4  P  ? ? A LCC 3  A G   4  1_555 ? ? ? ? ? ? ?            1.703 ? ? 
covale4  covale both ? B LCC 1  "O3'" ? ? ? 1_555 B LCC 2  P  ? ? B LCC 1  B LCC 2  1_555 ? ? ? ? ? ? ?            1.661 ? ? 
covale5  covale both ? B LCC 2  "O3'" ? ? ? 1_555 B LCC 3  P  ? ? B LCC 2  B LCC 3  1_555 ? ? ? ? ? ? ?            1.701 ? ? 
covale6  covale both ? B LCC 3  "O3'" ? ? ? 1_555 B G   4  P  ? ? B LCC 3  B G   4  1_555 ? ? ? ? ? ? ?            1.707 ? ? 
covale7  covale both ? C LCC 1  "O3'" ? ? ? 1_555 C LCC 2  P  ? ? C LCC 1  C LCC 2  1_555 ? ? ? ? ? ? ?            1.703 ? ? 
covale8  covale both ? C LCC 2  "O3'" ? ? ? 1_555 C LCC 3  P  ? ? C LCC 2  C LCC 3  1_555 ? ? ? ? ? ? ?            1.690 ? ? 
covale9  covale both ? C LCC 3  "O3'" ? ? ? 1_555 C G   4  P  ? ? C LCC 3  C G   4  1_555 ? ? ? ? ? ? ?            1.643 ? ? 
covale10 covale both ? D LCC 1  "O3'" ? ? ? 1_555 D LCC 2  P  ? ? D LCC 1  D LCC 2  1_555 ? ? ? ? ? ? ?            1.696 ? ? 
covale11 covale both ? D LCC 2  "O3'" ? ? ? 1_555 D LCC 3  P  ? ? D LCC 2  D LCC 3  1_555 ? ? ? ? ? ? ?            1.616 ? ? 
covale12 covale both ? D LCC 3  "O3'" ? ? ? 1_555 D G   4  P  ? ? D LCC 3  D G   4  1_555 ? ? ? ? ? ? ?            1.574 ? ? 
hydrog1  hydrog ?    ? A G   4  N1    ? ? ? 1_555 B C   13 N3 ? ? A G   4  B C   13 1_555 ? ? ? ? ? ? WATSON-CRICK ?     ? ? 
hydrog2  hydrog ?    ? A G   4  N2    ? ? ? 1_555 B C   13 O2 ? ? A G   4  B C   13 1_555 ? ? ? ? ? ? WATSON-CRICK ?     ? ? 
hydrog3  hydrog ?    ? A G   4  O6    ? ? ? 1_555 B C   13 N4 ? ? A G   4  B C   13 1_555 ? ? ? ? ? ? WATSON-CRICK ?     ? ? 
hydrog4  hydrog ?    ? A A   5  N1    ? ? ? 1_555 B U   12 N3 ? ? A A   5  B U   12 1_555 ? ? ? ? ? ? WATSON-CRICK ?     ? ? 
hydrog5  hydrog ?    ? A A   5  N6    ? ? ? 1_555 B U   12 O4 ? ? A A   5  B U   12 1_555 ? ? ? ? ? ? WATSON-CRICK ?     ? ? 
hydrog6  hydrog ?    ? A C   6  N3    ? ? ? 1_555 B G   11 N1 ? ? A C   6  B G   11 1_555 ? ? ? ? ? ? WATSON-CRICK ?     ? ? 
hydrog7  hydrog ?    ? A C   6  N4    ? ? ? 1_555 B G   11 O6 ? ? A C   6  B G   11 1_555 ? ? ? ? ? ? WATSON-CRICK ?     ? ? 
hydrog8  hydrog ?    ? A C   6  O2    ? ? ? 1_555 B G   11 N2 ? ? A C   6  B G   11 1_555 ? ? ? ? ? ? WATSON-CRICK ?     ? ? 
hydrog9  hydrog ?    ? A U   7  N3    ? ? ? 1_555 B A   10 N1 ? ? A U   7  B A   10 1_555 ? ? ? ? ? ? WATSON-CRICK ?     ? ? 
hydrog10 hydrog ?    ? A U   7  O4    ? ? ? 1_555 B A   10 N6 ? ? A U   7  B A   10 1_555 ? ? ? ? ? ? WATSON-CRICK ?     ? ? 
hydrog11 hydrog ?    ? A U   8  N3    ? ? ? 1_555 B A   9  N1 ? ? A U   8  B A   9  1_555 ? ? ? ? ? ? WATSON-CRICK ?     ? ? 
hydrog12 hydrog ?    ? A U   8  O4    ? ? ? 1_555 B A   9  N6 ? ? A U   8  B A   9  1_555 ? ? ? ? ? ? WATSON-CRICK ?     ? ? 
hydrog13 hydrog ?    ? A A   9  N1    ? ? ? 1_555 B U   8  N3 ? ? A A   9  B U   8  1_555 ? ? ? ? ? ? WATSON-CRICK ?     ? ? 
hydrog14 hydrog ?    ? A A   9  N6    ? ? ? 1_555 B U   8  O4 ? ? A A   9  B U   8  1_555 ? ? ? ? ? ? WATSON-CRICK ?     ? ? 
hydrog15 hydrog ?    ? A A   10 N1    ? ? ? 1_555 B U   7  N3 ? ? A A   10 B U   7  1_555 ? ? ? ? ? ? WATSON-CRICK ?     ? ? 
hydrog16 hydrog ?    ? A A   10 N6    ? ? ? 1_555 B U   7  O4 ? ? A A   10 B U   7  1_555 ? ? ? ? ? ? WATSON-CRICK ?     ? ? 
hydrog17 hydrog ?    ? A G   11 N1    ? ? ? 1_555 B C   6  N3 ? ? A G   11 B C   6  1_555 ? ? ? ? ? ? WATSON-CRICK ?     ? ? 
hydrog18 hydrog ?    ? A G   11 N2    ? ? ? 1_555 B C   6  O2 ? ? A G   11 B C   6  1_555 ? ? ? ? ? ? WATSON-CRICK ?     ? ? 
hydrog19 hydrog ?    ? A G   11 O6    ? ? ? 1_555 B C   6  N4 ? ? A G   11 B C   6  1_555 ? ? ? ? ? ? WATSON-CRICK ?     ? ? 
hydrog20 hydrog ?    ? A U   12 N3    ? ? ? 1_555 B A   5  N1 ? ? A U   12 B A   5  1_555 ? ? ? ? ? ? WATSON-CRICK ?     ? ? 
hydrog21 hydrog ?    ? A U   12 O4    ? ? ? 1_555 B A   5  N6 ? ? A U   12 B A   5  1_555 ? ? ? ? ? ? WATSON-CRICK ?     ? ? 
hydrog22 hydrog ?    ? A C   13 N3    ? ? ? 1_555 B G   4  N1 ? ? A C   13 B G   4  1_555 ? ? ? ? ? ? WATSON-CRICK ?     ? ? 
hydrog23 hydrog ?    ? A C   13 N4    ? ? ? 1_555 B G   4  O6 ? ? A C   13 B G   4  1_555 ? ? ? ? ? ? WATSON-CRICK ?     ? ? 
hydrog24 hydrog ?    ? A C   13 O2    ? ? ? 1_555 B G   4  N2 ? ? A C   13 B G   4  1_555 ? ? ? ? ? ? WATSON-CRICK ?     ? ? 
hydrog25 hydrog ?    ? C G   4  N1    ? ? ? 1_555 D C   13 N3 ? ? C G   4  D C   13 1_555 ? ? ? ? ? ? WATSON-CRICK ?     ? ? 
hydrog26 hydrog ?    ? C G   4  N2    ? ? ? 1_555 D C   13 O2 ? ? C G   4  D C   13 1_555 ? ? ? ? ? ? WATSON-CRICK ?     ? ? 
hydrog27 hydrog ?    ? C G   4  O6    ? ? ? 1_555 D C   13 N4 ? ? C G   4  D C   13 1_555 ? ? ? ? ? ? WATSON-CRICK ?     ? ? 
hydrog28 hydrog ?    ? C A   5  N1    ? ? ? 1_555 D U   12 N3 ? ? C A   5  D U   12 1_555 ? ? ? ? ? ? WATSON-CRICK ?     ? ? 
hydrog29 hydrog ?    ? C A   5  N6    ? ? ? 1_555 D U   12 O4 ? ? C A   5  D U   12 1_555 ? ? ? ? ? ? WATSON-CRICK ?     ? ? 
hydrog30 hydrog ?    ? C C   6  N3    ? ? ? 1_555 D G   11 N1 ? ? C C   6  D G   11 1_555 ? ? ? ? ? ? WATSON-CRICK ?     ? ? 
hydrog31 hydrog ?    ? C C   6  N4    ? ? ? 1_555 D G   11 O6 ? ? C C   6  D G   11 1_555 ? ? ? ? ? ? WATSON-CRICK ?     ? ? 
hydrog32 hydrog ?    ? C C   6  O2    ? ? ? 1_555 D G   11 N2 ? ? C C   6  D G   11 1_555 ? ? ? ? ? ? WATSON-CRICK ?     ? ? 
hydrog33 hydrog ?    ? C U   7  N3    ? ? ? 1_555 D A   10 N1 ? ? C U   7  D A   10 1_555 ? ? ? ? ? ? WATSON-CRICK ?     ? ? 
hydrog34 hydrog ?    ? C U   7  O4    ? ? ? 1_555 D A   10 N6 ? ? C U   7  D A   10 1_555 ? ? ? ? ? ? WATSON-CRICK ?     ? ? 
hydrog35 hydrog ?    ? C U   8  N3    ? ? ? 1_555 D A   9  N1 ? ? C U   8  D A   9  1_555 ? ? ? ? ? ? WATSON-CRICK ?     ? ? 
hydrog36 hydrog ?    ? C U   8  O4    ? ? ? 1_555 D A   9  N6 ? ? C U   8  D A   9  1_555 ? ? ? ? ? ? WATSON-CRICK ?     ? ? 
hydrog37 hydrog ?    ? C A   9  N1    ? ? ? 1_555 D U   8  N3 ? ? C A   9  D U   8  1_555 ? ? ? ? ? ? WATSON-CRICK ?     ? ? 
hydrog38 hydrog ?    ? C A   9  N6    ? ? ? 1_555 D U   8  O4 ? ? C A   9  D U   8  1_555 ? ? ? ? ? ? WATSON-CRICK ?     ? ? 
hydrog39 hydrog ?    ? C A   10 N1    ? ? ? 1_555 D U   7  N3 ? ? C A   10 D U   7  1_555 ? ? ? ? ? ? WATSON-CRICK ?     ? ? 
hydrog40 hydrog ?    ? C A   10 N6    ? ? ? 1_555 D U   7  O4 ? ? C A   10 D U   7  1_555 ? ? ? ? ? ? WATSON-CRICK ?     ? ? 
hydrog41 hydrog ?    ? C G   11 N1    ? ? ? 1_555 D C   6  N3 ? ? C G   11 D C   6  1_555 ? ? ? ? ? ? WATSON-CRICK ?     ? ? 
hydrog42 hydrog ?    ? C G   11 N2    ? ? ? 1_555 D C   6  O2 ? ? C G   11 D C   6  1_555 ? ? ? ? ? ? WATSON-CRICK ?     ? ? 
hydrog43 hydrog ?    ? C G   11 O6    ? ? ? 1_555 D C   6  N4 ? ? C G   11 D C   6  1_555 ? ? ? ? ? ? WATSON-CRICK ?     ? ? 
hydrog44 hydrog ?    ? C U   12 N3    ? ? ? 1_555 D A   5  N1 ? ? C U   12 D A   5  1_555 ? ? ? ? ? ? WATSON-CRICK ?     ? ? 
hydrog45 hydrog ?    ? C U   12 O4    ? ? ? 1_555 D A   5  N6 ? ? C U   12 D A   5  1_555 ? ? ? ? ? ? WATSON-CRICK ?     ? ? 
hydrog46 hydrog ?    ? C C   13 N3    ? ? ? 1_555 D G   4  N1 ? ? C C   13 D G   4  1_555 ? ? ? ? ? ? WATSON-CRICK ?     ? ? 
hydrog47 hydrog ?    ? C C   13 N4    ? ? ? 1_555 D G   4  O6 ? ? C C   13 D G   4  1_555 ? ? ? ? ? ? WATSON-CRICK ?     ? ? 
hydrog48 hydrog ?    ? C C   13 O2    ? ? ? 1_555 D G   4  N2 ? ? C C   13 D G   4  1_555 ? ? ? ? ? ? WATSON-CRICK ?     ? ? 
# 
loop_
_struct_conn_type.id 
_struct_conn_type.criteria 
_struct_conn_type.reference 
covale ? ? 
hydrog ? ? 
# 
loop_
_struct_site.id 
_struct_site.pdbx_evidence_code 
_struct_site.pdbx_auth_asym_id 
_struct_site.pdbx_auth_comp_id 
_struct_site.pdbx_auth_seq_id 
_struct_site.pdbx_auth_ins_code 
_struct_site.pdbx_num_residues 
_struct_site.details 
AC1 Software A 86P 101 ? 6 'binding site for residue 86P A 101' 
AC2 Software B 86P 101 ? 6 'binding site for residue 86P B 101' 
AC3 Software C 86P 101 ? 6 'binding site for residue 86P C 101' 
AC4 Software D 86P 101 ? 6 'binding site for residue 86P D 101' 
# 
loop_
_struct_site_gen.id 
_struct_site_gen.site_id 
_struct_site_gen.pdbx_num_res 
_struct_site_gen.label_comp_id 
_struct_site_gen.label_asym_id 
_struct_site_gen.label_seq_id 
_struct_site_gen.pdbx_auth_ins_code 
_struct_site_gen.auth_comp_id 
_struct_site_gen.auth_asym_id 
_struct_site_gen.auth_seq_id 
_struct_site_gen.label_atom_id 
_struct_site_gen.label_alt_id 
_struct_site_gen.symmetry 
_struct_site_gen.details 
1  AC1 6 LCC A 1  ? LCC A 1  . ? 1_555 ? 
2  AC1 6 LCC A 2  ? LCC A 2  . ? 1_555 ? 
3  AC1 6 LCC A 3  ? LCC A 3  . ? 1_555 ? 
4  AC1 6 G   B 14 ? G   B 14 . ? 3_655 ? 
5  AC1 6 G   B 14 ? G   B 14 . ? 1_555 ? 
6  AC1 6 LCC D 1  ? LCC D 1  . ? 2_656 ? 
7  AC2 6 G   A 14 ? G   A 14 . ? 1_555 ? 
8  AC2 6 G   A 14 ? G   A 14 . ? 2_545 ? 
9  AC2 6 LCC B 1  ? LCC B 1  . ? 1_555 ? 
10 AC2 6 LCC B 2  ? LCC B 2  . ? 1_555 ? 
11 AC2 6 LCC B 3  ? LCC B 3  . ? 1_555 ? 
12 AC2 6 LCC C 1  ? LCC C 1  . ? 1_555 ? 
13 AC3 6 LCC B 1  ? LCC B 1  . ? 1_555 ? 
14 AC3 6 LCC C 1  ? LCC C 1  . ? 1_555 ? 
15 AC3 6 LCC C 2  ? LCC C 2  . ? 1_555 ? 
16 AC3 6 LCC C 3  ? LCC C 3  . ? 1_555 ? 
17 AC3 6 G   D 14 ? G   D 14 . ? 1_555 ? 
18 AC3 6 G   D 14 ? G   D 14 . ? 3_555 ? 
19 AC4 6 LCC A 1  ? LCC A 1  . ? 3_664 ? 
20 AC4 6 G   C 14 ? G   C 14 . ? 1_555 ? 
21 AC4 6 G   C 14 ? G   C 14 . ? 2_555 ? 
22 AC4 6 LCC D 1  ? LCC D 1  . ? 1_555 ? 
23 AC4 6 LCC D 2  ? LCC D 2  . ? 1_555 ? 
24 AC4 6 LCC D 3  ? LCC D 3  . ? 1_555 ? 
# 
_atom_sites.entry_id                    5UEG 
_atom_sites.fract_transf_matrix[1][1]   -0.01947672 
_atom_sites.fract_transf_matrix[1][2]   0.01180240 
_atom_sites.fract_transf_matrix[1][3]   0.00708194 
_atom_sites.fract_transf_matrix[2][1]   -0.02060043 
_atom_sites.fract_transf_matrix[2][2]   -0.00289910 
_atom_sites.fract_transf_matrix[2][3]   -0.01166363 
_atom_sites.fract_transf_matrix[3][1]   -0.00290086 
_atom_sites.fract_transf_matrix[3][2]   -0.00923945 
_atom_sites.fract_transf_matrix[3][3]   0.00742008 
_atom_sites.fract_transf_vector[1]      0.354394 
_atom_sites.fract_transf_vector[2]      0.020292 
_atom_sites.fract_transf_vector[3]      0.506131 
# 
loop_
_atom_type.symbol 
C 
N 
O 
P 
# 
loop_
_atom_site.group_PDB 
_atom_site.id 
_atom_site.type_symbol 
_atom_site.label_atom_id 
_atom_site.label_alt_id 
_atom_site.label_comp_id 
_atom_site.label_asym_id 
_atom_site.label_entity_id 
_atom_site.label_seq_id 
_atom_site.pdbx_PDB_ins_code 
_atom_site.Cartn_x 
_atom_site.Cartn_y 
_atom_site.Cartn_z 
_atom_site.occupancy 
_atom_site.B_iso_or_equiv 
_atom_site.pdbx_formal_charge 
_atom_site.auth_seq_id 
_atom_site.auth_comp_id 
_atom_site.auth_asym_id 
_atom_site.auth_atom_id 
_atom_site.pdbx_PDB_model_num 
HETATM 1    O "O5'" . LCC A 1 1  ? -18.221 -14.716 34.935  1.00 102.75 ? 1   LCC A "O5'" 1 
HETATM 2    C "C5'" . LCC A 1 1  ? -18.118 -14.383 36.333  1.00 89.70  ? 1   LCC A "C5'" 1 
HETATM 3    C "C4'" . LCC A 1 1  ? -16.895 -15.166 36.776  1.00 86.91  ? 1   LCC A "C4'" 1 
HETATM 4    O "O4'" . LCC A 1 1  ? -17.020 -16.581 36.751  1.00 93.80  ? 1   LCC A "O4'" 1 
HETATM 5    C "C1'" . LCC A 1 1  ? -15.644 -17.057 36.824  1.00 83.23  ? 1   LCC A "C1'" 1 
HETATM 6    N N1    . LCC A 1 1  ? -15.386 -18.074 35.770  1.00 82.35  ? 1   LCC A N1    1 
HETATM 7    C C6    . LCC A 1 1  ? -16.360 -18.374 34.797  1.00 80.06  ? 1   LCC A C6    1 
HETATM 8    C C5    . LCC A 1 1  ? -16.100 -19.377 33.864  1.00 90.06  ? 1   LCC A C5    1 
HETATM 9    C C5M   . LCC A 1 1  ? -17.047 -19.692 32.858  1.00 92.10  ? 1   LCC A C5M   1 
HETATM 10   C C4    . LCC A 1 1  ? -14.862 -20.044 33.951  1.00 92.60  ? 1   LCC A C4    1 
HETATM 11   N N4    . LCC A 1 1  ? -14.610 -20.989 33.045  1.00 104.30 ? 1   LCC A N4    1 
HETATM 12   N N3    . LCC A 1 1  ? -13.955 -19.737 34.895  1.00 79.16  ? 1   LCC A N3    1 
HETATM 13   C C2    . LCC A 1 1  ? -14.228 -18.775 35.796  1.00 83.08  ? 1   LCC A C2    1 
HETATM 14   O O2    . LCC A 1 1  ? -13.385 -18.522 36.649  1.00 79.37  ? 1   LCC A O2    1 
HETATM 15   C "C3'" . LCC A 1 1  ? -15.770 -15.039 35.907  1.00 87.26  ? 1   LCC A "C3'" 1 
HETATM 16   C "C2'" . LCC A 1 1  ? -14.847 -15.789 36.733  1.00 84.26  ? 1   LCC A "C2'" 1 
HETATM 17   O "O2'" . LCC A 1 1  ? -14.920 -15.002 37.990  1.00 73.14  ? 1   LCC A "O2'" 1 
HETATM 18   O "O3'" . LCC A 1 1  ? -15.425 -13.745 35.868  1.00 92.47  ? 1   LCC A "O3'" 1 
HETATM 19   C "C6'" . LCC A 1 1  ? -16.361 -14.672 38.167  1.00 79.77  ? 1   LCC A "C6'" 1 
HETATM 20   O "O5'" . LCC A 1 2  ? -13.267 -13.405 35.002  1.00 69.95  ? 2   LCC A "O5'" 1 
HETATM 21   C "C5'" . LCC A 1 2  ? -12.559 -12.717 36.052  1.00 75.81  ? 2   LCC A "C5'" 1 
HETATM 22   C "C4'" . LCC A 1 2  ? -11.265 -13.482 36.195  1.00 76.24  ? 2   LCC A "C4'" 1 
HETATM 23   O "O4'" . LCC A 1 2  ? -11.533 -14.853 36.198  1.00 71.88  ? 2   LCC A "O4'" 1 
HETATM 24   C "C1'" . LCC A 1 2  ? -10.249 -15.457 36.002  1.00 72.02  ? 2   LCC A "C1'" 1 
HETATM 25   N N1    . LCC A 1 2  ? -10.425 -16.480 34.941  1.00 74.12  ? 2   LCC A N1    1 
HETATM 26   C C6    . LCC A 1 2  ? -11.625 -16.555 34.196  1.00 72.65  ? 2   LCC A C6    1 
HETATM 27   C C5    . LCC A 1 2  ? -11.784 -17.571 33.265  1.00 73.03  ? 2   LCC A C5    1 
HETATM 28   C C5M   . LCC A 1 2  ? -12.967 -17.623 32.505  1.00 78.47  ? 2   LCC A C5M   1 
HETATM 29   C C4    . LCC A 1 2  ? -10.737 -18.478 33.125  1.00 72.61  ? 2   LCC A C4    1 
HETATM 30   N N4    . LCC A 1 2  ? -10.860 -19.422 32.222  1.00 79.50  ? 2   LCC A N4    1 
HETATM 31   N N3    . LCC A 1 2  ? -9.610  -18.399 33.842  1.00 71.00  ? 2   LCC A N3    1 
HETATM 32   C C2    . LCC A 1 2  ? -9.464  -17.418 34.746  1.00 78.92  ? 2   LCC A C2    1 
HETATM 33   O O2    . LCC A 1 2  ? -8.409  -17.402 35.385  1.00 85.75  ? 2   LCC A O2    1 
HETATM 34   C "C3'" . LCC A 1 2  ? -10.375 -13.425 35.065  1.00 74.86  ? 2   LCC A "C3'" 1 
HETATM 35   C "C2'" . LCC A 1 2  ? -9.370  -14.306 35.719  1.00 74.35  ? 2   LCC A "C2'" 1 
HETATM 36   O "O2'" . LCC A 1 2  ? -9.064  -13.592 36.989  1.00 75.34  ? 2   LCC A "O2'" 1 
HETATM 37   O "O3'" . LCC A 1 2  ? -9.873  -12.112 34.829  1.00 74.06  ? 2   LCC A "O3'" 1 
HETATM 38   C "C6'" . LCC A 1 2  ? -10.380 -13.048 37.448  1.00 77.37  ? 2   LCC A "C6'" 1 
HETATM 39   P P     . LCC A 1 2  ? -14.775 -12.873 34.568  1.00 85.17  ? 2   LCC A P     1 
HETATM 40   O O1P   . LCC A 1 2  ? -15.078 -13.686 33.255  1.00 68.16  ? 2   LCC A O1P   1 
HETATM 41   O O2P   . LCC A 1 2  ? -14.395 -11.291 34.082  1.00 94.68  ? 2   LCC A O2P   1 
HETATM 42   O "O5'" . LCC A 1 3  ? -8.126  -12.887 33.529  1.00 82.09  ? 3   LCC A "O5'" 1 
HETATM 43   C "C5'" . LCC A 1 3  ? -7.003  -12.329 34.257  1.00 68.64  ? 3   LCC A "C5'" 1 
HETATM 44   C "C4'" . LCC A 1 3  ? -5.853  -13.319 34.033  1.00 67.11  ? 3   LCC A "C4'" 1 
HETATM 45   O "O4'" . LCC A 1 3  ? -6.269  -14.674 33.996  1.00 64.25  ? 3   LCC A "O4'" 1 
HETATM 46   C "C1'" . LCC A 1 3  ? -5.237  -15.398 33.380  1.00 58.90  ? 3   LCC A "C1'" 1 
HETATM 47   N N1    . LCC A 1 3  ? -6.004  -16.154 32.406  1.00 57.79  ? 3   LCC A N1    1 
HETATM 48   C C6    . LCC A 1 3  ? -7.336  -15.841 32.100  1.00 58.40  ? 3   LCC A C6    1 
HETATM 49   C C5    . LCC A 1 3  ? -8.013  -16.691 31.242  1.00 67.84  ? 3   LCC A C5    1 
HETATM 50   C C5M   . LCC A 1 3  ? -9.310  -16.359 30.896  1.00 72.77  ? 3   LCC A C5M   1 
HETATM 51   C C4    . LCC A 1 3  ? -7.370  -17.843 30.744  1.00 72.74  ? 3   LCC A C4    1 
HETATM 52   N N4    . LCC A 1 3  ? -8.050  -18.642 29.925  1.00 71.82  ? 3   LCC A N4    1 
HETATM 53   N N3    . LCC A 1 3  ? -6.106  -18.134 31.089  1.00 70.09  ? 3   LCC A N3    1 
HETATM 54   C C2    . LCC A 1 3  ? -5.458  -17.293 31.924  1.00 66.37  ? 3   LCC A C2    1 
HETATM 55   O O2    . LCC A 1 3  ? -4.305  -17.592 32.210  1.00 65.11  ? 3   LCC A O2    1 
HETATM 56   C "C3'" . LCC A 1 3  ? -5.228  -13.242 32.762  1.00 69.70  ? 3   LCC A "C3'" 1 
HETATM 57   C "C2'" . LCC A 1 3  ? -4.309  -14.385 32.993  1.00 65.44  ? 3   LCC A "C2'" 1 
HETATM 58   O "O2'" . LCC A 1 3  ? -3.640  -13.972 34.246  1.00 65.93  ? 3   LCC A "O2'" 1 
HETATM 59   O "O3'" . LCC A 1 3  ? -4.549  -12.054 32.340  1.00 72.95  ? 3   LCC A "O3'" 1 
HETATM 60   C "C6'" . LCC A 1 3  ? -4.656  -13.181 35.022  1.00 66.52  ? 3   LCC A "C6'" 1 
HETATM 61   P P     . LCC A 1 3  ? -9.299  -11.780 33.421  1.00 86.59  ? 3   LCC A P     1 
HETATM 62   O O1P   . LCC A 1 3  ? -9.514  -12.579 32.083  1.00 109.19 ? 3   LCC A O1P   1 
HETATM 63   O O2P   . LCC A 1 3  ? -8.969  -10.279 33.562  1.00 78.03  ? 3   LCC A O2P   1 
ATOM   64   P P     . G   A 1 4  ? -4.465  -11.702 30.676  1.00 69.89  ? 4   G   A P     1 
ATOM   65   O OP1   . G   A 1 4  ? -3.919  -10.390 31.115  1.00 62.28  ? 4   G   A OP1   1 
ATOM   66   O OP2   . G   A 1 4  ? -5.772  -11.847 29.957  1.00 70.05  ? 4   G   A OP2   1 
ATOM   67   O "O5'" . G   A 1 4  ? -3.298  -12.583 30.066  1.00 66.48  ? 4   G   A "O5'" 1 
ATOM   68   C "C5'" . G   A 1 4  ? -2.004  -12.612 30.674  1.00 67.41  ? 4   G   A "C5'" 1 
ATOM   69   C "C4'" . G   A 1 4  ? -1.155  -13.609 29.936  1.00 71.24  ? 4   G   A "C4'" 1 
ATOM   70   O "O4'" . G   A 1 4  ? -1.568  -14.969 30.290  1.00 72.53  ? 4   G   A "O4'" 1 
ATOM   71   C "C3'" . G   A 1 4  ? -1.338  -13.625 28.432  1.00 72.19  ? 4   G   A "C3'" 1 
ATOM   72   O "O3'" . G   A 1 4  ? -0.742  -12.557 27.724  1.00 72.11  ? 4   G   A "O3'" 1 
ATOM   73   C "C2'" . G   A 1 4  ? -0.728  -14.970 28.133  1.00 74.36  ? 4   G   A "C2'" 1 
ATOM   74   O "O2'" . G   A 1 4  ? 0.591   -14.901 28.610  1.00 77.50  ? 4   G   A "O2'" 1 
ATOM   75   C "C1'" . G   A 1 4  ? -1.451  -15.826 29.155  1.00 68.94  ? 4   G   A "C1'" 1 
ATOM   76   N N9    . G   A 1 4  ? -2.781  -16.286 28.735  1.00 67.81  ? 4   G   A N9    1 
ATOM   77   C C8    . G   A 1 4  ? -3.992  -15.700 29.019  1.00 71.36  ? 4   G   A C8    1 
ATOM   78   N N7    . G   A 1 4  ? -5.007  -16.352 28.515  1.00 74.15  ? 4   G   A N7    1 
ATOM   79   C C5    . G   A 1 4  ? -4.435  -17.432 27.861  1.00 75.25  ? 4   G   A C5    1 
ATOM   80   C C6    . G   A 1 4  ? -5.040  -18.488 27.130  1.00 83.28  ? 4   G   A C6    1 
ATOM   81   O O6    . G   A 1 4  ? -6.242  -18.686 26.911  1.00 84.66  ? 4   G   A O6    1 
ATOM   82   N N1    . G   A 1 4  ? -4.092  -19.371 26.625  1.00 82.51  ? 4   G   A N1    1 
ATOM   83   C C2    . G   A 1 4  ? -2.733  -19.252 26.797  1.00 88.15  ? 4   G   A C2    1 
ATOM   84   N N2    . G   A 1 4  ? -1.978  -20.211 26.233  1.00 87.39  ? 4   G   A N2    1 
ATOM   85   N N3    . G   A 1 4  ? -2.155  -18.270 27.475  1.00 84.70  ? 4   G   A N3    1 
ATOM   86   C C4    . G   A 1 4  ? -3.061  -17.403 27.979  1.00 72.52  ? 4   G   A C4    1 
ATOM   87   P P     . A   A 1 5  ? -1.322  -12.091 26.291  1.00 73.90  ? 5   A   A P     1 
ATOM   88   O OP1   . A   A 1 5  ? -0.837  -10.725 26.068  1.00 72.31  ? 5   A   A OP1   1 
ATOM   89   O OP2   . A   A 1 5  ? -2.773  -12.385 26.225  1.00 73.92  ? 5   A   A OP2   1 
ATOM   90   O "O5'" . A   A 1 5  ? -0.710  -13.113 25.237  1.00 63.06  ? 5   A   A "O5'" 1 
ATOM   91   C "C5'" . A   A 1 5  ? 0.657   -13.538 25.284  1.00 61.04  ? 5   A   A "C5'" 1 
ATOM   92   C "C4'" . A   A 1 5  ? 0.869   -14.786 24.454  1.00 65.91  ? 5   A   A "C4'" 1 
ATOM   93   O "O4'" . A   A 1 5  ? 0.198   -15.912 25.076  1.00 67.73  ? 5   A   A "O4'" 1 
ATOM   94   C "C3'" . A   A 1 5  ? 0.345   -14.796 23.016  1.00 68.80  ? 5   A   A "C3'" 1 
ATOM   95   O "O3'" . A   A 1 5  ? 1.213   -14.143 22.093  1.00 69.56  ? 5   A   A "O3'" 1 
ATOM   96   C "C2'" . A   A 1 5  ? 0.293   -16.290 22.753  1.00 72.35  ? 5   A   A "C2'" 1 
ATOM   97   O "O2'" . A   A 1 5  ? 1.568   -16.872 22.568  1.00 69.14  ? 5   A   A "O2'" 1 
ATOM   98   C "C1'" . A   A 1 5  ? -0.312  -16.774 24.065  1.00 73.30  ? 5   A   A "C1'" 1 
ATOM   99   N N9    . A   A 1 5  ? -1.779  -16.749 24.107  1.00 72.76  ? 5   A   A N9    1 
ATOM   100  C C8    . A   A 1 5  ? -2.609  -15.841 24.719  1.00 72.53  ? 5   A   A C8    1 
ATOM   101  N N7    . A   A 1 5  ? -3.883  -16.129 24.610  1.00 70.61  ? 5   A   A N7    1 
ATOM   102  C C5    . A   A 1 5  ? -3.895  -17.304 23.872  1.00 74.32  ? 5   A   A C5    1 
ATOM   103  C C6    . A   A 1 5  ? -4.942  -18.125 23.427  1.00 81.85  ? 5   A   A C6    1 
ATOM   104  N N6    . A   A 1 5  ? -6.229  -17.862 23.651  1.00 86.04  ? 5   A   A N6    1 
ATOM   105  N N1    . A   A 1 5  ? -4.618  -19.236 22.727  1.00 88.30  ? 5   A   A N1    1 
ATOM   106  C C2    . A   A 1 5  ? -3.320  -19.492 22.497  1.00 90.17  ? 5   A   A C2    1 
ATOM   107  N N3    . A   A 1 5  ? -2.244  -18.794 22.865  1.00 75.49  ? 5   A   A N3    1 
ATOM   108  C C4    . A   A 1 5  ? -2.606  -17.700 23.559  1.00 75.06  ? 5   A   A C4    1 
ATOM   109  P P     . C   A 1 6  ? 0.653   -13.492 20.719  1.00 72.11  ? 6   C   A P     1 
ATOM   110  O OP1   . C   A 1 6  ? 1.801   -12.837 20.040  1.00 76.03  ? 6   C   A OP1   1 
ATOM   111  O OP2   . C   A 1 6  ? -0.593  -12.725 20.981  1.00 55.65  ? 6   C   A OP2   1 
ATOM   112  O "O5'" . C   A 1 6  ? 0.257   -14.764 19.851  1.00 74.91  ? 6   C   A "O5'" 1 
ATOM   113  C "C5'" . C   A 1 6  ? 1.257   -15.666 19.355  1.00 80.45  ? 6   C   A "C5'" 1 
ATOM   114  C "C4'" . C   A 1 6  ? 0.572   -16.832 18.694  1.00 89.64  ? 6   C   A "C4'" 1 
ATOM   115  O "O4'" . C   A 1 6  ? -0.321  -17.462 19.650  1.00 86.72  ? 6   C   A "O4'" 1 
ATOM   116  C "C3'" . C   A 1 6  ? -0.339  -16.477 17.527  1.00 90.59  ? 6   C   A "C3'" 1 
ATOM   117  O "O3'" . C   A 1 6  ? 0.396   -16.321 16.323  1.00 89.24  ? 6   C   A "O3'" 1 
ATOM   118  C "C2'" . C   A 1 6  ? -1.267  -17.676 17.494  1.00 89.51  ? 6   C   A "C2'" 1 
ATOM   119  O "O2'" . C   A 1 6  ? -0.621  -18.790 16.900  1.00 84.48  ? 6   C   A "O2'" 1 
ATOM   120  C "C1'" . C   A 1 6  ? -1.500  -17.893 18.987  1.00 83.95  ? 6   C   A "C1'" 1 
ATOM   121  N N1    . C   A 1 6  ? -2.656  -17.207 19.590  1.00 72.53  ? 6   C   A N1    1 
ATOM   122  C C2    . C   A 1 6  ? -3.935  -17.744 19.407  1.00 81.89  ? 6   C   A C2    1 
ATOM   123  O O2    . C   A 1 6  ? -4.076  -18.720 18.659  1.00 96.06  ? 6   C   A O2    1 
ATOM   124  N N3    . C   A 1 6  ? -4.993  -17.163 20.021  1.00 78.04  ? 6   C   A N3    1 
ATOM   125  C C4    . C   A 1 6  ? -4.802  -16.109 20.816  1.00 68.03  ? 6   C   A C4    1 
ATOM   126  N N4    . C   A 1 6  ? -5.868  -15.562 21.394  1.00 71.62  ? 6   C   A N4    1 
ATOM   127  C C5    . C   A 1 6  ? -3.507  -15.568 21.051  1.00 73.85  ? 6   C   A C5    1 
ATOM   128  C C6    . C   A 1 6  ? -2.472  -16.145 20.431  1.00 72.19  ? 6   C   A C6    1 
ATOM   129  P P     . U   A 1 7  ? -0.187  -15.411 15.139  1.00 86.89  ? 7   U   A P     1 
ATOM   130  O OP1   . U   A 1 7  ? 0.904   -15.290 14.136  1.00 88.22  ? 7   U   A OP1   1 
ATOM   131  O OP2   . U   A 1 7  ? -0.781  -14.181 15.713  1.00 72.45  ? 7   U   A OP2   1 
ATOM   132  O "O5'" . U   A 1 7  ? -1.481  -16.216 14.661  1.00 82.96  ? 7   U   A "O5'" 1 
ATOM   133  C "C5'" . U   A 1 7  ? -1.371  -17.462 13.945  1.00 88.93  ? 7   U   A "C5'" 1 
ATOM   134  C "C4'" . U   A 1 7  ? -2.744  -18.030 13.702  1.00 95.29  ? 7   U   A "C4'" 1 
ATOM   135  O "O4'" . U   A 1 7  ? -3.410  -18.245 14.968  1.00 90.97  ? 7   U   A "O4'" 1 
ATOM   136  C "C3'" . U   A 1 7  ? -3.711  -17.133 12.943  1.00 102.98 ? 7   U   A "C3'" 1 
ATOM   137  O "O3'" . U   A 1 7  ? -3.515  -17.262 11.548  1.00 106.28 ? 7   U   A "O3'" 1 
ATOM   138  C "C2'" . U   A 1 7  ? -5.060  -17.715 13.334  1.00 100.76 ? 7   U   A "C2'" 1 
ATOM   139  O "O2'" . U   A 1 7  ? -5.456  -18.817 12.545  1.00 112.77 ? 7   U   A "O2'" 1 
ATOM   140  C "C1'" . U   A 1 7  ? -4.809  -18.116 14.787  1.00 90.83  ? 7   U   A "C1'" 1 
ATOM   141  N N1    . U   A 1 7  ? -5.317  -17.138 15.755  1.00 82.81  ? 7   U   A N1    1 
ATOM   142  C C2    . U   A 1 7  ? -6.683  -17.112 15.971  1.00 87.35  ? 7   U   A C2    1 
ATOM   143  O O2    . U   A 1 7  ? -7.458  -17.842 15.386  1.00 101.28 ? 7   U   A O2    1 
ATOM   144  N N3    . U   A 1 7  ? -7.105  -16.202 16.906  1.00 87.78  ? 7   U   A N3    1 
ATOM   145  C C4    . U   A 1 7  ? -6.322  -15.323 17.622  1.00 96.38  ? 7   U   A C4    1 
ATOM   146  O O4    . U   A 1 7  ? -6.851  -14.557 18.424  1.00 91.42  ? 7   U   A O4    1 
ATOM   147  C C5    . U   A 1 7  ? -4.919  -15.402 17.336  1.00 98.93  ? 7   U   A C5    1 
ATOM   148  C C6    . U   A 1 7  ? -4.477  -16.286 16.433  1.00 87.48  ? 7   U   A C6    1 
ATOM   149  P P     . U   A 1 8  ? -3.440  -15.986 10.604  1.00 112.25 ? 8   U   A P     1 
ATOM   150  O OP1   . U   A 1 8  ? -2.332  -16.253 9.635   1.00 91.37  ? 8   U   A OP1   1 
ATOM   151  O OP2   . U   A 1 8  ? -3.444  -14.753 11.436  1.00 98.35  ? 8   U   A OP2   1 
ATOM   152  O "O5'" . U   A 1 8  ? -4.907  -15.895 9.986   1.00 103.21 ? 8   U   A "O5'" 1 
ATOM   153  C "C5'" . U   A 1 8  ? -5.678  -17.067 9.663   1.00 103.67 ? 8   U   A "C5'" 1 
ATOM   154  C "C4'" . U   A 1 8  ? -7.142  -16.785 9.862   1.00 104.40 ? 8   U   A "C4'" 1 
ATOM   155  O "O4'" . U   A 1 8  ? -7.513  -16.943 11.254  1.00 90.56  ? 8   U   A "O4'" 1 
ATOM   156  C "C3'" . U   A 1 8  ? -7.586  -15.363 9.561   1.00 112.61 ? 8   U   A "C3'" 1 
ATOM   157  O "O3'" . U   A 1 8  ? -7.658  -15.045 8.173   1.00 121.55 ? 8   U   A "O3'" 1 
ATOM   158  C "C2'" . U   A 1 8  ? -8.940  -15.310 10.258  1.00 106.18 ? 8   U   A "C2'" 1 
ATOM   159  O "O2'" . U   A 1 8  ? -10.041 -15.737 9.489   1.00 100.00 ? 8   U   A "O2'" 1 
ATOM   160  C "C1'" . U   A 1 8  ? -8.673  -16.162 11.504  1.00 98.99  ? 8   U   A "C1'" 1 
ATOM   161  N N1    . U   A 1 8  ? -8.422  -15.283 12.651  1.00 103.05 ? 8   U   A N1    1 
ATOM   162  C C2    . U   A 1 8  ? -9.522  -14.752 13.304  1.00 108.53 ? 8   U   A C2    1 
ATOM   163  O O2    . U   A 1 8  ? -10.670 -15.037 13.014  1.00 107.44 ? 8   U   A O2    1 
ATOM   164  N N3    . U   A 1 8  ? -9.223  -13.895 14.334  1.00 101.50 ? 8   U   A N3    1 
ATOM   165  C C4    . U   A 1 8  ? -7.973  -13.495 14.746  1.00 97.11  ? 8   U   A C4    1 
ATOM   166  O O4    . U   A 1 8  ? -7.870  -12.717 15.690  1.00 101.27 ? 8   U   A O4    1 
ATOM   167  C C5    . U   A 1 8  ? -6.890  -14.053 13.996  1.00 104.13 ? 8   U   A C5    1 
ATOM   168  C C6    . U   A 1 8  ? -7.146  -14.891 12.984  1.00 106.52 ? 8   U   A C6    1 
ATOM   169  P P     . A   A 1 9  ? -7.444  -13.526 7.678   1.00 116.77 ? 9   A   A P     1 
ATOM   170  O OP1   . A   A 1 9  ? -7.402  -13.548 6.203   1.00 113.86 ? 9   A   A OP1   1 
ATOM   171  O OP2   . A   A 1 9  ? -6.331  -12.926 8.441   1.00 116.97 ? 9   A   A OP2   1 
ATOM   172  O "O5'" . A   A 1 9  ? -8.767  -12.795 8.163   1.00 100.32 ? 9   A   A "O5'" 1 
ATOM   173  C "C5'" . A   A 1 9  ? -10.004 -13.166 7.567   1.00 101.40 ? 9   A   A "C5'" 1 
ATOM   174  C "C4'" . A   A 1 9  ? -11.135 -12.516 8.310   1.00 113.23 ? 9   A   A "C4'" 1 
ATOM   175  O "O4'" . A   A 1 9  ? -11.108 -12.917 9.700   1.00 109.24 ? 9   A   A "O4'" 1 
ATOM   176  C "C3'" . A   A 1 9  ? -11.085 -10.994 8.394   1.00 118.15 ? 9   A   A "C3'" 1 
ATOM   177  O "O3'" . A   A 1 9  ? -11.439 -10.315 7.195   1.00 113.96 ? 9   A   A "O3'" 1 
ATOM   178  C "C2'" . A   A 1 9  ? -12.038 -10.718 9.555   1.00 124.82 ? 9   A   A "C2'" 1 
ATOM   179  O "O2'" . A   A 1 9  ? -13.419 -10.543 9.272   1.00 113.75 ? 9   A   A "O2'" 1 
ATOM   180  C "C1'" . A   A 1 9  ? -11.719 -11.899 10.481  1.00 124.29 ? 9   A   A "C1'" 1 
ATOM   181  N N9    . A   A 1 9  ? -10.791 -11.483 11.532  1.00 123.58 ? 9   A   A N9    1 
ATOM   182  C C8    . A   A 1 9  ? -9.427  -11.625 11.618  1.00 117.16 ? 9   A   A C8    1 
ATOM   183  N N7    . A   A 1 9  ? -8.909  -11.077 12.691  1.00 111.15 ? 9   A   A N7    1 
ATOM   184  C C5    . A   A 1 9  ? -10.002 -10.516 13.339  1.00 109.08 ? 9   A   A C5    1 
ATOM   185  C C6    . A   A 1 9  ? -10.122 -9.786  14.534  1.00 116.30 ? 9   A   A C6    1 
ATOM   186  N N6    . A   A 1 9  ? -9.091  -9.490  15.325  1.00 109.75 ? 9   A   A N6    1 
ATOM   187  N N1    . A   A 1 9  ? -11.355 -9.368  14.897  1.00 121.79 ? 9   A   A N1    1 
ATOM   188  C C2    . A   A 1 9  ? -12.391 -9.664  14.102  1.00 125.96 ? 9   A   A C2    1 
ATOM   189  N N3    . A   A 1 9  ? -12.401 -10.333 12.949  1.00 119.68 ? 9   A   A N3    1 
ATOM   190  C C4    . A   A 1 9  ? -11.162 -10.741 12.624  1.00 114.08 ? 9   A   A C4    1 
ATOM   191  P P     . A   A 1 10 ? -11.073 -8.764  7.007   1.00 122.93 ? 10  A   A P     1 
ATOM   192  O OP1   . A   A 1 10 ? -11.052 -8.472  5.561   1.00 135.25 ? 10  A   A OP1   1 
ATOM   193  O OP2   . A   A 1 10 ? -9.905  -8.427  7.849   1.00 133.30 ? 10  A   A OP2   1 
ATOM   194  O "O5'" . A   A 1 10 ? -12.321 -7.996  7.613   1.00 106.76 ? 10  A   A "O5'" 1 
ATOM   195  C "C5'" . A   A 1 10 ? -12.329 -6.572  7.627   1.00 91.49  ? 10  A   A "C5'" 1 
ATOM   196  C "C4'" . A   A 1 10 ? -13.244 -6.130  8.727   1.00 102.94 ? 10  A   A "C4'" 1 
ATOM   197  O "O4'" . A   A 1 10 ? -13.304 -7.149  9.769   1.00 104.53 ? 10  A   A "O4'" 1 
ATOM   198  C "C3'" . A   A 1 10 ? -12.802 -4.865  9.443   1.00 109.52 ? 10  A   A "C3'" 1 
ATOM   199  O "O3'" . A   A 1 10 ? -13.195 -3.751  8.673   1.00 125.83 ? 10  A   A "O3'" 1 
ATOM   200  C "C2'" . A   A 1 10 ? -13.446 -5.033  10.808  1.00 105.78 ? 10  A   A "C2'" 1 
ATOM   201  O "O2'" . A   A 1 10 ? -14.781 -4.575  10.874  1.00 94.54  ? 10  A   A "O2'" 1 
ATOM   202  C "C1'" . A   A 1 10 ? -13.200 -6.527  11.045  1.00 111.38 ? 10  A   A "C1'" 1 
ATOM   203  N N9    . A   A 1 10 ? -11.848 -6.757  11.565  1.00 120.83 ? 10  A   A N9    1 
ATOM   204  C C8    . A   A 1 10 ? -10.755 -7.279  10.914  1.00 118.67 ? 10  A   A C8    1 
ATOM   205  N N7    . A   A 1 10 ? -9.667  -7.303  11.644  1.00 108.24 ? 10  A   A N7    1 
ATOM   206  C C5    . A   A 1 10 ? -10.063 -6.741  12.849  1.00 110.66 ? 10  A   A C5    1 
ATOM   207  C C6    . A   A 1 10 ? -9.372  -6.486  14.046  1.00 108.48 ? 10  A   A C6    1 
ATOM   208  N N6    . A   A 1 10 ? -8.083  -6.773  14.228  1.00 114.39 ? 10  A   A N6    1 
ATOM   209  N N1    . A   A 1 10 ? -10.058 -5.912  15.060  1.00 102.31 ? 10  A   A N1    1 
ATOM   210  C C2    . A   A 1 10 ? -11.352 -5.623  14.874  1.00 99.69  ? 10  A   A C2    1 
ATOM   211  N N3    . A   A 1 10 ? -12.112 -5.820  13.799  1.00 96.30  ? 10  A   A N3    1 
ATOM   212  C C4    . A   A 1 10 ? -11.401 -6.392  12.812  1.00 108.70 ? 10  A   A C4    1 
ATOM   213  P P     . G   A 1 11 ? -12.096 -2.690  8.247   1.00 136.66 ? 11  G   A P     1 
ATOM   214  O OP1   . G   A 1 11 ? -12.692 -1.824  7.202   1.00 124.21 ? 11  G   A OP1   1 
ATOM   215  O OP2   . G   A 1 11 ? -10.847 -3.440  7.944   1.00 124.28 ? 11  G   A OP2   1 
ATOM   216  O "O5'" . G   A 1 11 ? -11.990 -1.778  9.548   1.00 107.35 ? 11  G   A "O5'" 1 
ATOM   217  C "C5'" . G   A 1 11 ? -13.210 -1.261  10.122  1.00 108.27 ? 11  G   A "C5'" 1 
ATOM   218  C "C4'" . G   A 1 11 ? -13.015 -0.904  11.568  1.00 105.33 ? 11  G   A "C4'" 1 
ATOM   219  O "O4'" . G   A 1 11 ? -12.715 -2.095  12.333  1.00 108.69 ? 11  G   A "O4'" 1 
ATOM   220  C "C3'" . G   A 1 11 ? -11.828 -0.013  11.874  1.00 109.56 ? 11  G   A "C3'" 1 
ATOM   221  O "O3'" . G   A 1 11 ? -12.018 1.345   11.551  1.00 111.72 ? 11  G   A "O3'" 1 
ATOM   222  C "C2'" . G   A 1 11 ? -11.665 -0.240  13.362  1.00 106.75 ? 11  G   A "C2'" 1 
ATOM   223  O "O2'" . G   A 1 11 ? -12.537 0.520   14.174  1.00 98.73  ? 11  G   A "O2'" 1 
ATOM   224  C "C1'" . G   A 1 11 ? -11.859 -1.752  13.417  1.00 110.98 ? 11  G   A "C1'" 1 
ATOM   225  N N9    . G   A 1 11 ? -10.581 -2.443  13.260  1.00 105.39 ? 11  G   A N9    1 
ATOM   226  C C8    . G   A 1 11 ? -10.087 -3.113  12.166  1.00 100.19 ? 11  G   A C8    1 
ATOM   227  N N7    . G   A 1 11 ? -8.892  -3.602  12.363  1.00 97.33  ? 11  G   A N7    1 
ATOM   228  C C5    . G   A 1 11 ? -8.567  -3.208  13.654  1.00 101.83 ? 11  G   A C5    1 
ATOM   229  C C6    . G   A 1 11 ? -7.396  -3.444  14.427  1.00 100.16 ? 11  G   A C6    1 
ATOM   230  O O6    . G   A 1 11 ? -6.374  -4.062  14.107  1.00 92.24  ? 11  G   A O6    1 
ATOM   231  N N1    . G   A 1 11 ? -7.492  -2.872  15.693  1.00 94.80  ? 11  G   A N1    1 
ATOM   232  C C2    . G   A 1 11 ? -8.576  -2.161  16.156  1.00 104.29 ? 11  G   A C2    1 
ATOM   233  N N2    . G   A 1 11 ? -8.488  -1.680  17.404  1.00 102.40 ? 11  G   A N2    1 
ATOM   234  N N3    . G   A 1 11 ? -9.669  -1.934  15.447  1.00 105.62 ? 11  G   A N3    1 
ATOM   235  C C4    . G   A 1 11 ? -9.599  -2.490  14.219  1.00 104.55 ? 11  G   A C4    1 
ATOM   236  P P     . U   A 1 12 ? -10.804 2.175   10.962  1.00 107.27 ? 12  U   A P     1 
ATOM   237  O OP1   . U   A 1 12 ? -11.367 3.311   10.198  1.00 113.17 ? 12  U   A OP1   1 
ATOM   238  O OP2   . U   A 1 12 ? -9.870  1.227   10.289  1.00 86.83  ? 12  U   A OP2   1 
ATOM   239  O "O5'" . U   A 1 12 ? -10.160 2.804   12.272  1.00 108.52 ? 12  U   A "O5'" 1 
ATOM   240  C "C5'" . U   A 1 12 ? -10.951 3.539   13.226  1.00 111.63 ? 12  U   A "C5'" 1 
ATOM   241  C "C4'" . U   A 1 12 ? -10.183 3.674   14.515  1.00 108.75 ? 12  U   A "C4'" 1 
ATOM   242  O "O4'" . U   A 1 12 ? -9.933  2.346   15.057  1.00 115.07 ? 12  U   A "O4'" 1 
ATOM   243  C "C3'" . U   A 1 12 ? -8.790  4.268   14.388  1.00 106.96 ? 12  U   A "C3'" 1 
ATOM   244  O "O3'" . U   A 1 12 ? -8.715  5.682   14.308  1.00 105.98 ? 12  U   A "O3'" 1 
ATOM   245  C "C2'" . U   A 1 12 ? -8.130  3.741   15.645  1.00 103.08 ? 12  U   A "C2'" 1 
ATOM   246  O "O2'" . U   A 1 12 ? -8.540  4.419   16.809  1.00 106.71 ? 12  U   A "O2'" 1 
ATOM   247  C "C1'" . U   A 1 12 ? -8.638  2.305   15.640  1.00 104.79 ? 12  U   A "C1'" 1 
ATOM   248  N N1    . U   A 1 12 ? -7.773  1.403   14.861  1.00 94.51  ? 12  U   A N1    1 
ATOM   249  C C2    . U   A 1 12 ? -6.566  1.046   15.431  1.00 97.30  ? 12  U   A C2    1 
ATOM   250  O O2    . U   A 1 12 ? -6.207  1.451   16.522  1.00 90.44  ? 12  U   A O2    1 
ATOM   251  N N3    . U   A 1 12 ? -5.793  0.205   14.670  1.00 94.47  ? 12  U   A N3    1 
ATOM   252  C C4    . U   A 1 12 ? -6.087  -0.295  13.421  1.00 95.47  ? 12  U   A C4    1 
ATOM   253  O O4    . U   A 1 12 ? -5.282  -1.035  12.862  1.00 97.25  ? 12  U   A O4    1 
ATOM   254  C C5    . U   A 1 12 ? -7.350  0.122   12.896  1.00 97.62  ? 12  U   A C5    1 
ATOM   255  C C6    . U   A 1 12 ? -8.127  0.943   13.612  1.00 95.47  ? 12  U   A C6    1 
ATOM   256  P P     . C   A 1 13 ? -7.522  6.380   13.473  1.00 114.43 ? 13  C   A P     1 
ATOM   257  O OP1   . C   A 1 13 ? -7.848  7.825   13.387  1.00 110.59 ? 13  C   A OP1   1 
ATOM   258  O OP2   . C   A 1 13 ? -7.250  5.585   12.228  1.00 86.06  ? 13  C   A OP2   1 
ATOM   259  O "O5'" . C   A 1 13 ? -6.242  6.194   14.407  1.00 100.96 ? 13  C   A "O5'" 1 
ATOM   260  C "C5'" . C   A 1 13 ? -6.209  6.786   15.713  1.00 92.17  ? 13  C   A "C5'" 1 
ATOM   261  C "C4'" . C   A 1 13 ? -5.042  6.270   16.520  1.00 91.08  ? 13  C   A "C4'" 1 
ATOM   262  O "O4'" . C   A 1 13 ? -5.078  4.823   16.614  1.00 92.43  ? 13  C   A "O4'" 1 
ATOM   263  C "C3'" . C   A 1 13 ? -3.650  6.547   15.982  1.00 83.55  ? 13  C   A "C3'" 1 
ATOM   264  O "O3'" . C   A 1 13 ? -3.216  7.849   16.304  1.00 83.48  ? 13  C   A "O3'" 1 
ATOM   265  C "C2'" . C   A 1 13 ? -2.835  5.537   16.762  1.00 77.16  ? 13  C   A "C2'" 1 
ATOM   266  O "O2'" . C   A 1 13 ? -2.739  5.884   18.128  1.00 73.53  ? 13  C   A "O2'" 1 
ATOM   267  C "C1'" . C   A 1 13 ? -3.748  4.324   16.677  1.00 81.57  ? 13  C   A "C1'" 1 
ATOM   268  N N1    . C   A 1 13 ? -3.501  3.453   15.514  1.00 79.57  ? 13  C   A N1    1 
ATOM   269  C C2    . C   A 1 13 ? -2.389  2.610   15.547  1.00 81.35  ? 13  C   A C2    1 
ATOM   270  O O2    . C   A 1 13 ? -1.629  2.660   16.522  1.00 86.96  ? 13  C   A O2    1 
ATOM   271  N N3    . C   A 1 13 ? -2.162  1.771   14.512  1.00 80.78  ? 13  C   A N3    1 
ATOM   272  C C4    . C   A 1 13 ? -3.002  1.750   13.478  1.00 77.20  ? 13  C   A C4    1 
ATOM   273  N N4    . C   A 1 13 ? -2.743  0.906   12.483  1.00 86.56  ? 13  C   A N4    1 
ATOM   274  C C5    . C   A 1 13 ? -4.151  2.591   13.422  1.00 65.64  ? 13  C   A C5    1 
ATOM   275  C C6    . C   A 1 13 ? -4.358  3.422   14.447  1.00 69.15  ? 13  C   A C6    1 
ATOM   276  P P     . G   A 1 14 ? -2.242  8.592   15.315  1.00 90.06  ? 14  G   A P     1 
ATOM   277  O OP1   . G   A 1 14 ? -1.885  9.893   15.929  1.00 86.03  ? 14  G   A OP1   1 
ATOM   278  O OP2   . G   A 1 14 ? -2.809  8.501   13.933  1.00 72.26  ? 14  G   A OP2   1 
ATOM   279  O "O5'" . G   A 1 14 ? -0.938  7.699   15.396  1.00 89.42  ? 14  G   A "O5'" 1 
ATOM   280  C "C5'" . G   A 1 14 ? -0.054  7.861   16.507  1.00 89.46  ? 14  G   A "C5'" 1 
ATOM   281  C "C4'" . G   A 1 14 ? 1.056   6.849   16.418  1.00 91.19  ? 14  G   A "C4'" 1 
ATOM   282  O "O4'" . G   A 1 14 ? 0.492   5.531   16.202  1.00 84.02  ? 14  G   A "O4'" 1 
ATOM   283  C "C3'" . G   A 1 14 ? 2.008   6.982   15.244  1.00 88.83  ? 14  G   A "C3'" 1 
ATOM   284  O "O3'" . G   A 1 14 ? 2.934   8.062   15.341  1.00 95.35  ? 14  G   A "O3'" 1 
ATOM   285  C "C2'" . G   A 1 14 ? 2.662   5.607   15.255  1.00 85.14  ? 14  G   A "C2'" 1 
ATOM   286  O "O2'" . G   A 1 14 ? 3.694   5.475   16.211  1.00 84.68  ? 14  G   A "O2'" 1 
ATOM   287  C "C1'" . G   A 1 14 ? 1.471   4.710   15.598  1.00 79.61  ? 14  G   A "C1'" 1 
ATOM   288  N N9    . G   A 1 14 ? 0.891   4.060   14.429  1.00 73.30  ? 14  G   A N9    1 
ATOM   289  C C8    . G   A 1 14 ? -0.286  4.353   13.783  1.00 75.78  ? 14  G   A C8    1 
ATOM   290  N N7    . G   A 1 14 ? -0.529  3.555   12.777  1.00 66.05  ? 14  G   A N7    1 
ATOM   291  C C5    . G   A 1 14 ? 0.563   2.703   12.744  1.00 61.55  ? 14  G   A C5    1 
ATOM   292  C C6    . G   A 1 14 ? 0.868   1.643   11.863  1.00 62.86  ? 14  G   A C6    1 
ATOM   293  O O6    . G   A 1 14 ? 0.234   1.253   10.883  1.00 72.04  ? 14  G   A O6    1 
ATOM   294  N N1    . G   A 1 14 ? 2.065   1.027   12.200  1.00 66.97  ? 14  G   A N1    1 
ATOM   295  C C2    . G   A 1 14 ? 2.870   1.389   13.250  1.00 69.34  ? 14  G   A C2    1 
ATOM   296  N N2    . G   A 1 14 ? 3.988   0.675   13.414  1.00 75.36  ? 14  G   A N2    1 
ATOM   297  N N3    . G   A 1 14 ? 2.610   2.396   14.063  1.00 61.46  ? 14  G   A N3    1 
ATOM   298  C C4    . G   A 1 14 ? 1.445   2.997   13.761  1.00 66.10  ? 14  G   A C4    1 
HETATM 299  O "O5'" . LCC B 1 1  ? 1.227   -6.428  -1.505  1.00 106.84 ? 1   LCC B "O5'" 1 
HETATM 300  C "C5'" . LCC B 1 1  ? 1.859   -6.771  -0.268  1.00 95.84  ? 1   LCC B "C5'" 1 
HETATM 301  C "C4'" . LCC B 1 1  ? 3.102   -5.933  -0.307  1.00 83.96  ? 1   LCC B "C4'" 1 
HETATM 302  O "O4'" . LCC B 1 1  ? 2.613   -4.711  -0.745  1.00 78.70  ? 1   LCC B "O4'" 1 
HETATM 303  C "C1'" . LCC B 1 1  ? 3.516   -3.775  -0.264  1.00 76.23  ? 1   LCC B "C1'" 1 
HETATM 304  N N1    . LCC B 1 1  ? 2.711   -2.803  0.535   1.00 72.65  ? 1   LCC B N1    1 
HETATM 305  C C6    . LCC B 1 1  ? 1.335   -2.637  0.262   1.00 64.60  ? 1   LCC B C6    1 
HETATM 306  C C5    . LCC B 1 1  ? 0.624   -1.667  0.965   1.00 66.68  ? 1   LCC B C5    1 
HETATM 307  C C5M   . LCC B 1 1  ? -0.775  -1.473  0.763   1.00 68.17  ? 1   LCC B C5M   1 
HETATM 308  C C4    . LCC B 1 1  ? 1.328   -0.924  1.915   1.00 64.20  ? 1   LCC B C4    1 
HETATM 309  N N4    . LCC B 1 1  ? 0.684   -0.005  2.613   1.00 71.57  ? 1   LCC B N4    1 
HETATM 310  N N3    . LCC B 1 1  ? 2.617   -1.087  2.137   1.00 64.65  ? 1   LCC B N3    1 
HETATM 311  C C2    . LCC B 1 1  ? 3.298   -1.996  1.444   1.00 72.25  ? 1   LCC B C2    1 
HETATM 312  O O2    . LCC B 1 1  ? 4.490   -2.077  1.710   1.00 76.75  ? 1   LCC B O2    1 
HETATM 313  C "C3'" . LCC B 1 1  ? 3.735   -5.590  0.985   1.00 86.42  ? 1   LCC B "C3'" 1 
HETATM 314  C "C2'" . LCC B 1 1  ? 4.604   -4.650  0.381   1.00 78.62  ? 1   LCC B "C2'" 1 
HETATM 315  O "O2'" . LCC B 1 1  ? 5.289   -5.502  -0.613  1.00 74.46  ? 1   LCC B "O2'" 1 
HETATM 316  O "O3'" . LCC B 1 1  ? 3.872   -6.771  1.603   1.00 101.73 ? 1   LCC B "O3'" 1 
HETATM 317  C "C6'" . LCC B 1 1  ? 4.225   -6.415  -1.180  1.00 79.52  ? 1   LCC B "C6'" 1 
HETATM 318  O "O5'" . LCC B 1 2  ? 3.633   -6.847  3.645   1.00 85.72  ? 2   LCC B "O5'" 1 
HETATM 319  C "C5'" . LCC B 1 2  ? 4.740   -7.509  4.273   1.00 84.85  ? 2   LCC B "C5'" 1 
HETATM 320  C "C4'" . LCC B 1 2  ? 5.649   -6.369  4.633   1.00 81.89  ? 2   LCC B "C4'" 1 
HETATM 321  O "O4'" . LCC B 1 2  ? 5.167   -5.219  4.023   1.00 67.88  ? 2   LCC B "O4'" 1 
HETATM 322  C "C1'" . LCC B 1 2  ? 5.681   -4.189  4.906   1.00 73.41  ? 2   LCC B "C1'" 1 
HETATM 323  N N1    . LCC B 1 2  ? 4.551   -3.324  5.327   1.00 72.80  ? 2   LCC B N1    1 
HETATM 324  C C6    . LCC B 1 2  ? 3.285   -3.551  4.757   1.00 66.99  ? 2   LCC B C6    1 
HETATM 325  C C5    . LCC B 1 2  ? 2.263   -2.683  5.093   1.00 70.92  ? 2   LCC B C5    1 
HETATM 326  C C5M   . LCC B 1 2  ? 1.003   -2.944  4.546   1.00 71.02  ? 2   LCC B C5M   1 
HETATM 327  C C4    . LCC B 1 2  ? 2.554   -1.619  5.977   1.00 68.97  ? 2   LCC B C4    1 
HETATM 328  N N4    . LCC B 1 2  ? 1.605   -0.790  6.335   1.00 72.19  ? 2   LCC B N4    1 
HETATM 329  N N3    . LCC B 1 2  ? 3.761   -1.414  6.495   1.00 65.72  ? 2   LCC B N3    1 
HETATM 330  C C2    . LCC B 1 2  ? 4.745   -2.261  6.171   1.00 76.24  ? 2   LCC B C2    1 
HETATM 331  O O2    . LCC B 1 2  ? 5.833   -2.010  6.682   1.00 85.89  ? 2   LCC B O2    1 
HETATM 332  C "C3'" . LCC B 1 2  ? 5.600   -6.020  6.059   1.00 84.03  ? 2   LCC B "C3'" 1 
HETATM 333  C "C2'" . LCC B 1 2  ? 6.484   -4.904  5.979   1.00 76.68  ? 2   LCC B "C2'" 1 
HETATM 334  O "O2'" . LCC B 1 2  ? 7.720   -5.526  5.428   1.00 74.50  ? 2   LCC B "O2'" 1 
HETATM 335  O "O3'" . LCC B 1 2  ? 5.903   -7.404  6.630   1.00 95.97  ? 2   LCC B "O3'" 1 
HETATM 336  C "C6'" . LCC B 1 2  ? 7.199   -6.558  4.400   1.00 84.68  ? 2   LCC B "C6'" 1 
HETATM 337  P P     . LCC B 1 2  ? 2.790   -7.690  2.465   1.00 88.30  ? 2   LCC B P     1 
HETATM 338  O O1P   . LCC B 1 2  ? 3.354   -9.276  2.207   1.00 83.40  ? 2   LCC B O1P   1 
HETATM 339  O O2P   . LCC B 1 2  ? 1.290   -7.035  2.884   1.00 100.63 ? 2   LCC B O2P   1 
HETATM 340  O "O5'" . LCC B 1 3  ? 4.981   -6.679  8.671   1.00 82.04  ? 3   LCC B "O5'" 1 
HETATM 341  C "C5'" . LCC B 1 3  ? 6.008   -7.063  9.616   1.00 80.07  ? 3   LCC B "C5'" 1 
HETATM 342  C "C4'" . LCC B 1 3  ? 6.530   -5.801  10.240  1.00 77.08  ? 3   LCC B "C4'" 1 
HETATM 343  O "O4'" . LCC B 1 3  ? 6.143   -4.676  9.543   1.00 74.58  ? 3   LCC B "O4'" 1 
HETATM 344  C "C1'" . LCC B 1 3  ? 6.116   -3.667  10.571  1.00 70.16  ? 3   LCC B "C1'" 1 
HETATM 345  N N1    . LCC B 1 3  ? 4.744   -3.131  10.448  1.00 66.02  ? 3   LCC B N1    1 
HETATM 346  C C6    . LCC B 1 3  ? 3.828   -3.738  9.549   1.00 63.26  ? 3   LCC B C6    1 
HETATM 347  C C5    . LCC B 1 3  ? 2.586   -3.144  9.366   1.00 68.57  ? 3   LCC B C5    1 
HETATM 348  C C5M   . LCC B 1 3  ? 1.683   -3.770  8.514   1.00 63.32  ? 3   LCC B C5M   1 
HETATM 349  C C4    . LCC B 1 3  ? 2.308   -1.939  10.069  1.00 75.14  ? 3   LCC B C4    1 
HETATM 350  N N4    . LCC B 1 3  ? 1.138   -1.326  9.916   1.00 71.48  ? 3   LCC B N4    1 
HETATM 351  N N3    . LCC B 1 3  ? 3.209   -1.376  10.893  1.00 76.38  ? 3   LCC B N3    1 
HETATM 352  C C2    . LCC B 1 3  ? 4.411   -1.958  11.060  1.00 72.23  ? 3   LCC B C2    1 
HETATM 353  O O2    . LCC B 1 3  ? 5.173   -1.368  11.823  1.00 72.21  ? 3   LCC B O2    1 
HETATM 354  C "C3'" . LCC B 1 3  ? 6.001   -5.579  11.610  1.00 79.27  ? 3   LCC B "C3'" 1 
HETATM 355  C "C2'" . LCC B 1 3  ? 6.604   -4.315  11.816  1.00 71.22  ? 3   LCC B "C2'" 1 
HETATM 356  O "O2'" . LCC B 1 3  ? 8.010   -4.710  11.637  1.00 71.34  ? 3   LCC B "O2'" 1 
HETATM 357  O "O3'" . LCC B 1 3  ? 6.441   -6.587  12.583  1.00 80.53  ? 3   LCC B "O3'" 1 
HETATM 358  C "C6'" . LCC B 1 3  ? 8.047   -5.729  10.489  1.00 76.77  ? 3   LCC B "C6'" 1 
HETATM 359  P P     . LCC B 1 3  ? 4.806   -8.106  7.723   1.00 85.84  ? 3   LCC B P     1 
HETATM 360  O O1P   . LCC B 1 3  ? 5.296   -9.494  8.232   1.00 80.25  ? 3   LCC B O1P   1 
HETATM 361  O O2P   . LCC B 1 3  ? 3.042   -7.485  7.659   1.00 104.52 ? 3   LCC B O2P   1 
ATOM   362  P P     . G   B 1 4  ? 5.015   -7.310  13.180  1.00 70.22  ? 4   G   B P     1 
ATOM   363  O OP1   . G   B 1 4  ? 5.917   -8.456  13.592  1.00 56.06  ? 4   G   B OP1   1 
ATOM   364  O OP2   . G   B 1 4  ? 3.616   -7.437  12.320  1.00 70.21  ? 4   G   B OP2   1 
ATOM   365  O "O5'" . G   B 1 4  ? 4.632   -6.367  14.425  1.00 63.54  ? 4   G   B "O5'" 1 
ATOM   366  C "C5'" . G   B 1 4  ? 5.775   -5.981  15.167  1.00 62.24  ? 4   G   B "C5'" 1 
ATOM   367  C "C4'" . G   B 1 4  ? 5.379   -4.859  16.064  1.00 66.24  ? 4   G   B "C4'" 1 
ATOM   368  O "O4'" . G   B 1 4  ? 5.153   -3.638  15.292  1.00 65.77  ? 4   G   B "O4'" 1 
ATOM   369  C "C3'" . G   B 1 4  ? 4.040   -5.018  16.748  1.00 63.86  ? 4   G   B "C3'" 1 
ATOM   370  O "O3'" . G   B 1 4  ? 3.988   -6.025  17.740  1.00 66.25  ? 4   G   B "O3'" 1 
ATOM   371  C "C2'" . G   B 1 4  ? 3.882   -3.601  17.225  1.00 62.61  ? 4   G   B "C2'" 1 
ATOM   372  O "O2'" . G   B 1 4  ? 5.065   -3.416  17.970  1.00 58.67  ? 4   G   B "O2'" 1 
ATOM   373  C "C1'" . G   B 1 4  ? 4.139   -2.859  15.922  1.00 59.93  ? 4   G   B "C1'" 1 
ATOM   374  N N9    . G   B 1 4  ? 2.988   -2.746  15.021  1.00 62.62  ? 4   G   B N9    1 
ATOM   375  C C8    . G   B 1 4  ? 2.706   -3.535  13.931  1.00 66.24  ? 4   G   B C8    1 
ATOM   376  N N7    . G   B 1 4  ? 1.626   -3.164  13.295  1.00 64.31  ? 4   G   B N7    1 
ATOM   377  C C5    . G   B 1 4  ? 1.163   -2.072  14.011  1.00 62.76  ? 4   G   B C5    1 
ATOM   378  C C6    . G   B 1 4  ? 0.037   -1.243  13.786  1.00 72.80  ? 4   G   B C6    1 
ATOM   379  O O6    . G   B 1 4  ? -0.819  -1.330  12.896  1.00 75.79  ? 4   G   B O6    1 
ATOM   380  N N1    . G   B 1 4  ? -0.051  -0.229  14.734  1.00 72.90  ? 4   G   B N1    1 
ATOM   381  C C2    . G   B 1 4  ? 0.838   -0.035  15.766  1.00 78.35  ? 4   G   B C2    1 
ATOM   382  N N2    . G   B 1 4  ? 0.584   1.001   16.584  1.00 76.76  ? 4   G   B N2    1 
ATOM   383  N N3    . G   B 1 4  ? 1.897   -0.802  15.982  1.00 71.87  ? 4   G   B N3    1 
ATOM   384  C C4    . G   B 1 4  ? 1.997   -1.793  15.074  1.00 61.91  ? 4   G   B C4    1 
ATOM   385  P P     . A   B 1 5  ? 2.581   -6.708  18.112  1.00 74.56  ? 5   A   B P     1 
ATOM   386  O OP1   . A   B 1 5  ? 2.859   -7.927  18.892  1.00 72.09  ? 5   A   B OP1   1 
ATOM   387  O OP2   . A   B 1 5  ? 1.732   -6.766  16.895  1.00 78.32  ? 5   A   B OP2   1 
ATOM   388  O "O5'" . A   B 1 5  ? 1.845   -5.625  19.000  1.00 69.78  ? 5   A   B "O5'" 1 
ATOM   389  C "C5'" . A   B 1 5  ? 2.448   -5.057  20.154  1.00 65.74  ? 5   A   B "C5'" 1 
ATOM   390  C "C4'" . A   B 1 5  ? 1.619   -3.883  20.585  1.00 67.89  ? 5   A   B "C4'" 1 
ATOM   391  O "O4'" . A   B 1 5  ? 1.596   -2.917  19.505  1.00 67.76  ? 5   A   B "O4'" 1 
ATOM   392  C "C3'" . A   B 1 5  ? 0.140   -4.149  20.843  1.00 66.20  ? 5   A   B "C3'" 1 
ATOM   393  O "O3'" . A   B 1 5  ? -0.092  -4.733  22.104  1.00 69.63  ? 5   A   B "O3'" 1 
ATOM   394  C "C2'" . A   B 1 5  ? -0.423  -2.745  20.720  1.00 74.05  ? 5   A   B "C2'" 1 
ATOM   395  O "O2'" . A   B 1 5  ? -0.207  -1.919  21.848  1.00 70.81  ? 5   A   B "O2'" 1 
ATOM   396  C "C1'" . A   B 1 5  ? 0.328   -2.270  19.477  1.00 74.56  ? 5   A   B "C1'" 1 
ATOM   397  N N9    . A   B 1 5  ? -0.358  -2.610  18.226  1.00 69.32  ? 5   A   B N9    1 
ATOM   398  C C8    . A   B 1 5  ? -0.074  -3.598  17.310  1.00 71.31  ? 5   A   B C8    1 
ATOM   399  N N7    . A   B 1 5  ? -0.902  -3.628  16.294  1.00 72.64  ? 5   A   B N7    1 
ATOM   400  C C5    . A   B 1 5  ? -1.793  -2.599  16.561  1.00 74.44  ? 5   A   B C5    1 
ATOM   401  C C6    . A   B 1 5  ? -2.899  -2.105  15.853  1.00 80.87  ? 5   A   B C6    1 
ATOM   402  N N6    . A   B 1 5  ? -3.323  -2.618  14.698  1.00 86.02  ? 5   A   B N6    1 
ATOM   403  N N1    . A   B 1 5  ? -3.560  -1.045  16.374  1.00 89.39  ? 5   A   B N1    1 
ATOM   404  C C2    . A   B 1 5  ? -3.131  -0.532  17.538  1.00 88.30  ? 5   A   B C2    1 
ATOM   405  N N3    . A   B 1 5  ? -2.103  -0.913  18.300  1.00 74.99  ? 5   A   B N3    1 
ATOM   406  C C4    . A   B 1 5  ? -1.467  -1.960  17.743  1.00 71.63  ? 5   A   B C4    1 
ATOM   407  P P     . C   B 1 6  ? -1.360  -5.696  22.343  1.00 75.24  ? 6   C   B P     1 
ATOM   408  O OP1   . C   B 1 6  ? -1.203  -6.293  23.691  1.00 82.60  ? 6   C   B OP1   1 
ATOM   409  O OP2   . C   B 1 6  ? -1.555  -6.587  21.173  1.00 62.30  ? 6   C   B OP2   1 
ATOM   410  O "O5'" . C   B 1 6  ? -2.582  -4.677  22.377  1.00 73.98  ? 6   C   B "O5'" 1 
ATOM   411  C "C5'" . C   B 1 6  ? -2.688  -3.689  23.409  1.00 75.05  ? 6   C   B "C5'" 1 
ATOM   412  C "C4'" . C   B 1 6  ? -3.846  -2.769  23.120  1.00 85.70  ? 6   C   B "C4'" 1 
ATOM   413  O "O4'" . C   B 1 6  ? -3.598  -2.058  21.881  1.00 86.16  ? 6   C   B "O4'" 1 
ATOM   414  C "C3'" . C   B 1 6  ? -5.212  -3.418  22.917  1.00 88.37  ? 6   C   B "C3'" 1 
ATOM   415  O "O3'" . C   B 1 6  ? -5.822  -3.660  24.175  1.00 96.21  ? 6   C   B "O3'" 1 
ATOM   416  C "C2'" . C   B 1 6  ? -5.918  -2.348  22.109  1.00 86.75  ? 6   C   B "C2'" 1 
ATOM   417  O "O2'" . C   B 1 6  ? -6.272  -1.200  22.855  1.00 89.16  ? 6   C   B "O2'" 1 
ATOM   418  C "C1'" . C   B 1 6  ? -4.804  -1.965  21.147  1.00 85.58  ? 6   C   B "C1'" 1 
ATOM   419  N N1    . C   B 1 6  ? -4.705  -2.845  19.977  1.00 76.27  ? 6   C   B N1    1 
ATOM   420  C C2    . C   B 1 6  ? -5.609  -2.654  18.935  1.00 78.39  ? 6   C   B C2    1 
ATOM   421  O O2    . C   B 1 6  ? -6.483  -1.784  19.055  1.00 88.21  ? 6   C   B O2    1 
ATOM   422  N N3    . C   B 1 6  ? -5.512  -3.423  17.825  1.00 74.06  ? 6   C   B N3    1 
ATOM   423  C C4    . C   B 1 6  ? -4.551  -4.344  17.737  1.00 70.29  ? 6   C   B C4    1 
ATOM   424  N N4    . C   B 1 6  ? -4.491  -5.082  16.628  1.00 71.06  ? 6   C   B N4    1 
ATOM   425  C C5    . C   B 1 6  ? -3.613  -4.556  18.786  1.00 72.18  ? 6   C   B C5    1 
ATOM   426  C C6    . C   B 1 6  ? -3.722  -3.787  19.875  1.00 69.14  ? 6   C   B C6    1 
ATOM   427  P P     . U   B 1 7  ? -6.950  -4.781  24.350  1.00 94.08  ? 7   U   B P     1 
ATOM   428  O OP1   . U   B 1 7  ? -7.253  -4.827  25.798  1.00 96.14  ? 7   U   B OP1   1 
ATOM   429  O OP2   . U   B 1 7  ? -6.535  -6.022  23.658  1.00 78.97  ? 7   U   B OP2   1 
ATOM   430  O "O5'" . U   B 1 7  ? -8.154  -4.221  23.466  1.00 95.74  ? 7   U   B "O5'" 1 
ATOM   431  C "C5'" . U   B 1 7  ? -8.919  -3.099  23.932  1.00 97.87  ? 7   U   B "C5'" 1 
ATOM   432  C "C4'" . U   B 1 7  ? -10.044 -2.804  22.982  1.00 102.45 ? 7   U   B "C4'" 1 
ATOM   433  O "O4'" . U   B 1 7  ? -9.504  -2.396  21.701  1.00 98.63  ? 7   U   B "O4'" 1 
ATOM   434  C "C3'" . U   B 1 7  ? -10.970 -3.964  22.650  1.00 106.89 ? 7   U   B "C3'" 1 
ATOM   435  O "O3'" . U   B 1 7  ? -11.934 -4.086  23.684  1.00 109.18 ? 7   U   B "O3'" 1 
ATOM   436  C "C2'" . U   B 1 7  ? -11.569 -3.506  21.329  1.00 98.35  ? 7   U   B "C2'" 1 
ATOM   437  O "O2'" . U   B 1 7  ? -12.595 -2.546  21.429  1.00 101.11 ? 7   U   B "O2'" 1 
ATOM   438  C "C1'" . U   B 1 7  ? -10.354 -2.858  20.672  1.00 93.15  ? 7   U   B "C1'" 1 
ATOM   439  N N1    . U   B 1 7  ? -9.599  -3.799  19.846  1.00 84.25  ? 7   U   B N1    1 
ATOM   440  C C2    . U   B 1 7  ? -10.155 -4.150  18.631  1.00 87.39  ? 7   U   B C2    1 
ATOM   441  O O2    . U   B 1 7  ? -11.232 -3.726  18.254  1.00 96.27  ? 7   U   B O2    1 
ATOM   442  N N3    . U   B 1 7  ? -9.400  -5.012  17.878  1.00 83.31  ? 7   U   B N3    1 
ATOM   443  C C4    . U   B 1 7  ? -8.179  -5.558  18.212  1.00 90.09  ? 7   U   B C4    1 
ATOM   444  O O4    . U   B 1 7  ? -7.624  -6.321  17.425  1.00 87.06  ? 7   U   B O4    1 
ATOM   445  C C5    . U   B 1 7  ? -7.672  -5.152  19.489  1.00 90.28  ? 7   U   B C5    1 
ATOM   446  C C6    . U   B 1 7  ? -8.385  -4.310  20.246  1.00 81.13  ? 7   U   B C6    1 
ATOM   447  P P     . U   B 1 8  ? -12.583 -5.489  24.030  1.00 113.76 ? 8   U   B P     1 
ATOM   448  O OP1   . U   B 1 8  ? -13.419 -5.272  25.244  1.00 103.19 ? 8   U   B OP1   1 
ATOM   449  O OP2   . U   B 1 8  ? -11.526 -6.531  23.995  1.00 93.01  ? 8   U   B OP2   1 
ATOM   450  O "O5'" . U   B 1 8  ? -13.443 -5.834  22.737  1.00 104.74 ? 8   U   B "O5'" 1 
ATOM   451  C "C5'" . U   B 1 8  ? -14.624 -5.084  22.412  1.00 111.09 ? 8   U   B "C5'" 1 
ATOM   452  C "C4'" . U   B 1 8  ? -15.244 -5.648  21.165  1.00 113.54 ? 8   U   B "C4'" 1 
ATOM   453  O "O4'" . U   B 1 8  ? -14.388 -5.368  20.028  1.00 107.77 ? 8   U   B "O4'" 1 
ATOM   454  C "C3'" . U   B 1 8  ? -15.374 -7.164  21.156  1.00 119.47 ? 8   U   B "C3'" 1 
ATOM   455  O "O3'" . U   B 1 8  ? -16.501 -7.675  21.850  1.00 122.34 ? 8   U   B "O3'" 1 
ATOM   456  C "C2'" . U   B 1 8  ? -15.440 -7.483  19.670  1.00 113.07 ? 8   U   B "C2'" 1 
ATOM   457  O "O2'" . U   B 1 8  ? -16.743 -7.537  19.128  1.00 101.87 ? 8   U   B "O2'" 1 
ATOM   458  C "C1'" . U   B 1 8  ? -14.487 -6.433  19.090  1.00 112.17 ? 8   U   B "C1'" 1 
ATOM   459  N N1    . U   B 1 8  ? -13.150 -7.008  18.876  1.00 118.72 ? 8   U   B N1    1 
ATOM   460  C C2    . U   B 1 8  ? -12.977 -7.847  17.788  1.00 121.81 ? 8   U   B C2    1 
ATOM   461  O O2    . U   B 1 8  ? -13.866 -8.094  16.993  1.00 136.80 ? 8   U   B O2    1 
ATOM   462  N N3    . U   B 1 8  ? -11.720 -8.380  17.662  1.00 113.60 ? 8   U   B N3    1 
ATOM   463  C C4    . U   B 1 8  ? -10.645 -8.185  18.503  1.00 114.50 ? 8   U   B C4    1 
ATOM   464  O O4    . U   B 1 8  ? -9.577  -8.743  18.259  1.00 104.32 ? 8   U   B O4    1 
ATOM   465  C C5    . U   B 1 8  ? -10.911 -7.328  19.621  1.00 124.30 ? 8   U   B C5    1 
ATOM   466  C C6    . U   B 1 8  ? -12.127 -6.792  19.772  1.00 123.33 ? 8   U   B C6    1 
ATOM   467  P P     . A   B 1 9  ? -16.523 -9.221  22.271  1.00 126.04 ? 9   A   B P     1 
ATOM   468  O OP1   . A   B 1 9  ? -17.718 -9.438  23.109  1.00 123.28 ? 9   A   B OP1   1 
ATOM   469  O OP2   . A   B 1 9  ? -15.176 -9.600  22.769  1.00 121.01 ? 9   A   B OP2   1 
ATOM   470  O "O5'" . A   B 1 9  ? -16.664 -9.987  20.887  1.00 110.05 ? 9   A   B "O5'" 1 
ATOM   471  C "C5'" . A   B 1 9  ? -17.949 -10.242 20.330  1.00 109.68 ? 9   A   B "C5'" 1 
ATOM   472  C "C4'" . A   B 1 9  ? -17.801 -11.129 19.131  1.00 117.01 ? 9   A   B "C4'" 1 
ATOM   473  O "O4'" . A   B 1 9  ? -16.827 -10.566 18.214  1.00 112.34 ? 9   A   B "O4'" 1 
ATOM   474  C "C3'" . A   B 1 9  ? -17.264 -12.533 19.400  1.00 117.16 ? 9   A   B "C3'" 1 
ATOM   475  O "O3'" . A   B 1 9  ? -18.236 -13.363 20.036  1.00 110.95 ? 9   A   B "O3'" 1 
ATOM   476  C "C2'" . A   B 1 9  ? -16.801 -12.940 18.003  1.00 123.82 ? 9   A   B "C2'" 1 
ATOM   477  O "O2'" . A   B 1 9  ? -17.749 -13.468 17.093  1.00 115.16 ? 9   A   B "O2'" 1 
ATOM   478  C "C1'" . A   B 1 9  ? -16.196 -11.623 17.503  1.00 127.16 ? 9   A   B "C1'" 1 
ATOM   479  N N9    . A   B 1 9  ? -14.756 -11.572 17.757  1.00 130.71 ? 9   A   B N9    1 
ATOM   480  C C8    . A   B 1 9  ? -14.081 -11.082 18.849  1.00 126.25 ? 9   A   B C8    1 
ATOM   481  N N7    . A   B 1 9  ? -12.782 -11.228 18.773  1.00 115.89 ? 9   A   B N7    1 
ATOM   482  C C5    . A   B 1 9  ? -12.588 -11.876 17.562  1.00 108.98 ? 9   A   B C5    1 
ATOM   483  C C6    . A   B 1 9  ? -11.431 -12.321 16.901  1.00 106.95 ? 9   A   B C6    1 
ATOM   484  N N6    . A   B 1 9  ? -10.200 -12.173 17.386  1.00 97.47  ? 9   A   B N6    1 
ATOM   485  N N1    . A   B 1 9  ? -11.584 -12.932 15.705  1.00 115.14 ? 9   A   B N1    1 
ATOM   486  C C2    . A   B 1 9  ? -12.823 -13.085 15.218  1.00 125.89 ? 9   A   B C2    1 
ATOM   487  N N3    . A   B 1 9  ? -13.989 -12.716 15.750  1.00 129.41 ? 9   A   B N3    1 
ATOM   488  C C4    . A   B 1 9  ? -13.798 -12.108 16.934  1.00 120.63 ? 9   A   B C4    1 
ATOM   489  P P     . A   B 1 10 ? -17.859 -14.855 20.500  1.00 125.35 ? 10  A   B P     1 
ATOM   490  O OP1   . A   B 1 10 ? -19.001 -15.424 21.257  1.00 120.60 ? 10  A   B OP1   1 
ATOM   491  O OP2   . A   B 1 10 ? -16.501 -14.856 21.085  1.00 126.21 ? 10  A   B OP2   1 
ATOM   492  O "O5'" . A   B 1 10 ? -17.784 -15.661 19.139  1.00 105.99 ? 10  A   B "O5'" 1 
ATOM   493  C "C5'" . A   B 1 10 ? -17.587 -17.063 19.189  1.00 99.17  ? 10  A   B "C5'" 1 
ATOM   494  C "C4'" . A   B 1 10 ? -16.997 -17.516 17.885  1.00 110.04 ? 10  A   B "C4'" 1 
ATOM   495  O "O4'" . A   B 1 10 ? -16.411 -16.381 17.185  1.00 102.88 ? 10  A   B "O4'" 1 
ATOM   496  C "C3'" . A   B 1 10 ? -15.872 -18.535 18.019  1.00 118.63 ? 10  A   B "C3'" 1 
ATOM   497  O "O3'" . A   B 1 10 ? -16.480 -19.807 18.187  1.00 129.54 ? 10  A   B "O3'" 1 
ATOM   498  C "C2'" . A   B 1 10 ? -15.049 -18.268 16.764  1.00 113.59 ? 10  A   B "C2'" 1 
ATOM   499  O "O2'" . A   B 1 10 ? -15.477 -18.986 15.622  1.00 107.29 ? 10  A   B "O2'" 1 
ATOM   500  C "C1'" . A   B 1 10 ? -15.131 -16.738 16.688  1.00 111.98 ? 10  A   B "C1'" 1 
ATOM   501  N N9    . A   B 1 10 ? -14.115 -16.083 17.521  1.00 121.13 ? 10  A   B N9    1 
ATOM   502  C C8    . A   B 1 10 ? -14.293 -15.393 18.698  1.00 118.20 ? 10  A   B C8    1 
ATOM   503  N N7    . A   B 1 10 ? -13.175 -14.952 19.225  1.00 102.22 ? 10  A   B N7    1 
ATOM   504  C C5    . A   B 1 10 ? -12.195 -15.396 18.350  1.00 111.05 ? 10  A   B C5    1 
ATOM   505  C C6    . A   B 1 10 ? -10.795 -15.267 18.353  1.00 107.09 ? 10  A   B C6    1 
ATOM   506  N N6    . A   B 1 10 ? -10.118 -14.616 19.298  1.00 110.41 ? 10  A   B N6    1 
ATOM   507  N N1    . A   B 1 10 ? -10.107 -15.832 17.334  1.00 101.71 ? 10  A   B N1    1 
ATOM   508  C C2    . A   B 1 10 ? -10.791 -16.487 16.385  1.00 102.98 ? 10  A   B C2    1 
ATOM   509  N N3    . A   B 1 10 ? -12.106 -16.679 16.274  1.00 100.92 ? 10  A   B N3    1 
ATOM   510  C C4    . A   B 1 10 ? -12.759 -16.099 17.297  1.00 114.77 ? 10  A   B C4    1 
ATOM   511  P P     . G   B 1 11 ? -16.511 -20.488 19.635  1.00 137.69 ? 11  G   B P     1 
ATOM   512  O OP1   . G   B 1 11 ? -17.608 -21.487 19.639  1.00 127.72 ? 11  G   B OP1   1 
ATOM   513  O OP2   . G   B 1 11 ? -16.516 -19.422 20.663  1.00 129.59 ? 11  G   B OP2   1 
ATOM   514  O "O5'" . G   B 1 11 ? -15.102 -21.225 19.660  1.00 105.24 ? 11  G   B "O5'" 1 
ATOM   515  C "C5'" . G   B 1 11 ? -14.874 -22.232 18.677  1.00 113.18 ? 11  G   B "C5'" 1 
ATOM   516  C "C4'" . G   B 1 11 ? -13.596 -22.008 17.903  1.00 116.09 ? 11  G   B "C4'" 1 
ATOM   517  O "O4'" . G   B 1 11 ? -13.272 -20.606 17.715  1.00 117.74 ? 11  G   B "O4'" 1 
ATOM   518  C "C3'" . G   B 1 11 ? -12.341 -22.519 18.572  1.00 118.04 ? 11  G   B "C3'" 1 
ATOM   519  O "O3'" . G   B 1 11 ? -12.325 -23.921 18.664  1.00 114.63 ? 11  G   B "O3'" 1 
ATOM   520  C "C2'" . G   B 1 11 ? -11.274 -21.889 17.701  1.00 111.63 ? 11  G   B "C2'" 1 
ATOM   521  O "O2'" . G   B 1 11 ? -11.008 -22.595 16.505  1.00 99.14  ? 11  G   B "O2'" 1 
ATOM   522  C "C1'" . G   B 1 11 ? -11.851 -20.476 17.577  1.00 116.28 ? 11  G   B "C1'" 1 
ATOM   523  N N9    . G   B 1 11 ? -11.345 -19.590 18.628  1.00 104.93 ? 11  G   B N9    1 
ATOM   524  C C8    . G   B 1 11 ? -12.082 -18.924 19.579  1.00 106.39 ? 11  G   B C8    1 
ATOM   525  N N7    . G   B 1 11 ? -11.349 -18.200 20.381  1.00 96.53  ? 11  G   B N7    1 
ATOM   526  C C5    . G   B 1 11 ? -10.049 -18.411 19.942  1.00 99.64  ? 11  G   B C5    1 
ATOM   527  C C6    . G   B 1 11 ? -8.819  -17.881 20.423  1.00 99.05  ? 11  G   B C6    1 
ATOM   528  O O6    . G   B 1 11 ? -8.631  -17.112 21.373  1.00 92.45  ? 11  G   B O6    1 
ATOM   529  N N1    . G   B 1 11 ? -7.735  -18.350 19.685  1.00 95.09  ? 11  G   B N1    1 
ATOM   530  C C2    . G   B 1 11 ? -7.824  -19.214 18.616  1.00 102.54 ? 11  G   B C2    1 
ATOM   531  N N2    . G   B 1 11 ? -6.667  -19.559 18.031  1.00 88.73  ? 11  G   B N2    1 
ATOM   532  N N3    . G   B 1 11 ? -8.965  -19.703 18.152  1.00 105.72 ? 11  G   B N3    1 
ATOM   533  C C4    . G   B 1 11 ? -10.030 -19.262 18.858  1.00 99.45  ? 11  G   B C4    1 
ATOM   534  P P     . U   B 1 12 ? -12.029 -24.582 20.055  1.00 107.80 ? 12  U   B P     1 
ATOM   535  O OP1   . U   B 1 12 ? -12.728 -25.894 20.084  1.00 118.79 ? 12  U   B OP1   1 
ATOM   536  O OP2   . U   B 1 12 ? -12.295 -23.567 21.126  1.00 83.27  ? 12  U   B OP2   1 
ATOM   537  O "O5'" . U   B 1 12 ? -10.487 -24.931 19.910  1.00 106.51 ? 12  U   B "O5'" 1 
ATOM   538  C "C5'" . U   B 1 12 ? -9.975  -25.393 18.644  1.00 113.74 ? 12  U   B "C5'" 1 
ATOM   539  C "C4'" . U   B 1 12 ? -8.478  -25.234 18.598  1.00 117.25 ? 12  U   B "C4'" 1 
ATOM   540  O "O4'" . U   B 1 12 ? -8.128  -23.850 18.303  1.00 128.81 ? 12  U   B "O4'" 1 
ATOM   541  C "C3'" . U   B 1 12 ? -7.741  -25.525 19.893  1.00 110.76 ? 12  U   B "C3'" 1 
ATOM   542  O "O3'" . U   B 1 12 ? -7.467  -26.896 20.084  1.00 108.41 ? 12  U   B "O3'" 1 
ATOM   543  C "C2'" . U   B 1 12 ? -6.453  -24.764 19.677  1.00 104.96 ? 12  U   B "C2'" 1 
ATOM   544  O "O2'" . U   B 1 12 ? -5.611  -25.471 18.795  1.00 101.25 ? 12  U   B "O2'" 1 
ATOM   545  C "C1'" . U   B 1 12 ? -7.000  -23.469 19.084  1.00 107.04 ? 12  U   B "C1'" 1 
ATOM   546  N N1    . U   B 1 12 ? -7.432  -22.497 20.102  1.00 90.79  ? 12  U   B N1    1 
ATOM   547  C C2    . U   B 1 12 ? -6.452  -21.836 20.822  1.00 93.22  ? 12  U   B C2    1 
ATOM   548  O O2    . U   B 1 12 ? -5.260  -22.033 20.657  1.00 90.46  ? 12  U   B O2    1 
ATOM   549  N N3    . U   B 1 12 ? -6.923  -20.939 21.748  1.00 80.86  ? 12  U   B N3    1 
ATOM   550  C C4    . U   B 1 12 ? -8.237  -20.637 22.019  1.00 79.17  ? 12  U   B C4    1 
ATOM   551  O O4    . U   B 1 12 ? -8.499  -19.797 22.875  1.00 80.53  ? 12  U   B O4    1 
ATOM   552  C C5    . U   B 1 12 ? -9.188  -21.356 21.233  1.00 83.83  ? 12  U   B C5    1 
ATOM   553  C C6    . U   B 1 12 ? -8.765  -22.248 20.331  1.00 86.37  ? 12  U   B C6    1 
ATOM   554  P P     . C   B 1 13 ? -7.496  -27.500 21.554  1.00 117.99 ? 13  C   B P     1 
ATOM   555  O OP1   . C   B 1 13 ? -7.438  -28.980 21.412  1.00 102.00 ? 13  C   B OP1   1 
ATOM   556  O OP2   . C   B 1 13 ? -8.592  -26.832 22.328  1.00 95.42  ? 13  C   B OP2   1 
ATOM   557  O "O5'" . C   B 1 13 ? -6.123  -27.001 22.186  1.00 99.33  ? 13  C   B "O5'" 1 
ATOM   558  C "C5'" . C   B 1 13 ? -4.881  -27.456 21.642  1.00 91.05  ? 13  C   B "C5'" 1 
ATOM   559  C "C4'" . C   B 1 13 ? -3.741  -26.618 22.161  1.00 92.40  ? 13  C   B "C4'" 1 
ATOM   560  O "O4'" . C   B 1 13 ? -3.990  -25.207 21.931  1.00 95.46  ? 13  C   B "O4'" 1 
ATOM   561  C "C3'" . C   B 1 13 ? -3.473  -26.668 23.653  1.00 85.21  ? 13  C   B "C3'" 1 
ATOM   562  O "O3'" . C   B 1 13 ? -2.673  -27.770 24.004  1.00 84.66  ? 13  C   B "O3'" 1 
ATOM   563  C "C2'" . C   B 1 13 ? -2.620  -25.432 23.839  1.00 85.14  ? 13  C   B "C2'" 1 
ATOM   564  O "O2'" . C   B 1 13 ? -1.330  -25.664 23.306  1.00 88.56  ? 13  C   B "O2'" 1 
ATOM   565  C "C1'" . C   B 1 13 ? -3.356  -24.443 22.947  1.00 84.89  ? 13  C   B "C1'" 1 
ATOM   566  N N1    . C   B 1 13 ? -4.375  -23.642 23.651  1.00 85.29  ? 13  C   B N1    1 
ATOM   567  C C2    . C   B 1 13 ? -3.958  -22.528 24.397  1.00 84.22  ? 13  C   B C2    1 
ATOM   568  O O2    . C   B 1 13 ? -2.749  -22.272 24.475  1.00 79.17  ? 13  C   B O2    1 
ATOM   569  N N3    . C   B 1 13 ? -4.883  -21.768 25.022  1.00 81.46  ? 13  C   B N3    1 
ATOM   570  C C4    . C   B 1 13 ? -6.176  -22.078 24.923  1.00 78.55  ? 13  C   B C4    1 
ATOM   571  N N4    . C   B 1 13 ? -7.052  -21.296 25.551  1.00 88.08  ? 13  C   B N4    1 
ATOM   572  C C5    . C   B 1 13 ? -6.629  -23.199 24.169  1.00 72.10  ? 13  C   B C5    1 
ATOM   573  C C6    . C   B 1 13 ? -5.704  -23.951 23.562  1.00 75.91  ? 13  C   B C6    1 
ATOM   574  P P     . G   B 1 14 ? -2.766  -28.332 25.463  1.00 95.11  ? 14  G   B P     1 
ATOM   575  O OP1   . G   B 1 14 ? -1.772  -29.431 25.590  1.00 81.79  ? 14  G   B OP1   1 
ATOM   576  O OP2   . G   B 1 14 ? -4.215  -28.539 25.781  1.00 76.63  ? 14  G   B OP2   1 
ATOM   577  O "O5'" . G   B 1 14 ? -2.229  -27.124 26.340  1.00 87.58  ? 14  G   B "O5'" 1 
ATOM   578  C "C5'" . G   B 1 14 ? -0.830  -27.040 26.631  1.00 88.05  ? 14  G   B "C5'" 1 
ATOM   579  C "C4'" . G   B 1 14 ? -0.572  -25.830 27.480  1.00 87.65  ? 14  G   B "C4'" 1 
ATOM   580  O "O4'" . G   B 1 14 ? -1.398  -24.729 27.028  1.00 87.37  ? 14  G   B "O4'" 1 
ATOM   581  C "C3'" . G   B 1 14 ? -0.978  -25.953 28.931  1.00 86.22  ? 14  G   B "C3'" 1 
ATOM   582  O "O3'" . G   B 1 14 ? -0.056  -26.727 29.685  1.00 95.45  ? 14  G   B "O3'" 1 
ATOM   583  C "C2'" . G   B 1 14 ? -1.016  -24.492 29.351  1.00 85.09  ? 14  G   B "C2'" 1 
ATOM   584  O "O2'" . G   B 1 14 ? 0.291   -24.073 29.669  1.00 88.88  ? 14  G   B "O2'" 1 
ATOM   585  C "C1'" . G   B 1 14 ? -1.560  -23.811 28.090  1.00 84.76  ? 14  G   B "C1'" 1 
ATOM   586  N N9    . G   B 1 14 ? -2.968  -23.417 28.160  1.00 81.93  ? 14  G   B N9    1 
ATOM   587  C C8    . G   B 1 14 ? -4.044  -24.071 27.607  1.00 83.94  ? 14  G   B C8    1 
ATOM   588  N N7    . G   B 1 14 ? -5.177  -23.454 27.811  1.00 82.44  ? 14  G   B N7    1 
ATOM   589  C C5    . G   B 1 14 ? -4.830  -22.325 28.539  1.00 67.97  ? 14  G   B C5    1 
ATOM   590  C C6    . G   B 1 14 ? -5.641  -21.283 29.057  1.00 71.35  ? 14  G   B C6    1 
ATOM   591  O O6    . G   B 1 14 ? -6.867  -21.163 29.003  1.00 80.62  ? 14  G   B O6    1 
ATOM   592  N N1    . G   B 1 14 ? -4.881  -20.330 29.726  1.00 69.11  ? 14  G   B N1    1 
ATOM   593  C C2    . G   B 1 14 ? -3.518  -20.375 29.882  1.00 68.52  ? 14  G   B C2    1 
ATOM   594  N N2    . G   B 1 14 ? -2.966  -19.362 30.554  1.00 67.79  ? 14  G   B N2    1 
ATOM   595  N N3    . G   B 1 14 ? -2.752  -21.348 29.414  1.00 68.05  ? 14  G   B N3    1 
ATOM   596  C C4    . G   B 1 14 ? -3.471  -22.285 28.760  1.00 74.35  ? 14  G   B C4    1 
HETATM 597  O "O5'" . LCC C 1 1  ? 3.105   5.547   2.259   1.00 109.00 ? 1   LCC C "O5'" 1 
HETATM 598  C "C5'" . LCC C 1 1  ? 4.455   5.399   2.764   1.00 100.45 ? 1   LCC C "C5'" 1 
HETATM 599  C "C4'" . LCC C 1 1  ? 4.977   4.170   2.032   1.00 94.08  ? 1   LCC C "C4'" 1 
HETATM 600  O "O4'" . LCC C 1 1  ? 4.309   2.893   2.127   1.00 96.19  ? 1   LCC C "O4'" 1 
HETATM 601  C "C1'" . LCC C 1 1  ? 4.872   2.109   1.054   1.00 82.19  ? 1   LCC C "C1'" 1 
HETATM 602  N N1    . LCC C 1 1  ? 3.835   1.574   0.177   1.00 81.72  ? 1   LCC C N1    1 
HETATM 603  C C6    . LCC C 1 1  ? 2.525   2.104   0.169   1.00 74.60  ? 1   LCC C C6    1 
HETATM 604  C C5    . LCC C 1 1  ? 1.588   1.500   -0.668  1.00 77.70  ? 1   LCC C C5    1 
HETATM 605  C C5M   . LCC C 1 1  ? 0.262   1.982   -0.732  1.00 79.91  ? 1   LCC C C5M   1 
HETATM 606  C C4    . LCC C 1 1  ? 2.017   0.414   -1.441  1.00 73.36  ? 1   LCC C C4    1 
HETATM 607  N N4    . LCC C 1 1  ? 1.146   -0.168  -2.239  1.00 80.77  ? 1   LCC C N4    1 
HETATM 608  N N3    . LCC C 1 1  ? 3.259   -0.061  -1.406  1.00 76.11  ? 1   LCC C N3    1 
HETATM 609  C C2    . LCC C 1 1  ? 4.156   0.507   -0.600  1.00 83.36  ? 1   LCC C C2    1 
HETATM 610  O O2    . LCC C 1 1  ? 5.291   0.034   -0.614  1.00 85.24  ? 1   LCC C O2    1 
HETATM 611  C "C3'" . LCC C 1 1  ? 4.853   4.301   0.620   1.00 93.65  ? 1   LCC C "C3'" 1 
HETATM 612  C "C2'" . LCC C 1 1  ? 5.732   3.062   0.384   1.00 88.06  ? 1   LCC C "C2'" 1 
HETATM 613  O "O2'" . LCC C 1 1  ? 6.897   3.101   1.261   1.00 81.81  ? 1   LCC C "O2'" 1 
HETATM 614  O "O3'" . LCC C 1 1  ? 5.561   5.344   -0.059  1.00 106.01 ? 1   LCC C "O3'" 1 
HETATM 615  C "C6'" . LCC C 1 1  ? 6.511   3.975   2.348   1.00 87.58  ? 1   LCC C "C6'" 1 
HETATM 616  O "O5'" . LCC C 1 2  ? 7.173   4.344   -2.362  1.00 72.57  ? 2   LCC C "O5'" 1 
HETATM 617  C "C5'" . LCC C 1 2  ? 8.571   4.124   -2.126  1.00 78.08  ? 2   LCC C "C5'" 1 
HETATM 618  C "C4'" . LCC C 1 2  ? 8.812   2.844   -2.842  1.00 80.23  ? 2   LCC C "C4'" 1 
HETATM 619  O "O4'" . LCC C 1 2  ? 7.682   2.024   -2.707  1.00 72.11  ? 2   LCC C "O4'" 1 
HETATM 620  C "C1'" . LCC C 1 2  ? 8.011   0.968   -3.617  1.00 73.34  ? 2   LCC C "C1'" 1 
HETATM 621  N N1    . LCC C 1 2  ? 6.745   0.658   -4.272  1.00 75.60  ? 2   LCC C N1    1 
HETATM 622  C C6    . LCC C 1 2  ? 5.622   1.430   -3.937  1.00 66.17  ? 2   LCC C C6    1 
HETATM 623  C C5    . LCC C 1 2  ? 4.413   1.082   -4.489  1.00 67.53  ? 2   LCC C C5    1 
HETATM 624  C C5M   . LCC C 1 2  ? 3.304   1.899   -4.159  1.00 67.15  ? 2   LCC C C5M   1 
HETATM 625  C C4    . LCC C 1 2  ? 4.392   -0.032  -5.352  1.00 68.44  ? 2   LCC C C4    1 
HETATM 626  N N4    . LCC C 1 2  ? 3.268   -0.398  -5.927  1.00 73.50  ? 2   LCC C N4    1 
HETATM 627  N N3    . LCC C 1 2  ? 5.472   -0.757  -5.648  1.00 69.70  ? 2   LCC C N3    1 
HETATM 628  C C2    . LCC C 1 2  ? 6.644   -0.423  -5.100  1.00 80.10  ? 2   LCC C C2    1 
HETATM 629  O O2    . LCC C 1 2  ? 7.618   -1.120  -5.396  1.00 84.31  ? 2   LCC C O2    1 
HETATM 630  C "C3'" . LCC C 1 2  ? 8.867   2.913   -4.254  1.00 76.05  ? 2   LCC C "C3'" 1 
HETATM 631  C "C2'" . LCC C 1 2  ? 9.155   1.489   -4.413  1.00 74.26  ? 2   LCC C "C2'" 1 
HETATM 632  O "O2'" . LCC C 1 2  ? 10.393  1.292   -3.619  1.00 75.77  ? 2   LCC C "O2'" 1 
HETATM 633  O "O3'" . LCC C 1 2  ? 9.759   3.870   -4.897  1.00 75.98  ? 2   LCC C "O3'" 1 
HETATM 634  C "C6'" . LCC C 1 2  ? 10.182  2.147   -2.430  1.00 84.23  ? 2   LCC C "C6'" 1 
HETATM 635  P P     . LCC C 1 2  ? 6.546   5.516   -1.437  1.00 81.71  ? 2   LCC C P     1 
HETATM 636  O O1P   . LCC C 1 2  ? 5.075   5.754   -1.891  1.00 61.76  ? 2   LCC C O1P   1 
HETATM 637  O O2P   . LCC C 1 2  ? 7.541   6.756   -1.378  1.00 81.93  ? 2   LCC C O2P   1 
HETATM 638  O "O5'" . LCC C 1 3  ? 9.130   3.349   -6.974  1.00 75.88  ? 3   LCC C "O5'" 1 
HETATM 639  C "C5'" . LCC C 1 3  ? 10.479  2.979   -7.428  1.00 66.76  ? 3   LCC C "C5'" 1 
HETATM 640  C "C4'" . LCC C 1 3  ? 10.333  1.764   -8.302  1.00 67.41  ? 3   LCC C "C4'" 1 
HETATM 641  O "O4'" . LCC C 1 3  ? 9.252   0.987   -7.946  1.00 64.07  ? 3   LCC C "O4'" 1 
HETATM 642  C "C1'" . LCC C 1 3  ? 9.036   0.175   -9.072  1.00 59.67  ? 3   LCC C "C1'" 1 
HETATM 643  N N1    . LCC C 1 3  ? 7.609   0.352   -9.157  1.00 59.41  ? 3   LCC C N1    1 
HETATM 644  C C6    . LCC C 1 3  ? 6.897   1.318   -8.399  1.00 58.77  ? 3   LCC C C6    1 
HETATM 645  C C5    . LCC C 1 3  ? 5.511   1.273   -8.476  1.00 66.10  ? 3   LCC C C5    1 
HETATM 646  C C5M   . LCC C 1 3  ? 4.785   2.233   -7.796  1.00 64.56  ? 3   LCC C C5M   1 
HETATM 647  C C4    . LCC C 1 3  ? 4.898   0.269   -9.259  1.00 70.53  ? 3   LCC C C4    1 
HETATM 648  N N4    . LCC C 1 3  ? 3.581   0.220   -9.339  1.00 70.48  ? 3   LCC C N4    1 
HETATM 649  N N3    . LCC C 1 3  ? 5.608   -0.644  -9.927  1.00 71.23  ? 3   LCC C N3    1 
HETATM 650  C C2    . LCC C 1 3  ? 6.951   -0.600  -9.848  1.00 68.39  ? 3   LCC C C2    1 
HETATM 651  O O2    . LCC C 1 3  ? 7.581   -1.456  -10.467 1.00 71.43  ? 3   LCC C O2    1 
HETATM 652  C "C3'" . LCC C 1 3  ? 10.074  2.040   -9.677  1.00 70.88  ? 3   LCC C "C3'" 1 
HETATM 653  C "C2'" . LCC C 1 3  ? 9.938   0.634   -10.090 1.00 64.00  ? 3   LCC C "C2'" 1 
HETATM 654  O "O2'" . LCC C 1 3  ? 11.233  0.136   -9.675  1.00 65.89  ? 3   LCC C "O2'" 1 
HETATM 655  O "O3'" . LCC C 1 3  ? 11.043  2.826   -10.427 1.00 70.33  ? 3   LCC C "O3'" 1 
HETATM 656  C "C6'" . LCC C 1 3  ? 11.574  0.864   -8.385  1.00 65.56  ? 3   LCC C "C6'" 1 
HETATM 657  P P     . LCC C 1 3  ? 8.950   4.782   -6.068  1.00 77.15  ? 3   LCC C P     1 
HETATM 658  O O1P   . LCC C 1 3  ? 7.420   4.947   -6.517  1.00 90.89  ? 3   LCC C O1P   1 
HETATM 659  O O2P   . LCC C 1 3  ? 10.130  5.534   -6.177  1.00 75.01  ? 3   LCC C O2P   1 
ATOM   660  P P     . G   C 1 4  ? 10.315  3.823   -11.511 1.00 65.82  ? 4   G   C P     1 
ATOM   661  O OP1   . G   C 1 4  ? 11.601  4.365   -11.653 1.00 59.31  ? 4   G   C OP1   1 
ATOM   662  O OP2   . G   C 1 4  ? 9.085   4.631   -11.010 1.00 71.84  ? 4   G   C OP2   1 
ATOM   663  O "O5'" . G   C 1 4  ? 9.843   2.972   -12.772 1.00 62.27  ? 4   G   C "O5'" 1 
ATOM   664  C "C5'" . G   C 1 4  ? 10.874  2.115   -13.256 1.00 66.41  ? 4   G   C "C5'" 1 
ATOM   665  C "C4'" . G   C 1 4  ? 10.311  1.275   -14.352 1.00 67.03  ? 4   G   C "C4'" 1 
ATOM   666  O "O4'" . G   C 1 4  ? 9.447   0.255   -13.769 1.00 68.27  ? 4   G   C "O4'" 1 
ATOM   667  C "C3'" . G   C 1 4  ? 9.354   1.984   -15.286 1.00 65.74  ? 4   G   C "C3'" 1 
ATOM   668  O "O3'" . G   C 1 4  ? 9.911   2.865   -16.236 1.00 68.18  ? 4   G   C "O3'" 1 
ATOM   669  C "C2'" . G   C 1 4  ? 8.706   0.773   -15.898 1.00 67.31  ? 4   G   C "C2'" 1 
ATOM   670  O "O2'" . G   C 1 4  ? 9.794   0.084   -16.471 1.00 65.61  ? 4   G   C "O2'" 1 
ATOM   671  C "C1'" . G   C 1 4  ? 8.341   0.013   -14.635 1.00 66.07  ? 4   G   C "C1'" 1 
ATOM   672  N N9    . G   C 1 4  ? 7.114   0.447   -13.965 1.00 65.58  ? 4   G   C N9    1 
ATOM   673  C C8    . G   C 1 4  ? 7.015   1.329   -12.915 1.00 68.64  ? 4   G   C C8    1 
ATOM   674  N N7    . G   C 1 4  ? 5.790   1.501   -12.503 1.00 71.61  ? 4   G   C N7    1 
ATOM   675  C C5    . G   C 1 4  ? 5.032   0.684   -13.325 1.00 71.05  ? 4   G   C C5    1 
ATOM   676  C C6    . G   C 1 4  ? 3.639   0.448   -13.344 1.00 78.12  ? 4   G   C C6    1 
ATOM   677  O O6    . G   C 1 4  ? 2.769   0.930   -12.611 1.00 77.76  ? 4   G   C O6    1 
ATOM   678  N N1    . G   C 1 4  ? 3.284   -0.450  -14.344 1.00 83.66  ? 4   G   C N1    1 
ATOM   679  C C2    . G   C 1 4  ? 4.164   -1.056  -15.210 1.00 85.30  ? 4   G   C C2    1 
ATOM   680  N N2    . G   C 1 4  ? 3.631   -1.909  -16.101 1.00 80.41  ? 4   G   C N2    1 
ATOM   681  N N3    . G   C 1 4  ? 5.473   -0.846  -15.198 1.00 77.07  ? 4   G   C N3    1 
ATOM   682  C C4    . G   C 1 4  ? 5.834   0.024   -14.234 1.00 66.76  ? 4   G   C C4    1 
ATOM   683  P P     . A   C 1 5  ? 9.037   4.087   -16.824 1.00 74.87  ? 5   A   C P     1 
ATOM   684  O OP1   . A   C 1 5  ? 9.985   5.081   -17.359 1.00 72.67  ? 5   A   C OP1   1 
ATOM   685  O OP2   . A   C 1 5  ? 8.017   4.499   -15.822 1.00 76.24  ? 5   A   C OP2   1 
ATOM   686  O "O5'" . A   C 1 5  ? 8.106   3.439   -17.939 1.00 65.07  ? 5   A   C "O5'" 1 
ATOM   687  C "C5'" . A   C 1 5  ? 8.601   2.550   -18.937 1.00 64.40  ? 5   A   C "C5'" 1 
ATOM   688  C "C4'" . A   C 1 5  ? 7.449   1.861   -19.623 1.00 66.10  ? 5   A   C "C4'" 1 
ATOM   689  O "O4'" . A   C 1 5  ? 6.762   1.052   -18.642 1.00 68.98  ? 5   A   C "O4'" 1 
ATOM   690  C "C3'" . A   C 1 5  ? 6.334   2.728   -20.202 1.00 66.85  ? 5   A   C "C3'" 1 
ATOM   691  O "O3'" . A   C 1 5  ? 6.603   3.252   -21.490 1.00 67.11  ? 5   A   C "O3'" 1 
ATOM   692  C "C2'" . A   C 1 5  ? 5.207   1.718   -20.288 1.00 70.99  ? 5   A   C "C2'" 1 
ATOM   693  O "O2'" . A   C 1 5  ? 5.347   0.821   -21.370 1.00 72.02  ? 5   A   C "O2'" 1 
ATOM   694  C "C1'" . A   C 1 5  ? 5.374   1.007   -18.950 1.00 75.35  ? 5   A   C "C1'" 1 
ATOM   695  N N9    . A   C 1 5  ? 4.632   1.633   -17.854 1.00 73.20  ? 5   A   C N9    1 
ATOM   696  C C8    . A   C 1 5  ? 5.105   2.452   -16.857 1.00 77.09  ? 5   A   C C8    1 
ATOM   697  N N7    . A   C 1 5  ? 4.184   2.835   -16.007 1.00 77.50  ? 5   A   C N7    1 
ATOM   698  C C5    . A   C 1 5  ? 3.028   2.228   -16.473 1.00 79.59  ? 5   A   C C5    1 
ATOM   699  C C6    . A   C 1 5  ? 1.707   2.234   -16.002 1.00 83.91  ? 5   A   C C6    1 
ATOM   700  N N6    . A   C 1 5  ? 1.314   2.918   -14.928 1.00 85.44  ? 5   A   C N6    1 
ATOM   701  N N1    . A   C 1 5  ? 0.793   1.505   -16.680 1.00 86.17  ? 5   A   C N1    1 
ATOM   702  C C2    . A   C 1 5  ? 1.194   0.823   -17.766 1.00 87.74  ? 5   A   C C2    1 
ATOM   703  N N3    . A   C 1 5  ? 2.409   0.747   -18.312 1.00 74.97  ? 5   A   C N3    1 
ATOM   704  C C4    . A   C 1 5  ? 3.290   1.481   -17.608 1.00 76.46  ? 5   A   C C4    1 
ATOM   705  P P     . C   C 1 6  ? 5.964   4.666   -21.975 1.00 71.16  ? 6   C   C P     1 
ATOM   706  O OP1   . C   C 1 6  ? 6.665   5.052   -23.223 1.00 74.09  ? 6   C   C OP1   1 
ATOM   707  O OP2   . C   C 1 6  ? 5.900   5.625   -20.842 1.00 57.55  ? 6   C   C OP2   1 
ATOM   708  O "O5'" . C   C 1 6  ? 4.464   4.289   -22.336 1.00 73.04  ? 6   C   C "O5'" 1 
ATOM   709  C "C5'" . C   C 1 6  ? 4.171   3.284   -23.320 1.00 76.77  ? 6   C   C "C5'" 1 
ATOM   710  C "C4'" . C   C 1 6  ? 2.709   2.931   -23.263 1.00 86.59  ? 6   C   C "C4'" 1 
ATOM   711  O "O4'" . C   C 1 6  ? 2.396   2.341   -21.974 1.00 83.77  ? 6   C   C "O4'" 1 
ATOM   712  C "C3'" . C   C 1 6  ? 1.740   4.099   -23.377 1.00 92.76  ? 6   C   C "C3'" 1 
ATOM   713  O "O3'" . C   C 1 6  ? 1.546   4.476   -24.729 1.00 90.97  ? 6   C   C "O3'" 1 
ATOM   714  C "C2'" . C   C 1 6  ? 0.493   3.514   -22.742 1.00 91.89  ? 6   C   C "C2'" 1 
ATOM   715  O "O2'" . C   C 1 6  ? -0.195  2.642   -23.623 1.00 89.58  ? 6   C   C "O2'" 1 
ATOM   716  C "C1'" . C   C 1 6  ? 1.111   2.774   -21.559 1.00 85.90  ? 6   C   C "C1'" 1 
ATOM   717  N N1    . C   C 1 6  ? 1.265   3.569   -20.331 1.00 77.97  ? 6   C   C N1    1 
ATOM   718  C C2    . C   C 1 6  ? 0.148   3.758   -19.516 1.00 82.76  ? 6   C   C C2    1 
ATOM   719  O O2    . C   C 1 6  ? -0.948  3.319   -19.887 1.00 88.62  ? 6   C   C O2    1 
ATOM   720  N N3    . C   C 1 6  ? 0.287   4.428   -18.347 1.00 80.88  ? 6   C   C N3    1 
ATOM   721  C C4    . C   C 1 6  ? 1.485   4.889   -17.984 1.00 74.09  ? 6   C   C C4    1 
ATOM   722  N N4    . C   C 1 6  ? 1.575   5.553   -16.833 1.00 78.98  ? 6   C   C N4    1 
ATOM   723  C C5    . C   C 1 6  ? 2.644   4.689   -18.787 1.00 76.12  ? 6   C   C C5    1 
ATOM   724  C C6    . C   C 1 6  ? 2.491   4.030   -19.940 1.00 73.91  ? 6   C   C C6    1 
ATOM   725  P P     . U   C 1 7  ? 1.090   5.958   -25.078 1.00 89.53  ? 7   U   C P     1 
ATOM   726  O OP1   . U   C 1 7  ? 1.161   6.064   -26.547 1.00 86.45  ? 7   U   C OP1   1 
ATOM   727  O OP2   . U   C 1 7  ? 1.844   6.920   -24.232 1.00 73.37  ? 7   U   C OP2   1 
ATOM   728  O "O5'" . U   C 1 7  ? -0.397  6.029   -24.504 1.00 89.50  ? 7   U   C "O5'" 1 
ATOM   729  C "C5'" . U   C 1 7  ? -1.454  5.293   -25.143 1.00 95.58  ? 7   U   C "C5'" 1 
ATOM   730  C "C4'" . U   C 1 7  ? -2.764  5.574   -24.462 1.00 99.85  ? 7   U   C "C4'" 1 
ATOM   731  O "O4'" . U   C 1 7  ? -2.717  5.099   -23.095 1.00 94.73  ? 7   U   C "O4'" 1 
ATOM   732  C "C3'" . U   C 1 7  ? -3.131  7.044   -24.339 1.00 108.77 ? 7   U   C "C3'" 1 
ATOM   733  O "O3'" . U   C 1 7  ? -3.706  7.480   -25.563 1.00 118.71 ? 7   U   C "O3'" 1 
ATOM   734  C "C2'" . U   C 1 7  ? -4.102  7.033   -23.165 1.00 103.31 ? 7   U   C "C2'" 1 
ATOM   735  O "O2'" . U   C 1 7  ? -5.451  6.748   -23.466 1.00 109.36 ? 7   U   C "O2'" 1 
ATOM   736  C "C1'" . U   C 1 7  ? -3.490  5.953   -22.274 1.00 90.78  ? 7   U   C "C1'" 1 
ATOM   737  N N1    . U   C 1 7  ? -2.621  6.493   -21.224 1.00 84.39  ? 7   U   C N1    1 
ATOM   738  C C2    . U   C 1 7  ? -3.235  7.107   -20.148 1.00 89.68  ? 7   U   C C2    1 
ATOM   739  O O2    . U   C 1 7  ? -4.441  7.239   -20.066 1.00 105.77 ? 7   U   C O2    1 
ATOM   740  N N3    . U   C 1 7  ? -2.382  7.563   -19.177 1.00 85.80  ? 7   U   C N3    1 
ATOM   741  C C4    . U   C 1 7  ? -1.006  7.488   -19.178 1.00 89.95  ? 7   U   C C4    1 
ATOM   742  O O4    . U   C 1 7  ? -0.375  7.955   -18.232 1.00 88.43  ? 7   U   C O4    1 
ATOM   743  C C5    . U   C 1 7  ? -0.443  6.847   -20.329 1.00 88.79  ? 7   U   C C5    1 
ATOM   744  C C6    . U   C 1 7  ? -1.251  6.384   -21.290 1.00 80.97  ? 7   U   C C6    1 
ATOM   745  P P     . U   C 1 8  ? -3.757  9.026   -25.921 1.00 119.97 ? 8   U   C P     1 
ATOM   746  O OP1   . U   C 1 8  ? -4.349  9.120   -27.287 1.00 103.83 ? 8   U   C OP1   1 
ATOM   747  O OP2   . U   C 1 8  ? -2.427  9.622   -25.628 1.00 97.87  ? 8   U   C OP2   1 
ATOM   748  O "O5'" . U   C 1 8  ? -4.650  9.641   -24.752 1.00 109.45 ? 8   U   C "O5'" 1 
ATOM   749  C "C5'" . U   C 1 8  ? -6.085  9.580   -24.782 1.00 110.06 ? 8   U   C "C5'" 1 
ATOM   750  C "C4'" . U   C 1 8  ? -6.643  10.406  -23.656 1.00 109.46 ? 8   U   C "C4'" 1 
ATOM   751  O "O4'" . U   C 1 8  ? -6.248  9.828   -22.389 1.00 99.09  ? 8   U   C "O4'" 1 
ATOM   752  C "C3'" . U   C 1 8  ? -6.104  11.826  -23.576 1.00 115.56 ? 8   U   C "C3'" 1 
ATOM   753  O "O3'" . U   C 1 8  ? -6.691  12.744  -24.489 1.00 122.21 ? 8   U   C "O3'" 1 
ATOM   754  C "C2'" . U   C 1 8  ? -6.375  12.200  -22.127 1.00 108.12 ? 8   U   C "C2'" 1 
ATOM   755  O "O2'" . U   C 1 8  ? -7.608  12.832  -21.854 1.00 107.86 ? 8   U   C "O2'" 1 
ATOM   756  C "C1'" . U   C 1 8  ? -6.148  10.862  -21.417 1.00 102.67 ? 8   U   C "C1'" 1 
ATOM   757  N N1    . U   C 1 8  ? -4.799  10.840  -20.841 1.00 100.50 ? 8   U   C N1    1 
ATOM   758  C C2    . U   C 1 8  ? -4.584  11.569  -19.685 1.00 101.18 ? 8   U   C C2    1 
ATOM   759  O O2    . U   C 1 8  ? -5.470  12.170  -19.104 1.00 101.84 ? 8   U   C O2    1 
ATOM   760  N N3    . U   C 1 8  ? -3.292  11.559  -19.230 1.00 96.11  ? 8   U   C N3    1 
ATOM   761  C C4    . U   C 1 8  ? -2.211  10.931  -19.808 1.00 92.53  ? 8   U   C C4    1 
ATOM   762  O O4    . U   C 1 8  ? -1.108  11.014  -19.274 1.00 92.95  ? 8   U   C O4    1 
ATOM   763  C C5    . U   C 1 8  ? -2.509  10.230  -21.018 1.00 97.50  ? 8   U   C C5    1 
ATOM   764  C C6    . U   C 1 8  ? -3.759  10.220  -21.490 1.00 96.82  ? 8   U   C C6    1 
ATOM   765  P P     . A   C 1 9  ? -5.816  13.960  -25.070 1.00 119.60 ? 9   A   C P     1 
ATOM   766  O OP1   . A   C 1 9  ? -6.491  14.429  -26.300 1.00 108.59 ? 9   A   C OP1   1 
ATOM   767  O OP2   . A   C 1 9  ? -4.394  13.540  -25.134 1.00 123.90 ? 9   A   C OP2   1 
ATOM   768  O "O5'" . A   C 1 9  ? -5.850  15.029  -23.892 1.00 105.52 ? 9   A   C "O5'" 1 
ATOM   769  C "C5'" . A   C 1 9  ? -7.093  15.583  -23.454 1.00 108.79 ? 9   A   C "C5'" 1 
ATOM   770  C "C4'" . A   C 1 9  ? -6.907  16.300  -22.142 1.00 117.46 ? 9   A   C "C4'" 1 
ATOM   771  O "O4'" . A   C 1 9  ? -6.459  15.379  -21.111 1.00 112.56 ? 9   A   C "O4'" 1 
ATOM   772  C "C3'" . A   C 1 9  ? -5.846  17.397  -22.121 1.00 117.99 ? 9   A   C "C3'" 1 
ATOM   773  O "O3'" . A   C 1 9  ? -6.249  18.584  -22.792 1.00 106.82 ? 9   A   C "O3'" 1 
ATOM   774  C "C2'" . A   C 1 9  ? -5.605  17.556  -20.622 1.00 126.82 ? 9   A   C "C2'" 1 
ATOM   775  O "O2'" . A   C 1 9  ? -6.465  18.432  -19.914 1.00 119.93 ? 9   A   C "O2'" 1 
ATOM   776  C "C1'" . A   C 1 9  ? -5.687  16.097  -20.154 1.00 128.35 ? 9   A   C "C1'" 1 
ATOM   777  N N9    . A   C 1 9  ? -4.352  15.500  -20.073 1.00 129.53 ? 9   A   C N9    1 
ATOM   778  C C8    . A   C 1 9  ? -3.691  14.725  -20.995 1.00 125.09 ? 9   A   C C8    1 
ATOM   779  N N7    . A   C 1 9  ? -2.477  14.393  -20.628 1.00 115.46 ? 9   A   C N7    1 
ATOM   780  C C5    . A   C 1 9  ? -2.321  15.005  -19.394 1.00 108.98 ? 9   A   C C5    1 
ATOM   781  C C6    . A   C 1 9  ? -1.250  15.040  -18.485 1.00 109.14 ? 9   A   C C6    1 
ATOM   782  N N6    . A   C 1 9  ? -0.092  14.414  -18.686 1.00 96.93  ? 9   A   C N6    1 
ATOM   783  N N1    . A   C 1 9  ? -1.411  15.750  -17.345 1.00 109.14 ? 9   A   C N1    1 
ATOM   784  C C2    . A   C 1 9  ? -2.580  16.378  -17.144 1.00 119.63 ? 9   A   C C2    1 
ATOM   785  N N3    . A   C 1 9  ? -3.656  16.425  -17.928 1.00 121.93 ? 9   A   C N3    1 
ATOM   786  C C4    . A   C 1 9  ? -3.461  15.706  -19.048 1.00 119.26 ? 9   A   C C4    1 
ATOM   787  P P     . A   C 1 10 ? -5.196  19.767  -23.048 1.00 123.96 ? 10  A   C P     1 
ATOM   788  O OP1   . A   C 1 10 ? -5.800  20.737  -23.987 1.00 132.64 ? 10  A   C OP1   1 
ATOM   789  O OP2   . A   C 1 10 ? -3.858  19.196  -23.312 1.00 127.11 ? 10  A   C OP2   1 
ATOM   790  O "O5'" . A   C 1 10 ? -5.098  20.498  -21.648 1.00 111.10 ? 10  A   C "O5'" 1 
ATOM   791  C "C5'" . A   C 1 10 ? -4.484  21.777  -21.588 1.00 99.29  ? 10  A   C "C5'" 1 
ATOM   792  C "C4'" . A   C 1 10 ? -3.954  21.975  -20.203 1.00 106.06 ? 10  A   C "C4'" 1 
ATOM   793  O "O4'" . A   C 1 10 ? -3.967  20.714  -19.478 1.00 102.44 ? 10  A   C "O4'" 1 
ATOM   794  C "C3'" . A   C 1 10 ? -2.506  22.426  -20.161 1.00 115.45 ? 10  A   C "C3'" 1 
ATOM   795  O "O3'" . A   C 1 10 ? -2.534  23.802  -20.482 1.00 130.25 ? 10  A   C "O3'" 1 
ATOM   796  C "C2'" . A   C 1 10 ? -2.070  21.946  -18.786 1.00 108.16 ? 10  A   C "C2'" 1 
ATOM   797  O "O2'" . A   C 1 10 ? -2.372  22.821  -17.714 1.00 97.95  ? 10  A   C "O2'" 1 
ATOM   798  C "C1'" . A   C 1 10 ? -2.755  20.576  -18.750 1.00 109.41 ? 10  A   C "C1'" 1 
ATOM   799  N N9    . A   C 1 10 ? -1.943  19.545  -19.402 1.00 111.53 ? 10  A   C N9    1 
ATOM   800  C C8    . A   C 1 10 ? -2.126  18.956  -20.632 1.00 107.34 ? 10  A   C C8    1 
ATOM   801  N N7    . A   C 1 10 ? -1.194  18.091  -20.947 1.00 96.51  ? 10  A   C N7    1 
ATOM   802  C C5    . A   C 1 10 ? -0.330  18.123  -19.862 1.00 103.65 ? 10  A   C C5    1 
ATOM   803  C C6    . A   C 1 10 ? 0.862   17.432  -19.581 1.00 107.05 ? 10  A   C C6    1 
ATOM   804  N N6    . A   C 1 10 ? 1.406   16.537  -20.407 1.00 119.18 ? 10  A   C N6    1 
ATOM   805  N N1    . A   C 1 10 ? 1.482   17.694  -18.408 1.00 94.44  ? 10  A   C N1    1 
ATOM   806  C C2    . A   C 1 10 ? 0.933   18.595  -17.583 1.00 96.06  ? 10  A   C C2    1 
ATOM   807  N N3    . A   C 1 10 ? -0.180  19.310  -17.737 1.00 94.76  ? 10  A   C N3    1 
ATOM   808  C C4    . A   C 1 10 ? -0.776  19.016  -18.905 1.00 102.36 ? 10  A   C C4    1 
ATOM   809  P P     . G   C 1 11 ? -1.594  24.335  -21.629 1.00 133.25 ? 11  G   C P     1 
ATOM   810  O OP1   . G   C 1 11 ? -2.032  25.709  -21.967 1.00 133.27 ? 11  G   C OP1   1 
ATOM   811  O OP2   . G   C 1 11 ? -1.547  23.298  -22.692 1.00 125.55 ? 11  G   C OP2   1 
ATOM   812  O "O5'" . G   C 1 11 ? -0.206  24.457  -20.863 1.00 108.10 ? 11  G   C "O5'" 1 
ATOM   813  C "C5'" . G   C 1 11 ? -0.219  25.060  -19.555 1.00 113.16 ? 11  G   C "C5'" 1 
ATOM   814  C "C4'" . G   C 1 11 ? 0.943   24.587  -18.730 1.00 112.21 ? 11  G   C "C4'" 1 
ATOM   815  O "O4'" . G   C 1 11 ? 0.800   23.181  -18.407 1.00 116.78 ? 11  G   C "O4'" 1 
ATOM   816  C "C3'" . G   C 1 11 ? 2.297   24.626  -19.409 1.00 116.89 ? 11  G   C "C3'" 1 
ATOM   817  O "O3'" . G   C 1 11 ? 2.850   25.915  -19.568 1.00 115.70 ? 11  G   C "O3'" 1 
ATOM   818  C "C2'" . G   C 1 11 ? 3.102   23.727  -18.492 1.00 116.70 ? 11  G   C "C2'" 1 
ATOM   819  O "O2'" . G   C 1 11 ? 3.573   24.351  -17.313 1.00 106.75 ? 11  G   C "O2'" 1 
ATOM   820  C "C1'" . G   C 1 11 ? 2.096   22.593  -18.299 1.00 121.33 ? 11  G   C "C1'" 1 
ATOM   821  N N9    . G   C 1 11 ? 2.251   21.566  -19.331 1.00 113.46 ? 11  G   C N9    1 
ATOM   822  C C8    . G   C 1 11 ? 1.458   21.336  -20.430 1.00 111.19 ? 11  G   C C8    1 
ATOM   823  N N7    . G   C 1 11 ? 1.881   20.344  -21.168 1.00 99.46  ? 11  G   C N7    1 
ATOM   824  C C5    . G   C 1 11 ? 3.039   19.914  -20.533 1.00 102.37 ? 11  G   C C5    1 
ATOM   825  C C6    . G   C 1 11 ? 3.938   18.865  -20.869 1.00 102.96 ? 11  G   C C6    1 
ATOM   826  O O6    . G   C 1 11 ? 3.891   18.089  -21.828 1.00 102.36 ? 11  G   C O6    1 
ATOM   827  N N1    . G   C 1 11 ? 4.977   18.767  -19.950 1.00 97.20  ? 11  G   C N1    1 
ATOM   828  C C2    . G   C 1 11 ? 5.133   19.574  -18.847 1.00 105.84 ? 11  G   C C2    1 
ATOM   829  N N2    . G   C 1 11 ? 6.197   19.328  -18.073 1.00 98.82  ? 11  G   C N2    1 
ATOM   830  N N3    . G   C 1 11 ? 4.302   20.551  -18.524 1.00 111.02 ? 11  G   C N3    1 
ATOM   831  C C4    . G   C 1 11 ? 3.282   20.661  -19.401 1.00 103.54 ? 11  G   C C4    1 
ATOM   832  P P     . U   C 1 12 ? 3.617   26.254  -20.908 1.00 106.40 ? 12  U   C P     1 
ATOM   833  O OP1   . U   C 1 12 ? 3.512   27.717  -21.131 1.00 115.80 ? 12  U   C OP1   1 
ATOM   834  O OP2   . U   C 1 12 ? 3.152   25.301  -21.968 1.00 89.54  ? 12  U   C OP2   1 
ATOM   835  O "O5'" . U   C 1 12 ? 5.124   25.979  -20.500 1.00 95.28  ? 12  U   C "O5'" 1 
ATOM   836  C "C5'" . U   C 1 12 ? 5.643   26.432  -19.241 1.00 106.15 ? 12  U   C "C5'" 1 
ATOM   837  C "C4'" . U   C 1 12 ? 6.870   25.632  -18.875 1.00 116.85 ? 12  U   C "C4'" 1 
ATOM   838  O "O4'" . U   C 1 12 ? 6.495   24.247  -18.609 1.00 127.23 ? 12  U   C "O4'" 1 
ATOM   839  C "C3'" . U   C 1 12 ? 7.949   25.503  -19.944 1.00 114.75 ? 12  U   C "C3'" 1 
ATOM   840  O "O3'" . U   C 1 12 ? 8.850   26.591  -20.098 1.00 111.19 ? 12  U   C "O3'" 1 
ATOM   841  C "C2'" . U   C 1 12 ? 8.696   24.283  -19.448 1.00 106.75 ? 12  U   C "C2'" 1 
ATOM   842  O "O2'" . U   C 1 12 ? 9.488   24.577  -18.321 1.00 106.70 ? 12  U   C "O2'" 1 
ATOM   843  C "C1'" . U   C 1 12 ? 7.525   23.379  -19.076 1.00 109.26 ? 12  U   C "C1'" 1 
ATOM   844  N N1    . U   C 1 12 ? 7.027   22.610  -20.228 1.00 95.04  ? 12  U   C N1    1 
ATOM   845  C C2    . U   C 1 12 ? 7.816   21.570  -20.679 1.00 93.89  ? 12  U   C C2    1 
ATOM   846  O O2    . U   C 1 12 ? 8.885   21.281  -20.170 1.00 84.73  ? 12  U   C O2    1 
ATOM   847  N N3    . U   C 1 12 ? 7.308   20.885  -21.757 1.00 88.77  ? 12  U   C N3    1 
ATOM   848  C C4    . U   C 1 12 ? 6.127   21.133  -22.419 1.00 88.05  ? 12  U   C C4    1 
ATOM   849  O O4    . U   C 1 12 ? 5.809   20.430  -23.371 1.00 90.69  ? 12  U   C O4    1 
ATOM   850  C C5    . U   C 1 12 ? 5.371   22.227  -21.898 1.00 97.08  ? 12  U   C C5    1 
ATOM   851  C C6    . U   C 1 12 ? 5.839   22.918  -20.852 1.00 99.10  ? 12  U   C C6    1 
ATOM   852  P P     . C   C 1 13 ? 9.440   26.946  -21.551 1.00 114.95 ? 13  C   C P     1 
ATOM   853  O OP1   . C   C 1 13 ? 10.134  28.253  -21.435 1.00 105.00 ? 13  C   C OP1   1 
ATOM   854  O OP2   . C   C 1 13 ? 8.368   26.724  -22.585 1.00 93.41  ? 13  C   C OP2   1 
ATOM   855  O "O5'" . C   C 1 13 ? 10.566  25.846  -21.779 1.00 102.08 ? 13  C   C "O5'" 1 
ATOM   856  C "C5'" . C   C 1 13 ? 11.685  25.764  -20.888 1.00 93.44  ? 13  C   C "C5'" 1 
ATOM   857  C "C4'" . C   C 1 13 ? 12.504  24.524  -21.169 1.00 95.78  ? 13  C   C "C4'" 1 
ATOM   858  O "O4'" . C   C 1 13 ? 11.668  23.341  -21.055 1.00 96.89  ? 13  C   C "O4'" 1 
ATOM   859  C "C3'" . C   C 1 13 ? 13.116  24.392  -22.555 1.00 89.47  ? 13  C   C "C3'" 1 
ATOM   860  O "O3'" . C   C 1 13 ? 14.369  25.038  -22.718 1.00 87.93  ? 13  C   C "O3'" 1 
ATOM   861  C "C2'" . C   C 1 13 ? 13.381  22.901  -22.625 1.00 84.33  ? 13  C   C "C2'" 1 
ATOM   862  O "O2'" . C   C 1 13 ? 14.510  22.578  -21.843 1.00 80.86  ? 13  C   C "O2'" 1 
ATOM   863  C "C1'" . C   C 1 13 ? 12.115  22.356  -21.972 1.00 86.55  ? 13  C   C "C1'" 1 
ATOM   864  N N1    . C   C 1 13 ? 11.025  22.047  -22.917 1.00 84.55  ? 13  C   C N1    1 
ATOM   865  C C2    . C   C 1 13 ? 11.137  20.903  -23.712 1.00 83.98  ? 13  C   C C2    1 
ATOM   866  O O2    . C   C 1 13 ? 12.165  20.213  -23.629 1.00 86.45  ? 13  C   C O2    1 
ATOM   867  N N3    . C   C 1 13 ? 10.135  20.586  -24.560 1.00 77.57  ? 13  C   C N3    1 
ATOM   868  C C4    . C   C 1 13 ? 9.052   21.362  -24.630 1.00 77.12  ? 13  C   C C4    1 
ATOM   869  N N4    . C   C 1 13 ? 8.088   21.009  -25.476 1.00 85.33  ? 13  C   C N4    1 
ATOM   870  C C5    . C   C 1 13 ? 8.907   22.527  -23.826 1.00 71.99  ? 13  C   C C5    1 
ATOM   871  C C6    . C   C 1 13 ? 9.912   22.838  -23.002 1.00 75.35  ? 13  C   C C6    1 
ATOM   872  P P     . G   C 1 14 ? 14.800  25.518  -24.161 1.00 89.43  ? 14  G   C P     1 
ATOM   873  O OP1   . G   C 1 14 ? 16.137  26.129  -24.084 1.00 77.55  ? 14  G   C OP1   1 
ATOM   874  O OP2   . G   C 1 14 ? 13.638  26.232  -24.780 1.00 76.73  ? 14  G   C OP2   1 
ATOM   875  O "O5'" . G   C 1 14 ? 15.016  24.149  -24.924 1.00 89.80  ? 14  G   C "O5'" 1 
ATOM   876  C "C5'" . G   C 1 14 ? 16.279  23.480  -24.898 1.00 87.91  ? 14  G   C "C5'" 1 
ATOM   877  C "C4'" . G   C 1 14 ? 16.148  22.222  -25.707 1.00 88.45  ? 14  G   C "C4'" 1 
ATOM   878  O "O4'" . G   C 1 14 ? 14.830  21.660  -25.495 1.00 81.12  ? 14  G   C "O4'" 1 
ATOM   879  C "C3'" . G   C 1 14 ? 16.175  22.411  -27.211 1.00 83.85  ? 14  G   C "C3'" 1 
ATOM   880  O "O3'" . G   C 1 14 ? 17.491  22.599  -27.715 1.00 93.77  ? 14  G   C "O3'" 1 
ATOM   881  C "C2'" . G   C 1 14 ? 15.525  21.124  -27.693 1.00 78.33  ? 14  G   C "C2'" 1 
ATOM   882  O "O2'" . G   C 1 14 ? 16.450  20.066  -27.751 1.00 83.83  ? 14  G   C "O2'" 1 
ATOM   883  C "C1'" . G   C 1 14 ? 14.489  20.863  -26.604 1.00 73.98  ? 14  G   C "C1'" 1 
ATOM   884  N N9    . G   C 1 14 ? 13.107  21.147  -26.980 1.00 73.41  ? 14  G   C N9    1 
ATOM   885  C C8    . G   C 1 14 ? 12.303  22.172  -26.546 1.00 76.64  ? 14  G   C C8    1 
ATOM   886  N N7    . G   C 1 14 ? 11.086  22.104  -27.016 1.00 75.66  ? 14  G   C N7    1 
ATOM   887  C C5    . G   C 1 14 ? 11.086  20.959  -27.800 1.00 62.97  ? 14  G   C C5    1 
ATOM   888  C C6    . G   C 1 14 ? 10.050  20.374  -28.572 1.00 65.32  ? 14  G   C C6    1 
ATOM   889  O O6    . G   C 1 14 ? 8.896   20.775  -28.742 1.00 76.74  ? 14  G   C O6    1 
ATOM   890  N N1    . G   C 1 14 ? 10.479  19.218  -29.212 1.00 63.51  ? 14  G   C N1    1 
ATOM   891  C C2    . G   C 1 14 ? 11.742  18.690  -29.115 1.00 66.34  ? 14  G   C C2    1 
ATOM   892  N N2    . G   C 1 14 ? 11.964  17.565  -29.801 1.00 68.88  ? 14  G   C N2    1 
ATOM   893  N N3    . G   C 1 14 ? 12.721  19.234  -28.415 1.00 61.10  ? 14  G   C N3    1 
ATOM   894  C C4    . G   C 1 14 ? 12.325  20.358  -27.786 1.00 65.31  ? 14  G   C C4    1 
HETATM 895  O "O5'" . LCC D 1 1  ? -2.259  20.155  -37.313 1.00 105.63 ? 1   LCC D "O5'" 1 
HETATM 896  C "C5'" . LCC D 1 1  ? -2.052  19.221  -38.406 1.00 98.42  ? 1   LCC D "C5'" 1 
HETATM 897  C "C4'" . LCC D 1 1  ? -0.562  19.281  -38.697 1.00 88.15  ? 1   LCC D "C4'" 1 
HETATM 898  O "O4'" . LCC D 1 1  ? -0.010  20.609  -38.720 1.00 90.21  ? 1   LCC D "O4'" 1 
HETATM 899  C "C1'" . LCC D 1 1  ? 1.378   20.421  -38.538 1.00 78.22  ? 1   LCC D "C1'" 1 
HETATM 900  N N1    . LCC D 1 1  ? 1.808   21.253  -37.393 1.00 72.23  ? 1   LCC D N1    1 
HETATM 901  C C6    . LCC D 1 1  ? 0.915   22.037  -36.639 1.00 67.76  ? 1   LCC D C6    1 
HETATM 902  C C5    . LCC D 1 1  ? 1.444   22.827  -35.613 1.00 74.54  ? 1   LCC D C5    1 
HETATM 903  C C5M   . LCC D 1 1  ? 0.609   23.632  -34.795 1.00 77.85  ? 1   LCC D C5M   1 
HETATM 904  C C4    . LCC D 1 1  ? 2.834   22.791  -35.406 1.00 71.89  ? 1   LCC D C4    1 
HETATM 905  N N4    . LCC D 1 1  ? 3.325   23.529  -34.429 1.00 83.79  ? 1   LCC D N4    1 
HETATM 906  N N3    . LCC D 1 1  ? 3.654   22.047  -36.136 1.00 62.91  ? 1   LCC D N3    1 
HETATM 907  C C2    . LCC D 1 1  ? 3.127   21.308  -37.129 1.00 71.86  ? 1   LCC D C2    1 
HETATM 908  O O2    . LCC D 1 1  ? 3.898   20.631  -37.798 1.00 72.43  ? 1   LCC D O2    1 
HETATM 909  C "C3'" . LCC D 1 1  ? 0.235   18.695  -37.669 1.00 85.26  ? 1   LCC D "C3'" 1 
HETATM 910  C "C2'" . LCC D 1 1  ? 1.489   18.928  -38.379 1.00 82.62  ? 1   LCC D "C2'" 1 
HETATM 911  O "O2'" . LCC D 1 1  ? 1.254   18.210  -39.679 1.00 73.03  ? 1   LCC D "O2'" 1 
HETATM 912  O "O3'" . LCC D 1 1  ? -0.073  17.366  -37.745 1.00 84.72  ? 1   LCC D "O3'" 1 
HETATM 913  C "C6'" . LCC D 1 1  ? -0.171  18.454  -39.983 1.00 78.99  ? 1   LCC D "C6'" 1 
HETATM 914  O "O5'" . LCC D 1 2  ? 1.459   16.021  -36.381 1.00 75.95  ? 2   LCC D "O5'" 1 
HETATM 915  C "C5'" . LCC D 1 2  ? 2.079   15.102  -37.314 1.00 75.07  ? 2   LCC D "C5'" 1 
HETATM 916  C "C4'" . LCC D 1 2  ? 3.577   15.327  -37.134 1.00 75.78  ? 2   LCC D "C4'" 1 
HETATM 917  O "O4'" . LCC D 1 2  ? 3.892   16.688  -37.115 1.00 72.39  ? 2   LCC D "O4'" 1 
HETATM 918  C "C1'" . LCC D 1 2  ? 5.210   16.789  -36.533 1.00 72.21  ? 2   LCC D "C1'" 1 
HETATM 919  N N1    . LCC D 1 2  ? 5.183   17.870  -35.478 1.00 74.53  ? 2   LCC D N1    1 
HETATM 920  C C6    . LCC D 1 2  ? 3.956   18.414  -35.035 1.00 74.15  ? 2   LCC D C6    1 
HETATM 921  C C5    . LCC D 1 2  ? 3.962   19.462  -34.120 1.00 78.86  ? 2   LCC D C5    1 
HETATM 922  C C5M   . LCC D 1 2  ? 2.716   19.956  -33.678 1.00 83.35  ? 2   LCC D C5M   1 
HETATM 923  C C4    . LCC D 1 2  ? 5.206   19.943  -33.680 1.00 75.83  ? 2   LCC D C4    1 
HETATM 924  N N4    . LCC D 1 2  ? 5.230   20.923  -32.794 1.00 83.49  ? 2   LCC D N4    1 
HETATM 925  N N3    . LCC D 1 2  ? 6.350   19.424  -34.120 1.00 70.15  ? 2   LCC D N3    1 
HETATM 926  C C2    . LCC D 1 2  ? 6.337   18.419  -35.013 1.00 77.12  ? 2   LCC D C2    1 
HETATM 927  O O2    . LCC D 1 2  ? 7.428   17.987  -35.379 1.00 86.24  ? 2   LCC D O2    1 
HETATM 928  C "C3'" . LCC D 1 2  ? 4.090   14.962  -35.844 1.00 76.00  ? 2   LCC D "C3'" 1 
HETATM 929  C "C2'" . LCC D 1 2  ? 5.487   15.380  -36.168 1.00 75.38  ? 2   LCC D "C2'" 1 
HETATM 930  O "O2'" . LCC D 1 2  ? 5.797   14.618  -37.407 1.00 74.93  ? 2   LCC D "O2'" 1 
HETATM 931  O "O3'" . LCC D 1 2  ? 3.980   13.573  -35.610 1.00 77.21  ? 2   LCC D "O3'" 1 
HETATM 932  C "C6'" . LCC D 1 2  ? 4.503   14.540  -38.161 1.00 76.52  ? 2   LCC D "C6'" 1 
HETATM 933  P P     . LCC D 1 2  ? -0.195  16.312  -36.423 1.00 87.05  ? 2   LCC D P     1 
HETATM 934  O O1P   . LCC D 1 2  ? -0.724  15.019  -36.819 1.00 92.17  ? 2   LCC D O1P   1 
HETATM 935  O O2P   . LCC D 1 2  ? -0.461  17.147  -35.133 1.00 74.90  ? 2   LCC D O2P   1 
HETATM 936  O "O5'" . LCC D 1 3  ? 5.441   13.464  -33.692 1.00 76.89  ? 3   LCC D "O5'" 1 
HETATM 937  C "C5'" . LCC D 1 3  ? 6.318   12.461  -34.280 1.00 66.62  ? 3   LCC D "C5'" 1 
HETATM 938  C "C4'" . LCC D 1 3  ? 7.722   12.804  -33.807 1.00 68.18  ? 3   LCC D "C4'" 1 
HETATM 939  O "O4'" . LCC D 1 3  ? 7.967   14.182  -33.935 1.00 70.22  ? 3   LCC D "O4'" 1 
HETATM 940  C "C1'" . LCC D 1 3  ? 9.005   14.454  -32.985 1.00 64.23  ? 3   LCC D "C1'" 1 
HETATM 941  N N1    . LCC D 1 3  ? 8.406   15.542  -32.183 1.00 60.50  ? 3   LCC D N1    1 
HETATM 942  C C6    . LCC D 1 3  ? 7.019   15.794  -32.147 1.00 59.98  ? 3   LCC D C6    1 
HETATM 943  C C5    . LCC D 1 3  ? 6.556   16.895  -31.442 1.00 65.01  ? 3   LCC D C5    1 
HETATM 944  C C5M   . LCC D 1 3  ? 5.185   17.105  -31.400 1.00 70.09  ? 3   LCC D C5M   1 
HETATM 945  C C4    . LCC D 1 3  ? 7.485   17.742  -30.808 1.00 68.54  ? 3   LCC D C4    1 
HETATM 946  N N4    . LCC D 1 3  ? 7.062   18.819  -30.142 1.00 67.90  ? 3   LCC D N4    1 
HETATM 947  N N3    . LCC D 1 3  ? 8.801   17.491  -30.893 1.00 70.29  ? 3   LCC D N3    1 
HETATM 948  C C2    . LCC D 1 3  ? 9.238   16.411  -31.582 1.00 66.69  ? 3   LCC D C2    1 
HETATM 949  O O2    . LCC D 1 3  ? 10.451  16.215  -31.619 1.00 66.71  ? 3   LCC D O2    1 
HETATM 950  C "C3'" . LCC D 1 3  ? 7.944   12.578  -32.392 1.00 70.34  ? 3   LCC D "C3'" 1 
HETATM 951  C "C2'" . LCC D 1 3  ? 9.289   13.157  -32.383 1.00 67.68  ? 3   LCC D "C2'" 1 
HETATM 952  O "O2'" . LCC D 1 3  ? 9.945   12.306  -33.396 1.00 68.75  ? 3   LCC D "O2'" 1 
HETATM 953  O "O3'" . LCC D 1 3  ? 8.040   11.180  -32.022 1.00 71.86  ? 3   LCC D "O3'" 1 
HETATM 954  C "C6'" . LCC D 1 3  ? 8.915   12.036  -34.471 1.00 68.27  ? 3   LCC D "C6'" 1 
HETATM 955  P P     . LCC D 1 3  ? 3.848   13.129  -34.061 1.00 80.38  ? 3   LCC D P     1 
HETATM 956  O O1P   . LCC D 1 3  ? 3.496   11.717  -34.499 1.00 71.04  ? 3   LCC D O1P   1 
HETATM 957  O O2P   . LCC D 1 3  ? 3.667   13.970  -32.783 1.00 97.93  ? 3   LCC D O2P   1 
ATOM   958  P P     . G   D 1 4  ? 7.543   10.942  -30.547 1.00 72.03  ? 4   G   D P     1 
ATOM   959  O OP1   . G   D 1 4  ? 7.584   9.568   -30.928 1.00 56.96  ? 4   G   D OP1   1 
ATOM   960  O OP2   . G   D 1 4  ? 6.175   11.701  -30.002 1.00 79.45  ? 4   G   D OP2   1 
ATOM   961  O "O5'" . G   D 1 4  ? 8.663   11.338  -29.417 1.00 63.82  ? 4   G   D "O5'" 1 
ATOM   962  C "C5'" . G   D 1 4  ? 9.940   10.808  -29.762 1.00 65.31  ? 4   G   D "C5'" 1 
ATOM   963  C "C4'" . G   D 1 4  ? 10.964  11.454  -28.881 1.00 69.45  ? 4   G   D "C4'" 1 
ATOM   964  O "O4'" . G   D 1 4  ? 11.153  12.854  -29.258 1.00 68.06  ? 4   G   D "O4'" 1 
ATOM   965  C "C3'" . G   D 1 4  ? 10.580  11.602  -27.423 1.00 68.67  ? 4   G   D "C3'" 1 
ATOM   966  O "O3'" . G   D 1 4  ? 10.558  10.390  -26.705 1.00 68.98  ? 4   G   D "O3'" 1 
ATOM   967  C "C2'" . G   D 1 4  ? 11.650  12.578  -27.011 1.00 68.82  ? 4   G   D "C2'" 1 
ATOM   968  O "O2'" . G   D 1 4  ? 12.844  11.886  -27.313 1.00 67.60  ? 4   G   D "O2'" 1 
ATOM   969  C "C1'" . G   D 1 4  ? 11.483  13.625  -28.103 1.00 64.73  ? 4   G   D "C1'" 1 
ATOM   970  N N9    . G   D 1 4  ? 10.429  14.620  -27.864 1.00 64.20  ? 4   G   D N9    1 
ATOM   971  C C8    . G   D 1 4  ? 9.149   14.610  -28.361 1.00 67.62  ? 4   G   D C8    1 
ATOM   972  N N7    . G   D 1 4  ? 8.446   15.646  -27.992 1.00 67.91  ? 4   G   D N7    1 
ATOM   973  C C5    . G   D 1 4  ? 9.315   16.390  -27.209 1.00 67.84  ? 4   G   D C5    1 
ATOM   974  C C6    . G   D 1 4  ? 9.116   17.621  -26.536 1.00 79.93  ? 4   G   D C6    1 
ATOM   975  O O6    . G   D 1 4  ? 8.093   18.316  -26.484 1.00 85.26  ? 4   G   D O6    1 
ATOM   976  N N1    . G   D 1 4  ? 10.261  18.026  -25.857 1.00 81.29  ? 4   G   D N1    1 
ATOM   977  C C2    . G   D 1 4  ? 11.446  17.329  -25.827 1.00 82.64  ? 4   G   D C2    1 
ATOM   978  N N2    . G   D 1 4  ? 12.443  17.877  -25.108 1.00 78.12  ? 4   G   D N2    1 
ATOM   979  N N3    . G   D 1 4  ? 11.642  16.175  -26.447 1.00 78.05  ? 4   G   D N3    1 
ATOM   980  C C4    . G   D 1 4  ? 10.543  15.769  -27.117 1.00 65.34  ? 4   G   D C4    1 
ATOM   981  P P     . A   D 1 5  ? 9.605   10.217  -25.427 1.00 74.97  ? 5   A   D P     1 
ATOM   982  O OP1   . A   D 1 5  ? 9.602   8.780   -25.087 1.00 70.62  ? 5   A   D OP1   1 
ATOM   983  O OP2   . A   D 1 5  ? 8.339   10.937  -25.670 1.00 74.78  ? 5   A   D OP2   1 
ATOM   984  O "O5'" . A   D 1 5  ? 10.313  11.053  -24.277 1.00 66.62  ? 5   A   D "O5'" 1 
ATOM   985  C "C5'" . A   D 1 5  ? 11.662  10.775  -23.891 1.00 66.00  ? 5   A   D "C5'" 1 
ATOM   986  C "C4'" . A   D 1 5  ? 12.209  11.907  -23.055 1.00 68.88  ? 5   A   D "C4'" 1 
ATOM   987  O "O4'" . A   D 1 5  ? 12.154  13.136  -23.822 1.00 72.33  ? 5   A   D "O4'" 1 
ATOM   988  C "C3'" . A   D 1 5  ? 11.454  12.252  -21.775 1.00 70.50  ? 5   A   D "C3'" 1 
ATOM   989  O "O3'" . A   D 1 5  ? 11.754  11.355  -20.723 1.00 70.73  ? 5   A   D "O3'" 1 
ATOM   990  C "C2'" . A   D 1 5  ? 11.939  13.673  -21.538 1.00 77.66  ? 5   A   D "C2'" 1 
ATOM   991  O "O2'" . A   D 1 5  ? 13.246  13.808  -21.007 1.00 72.94  ? 5   A   D "O2'" 1 
ATOM   992  C "C1'" . A   D 1 5  ? 11.854  14.224  -22.960 1.00 73.67  ? 5   A   D "C1'" 1 
ATOM   993  N N9    . A   D 1 5  ? 10.534  14.757  -23.306 1.00 69.45  ? 5   A   D N9    1 
ATOM   994  C C8    . A   D 1 5  ? 9.552   14.232  -24.116 1.00 72.30  ? 5   A   D C8    1 
ATOM   995  N N7    . A   D 1 5  ? 8.483   14.986  -24.206 1.00 68.42  ? 5   A   D N7    1 
ATOM   996  C C5    . A   D 1 5  ? 8.778   16.077  -23.401 1.00 72.68  ? 5   A   D C5    1 
ATOM   997  C C6    . A   D 1 5  ? 8.061   17.243  -23.097 1.00 84.03  ? 5   A   D C6    1 
ATOM   998  N N6    . A   D 1 5  ? 6.839   17.499  -23.566 1.00 98.32  ? 5   A   D N6    1 
ATOM   999  N N1    . A   D 1 5  ? 8.644   18.146  -22.279 1.00 88.68  ? 5   A   D N1    1 
ATOM   1000 C C2    . A   D 1 5  ? 9.874   17.882  -21.806 1.00 90.17  ? 5   A   D C2    1 
ATOM   1001 N N3    . A   D 1 5  ? 10.651  16.821  -22.023 1.00 70.79  ? 5   A   D N3    1 
ATOM   1002 C C4    . A   D 1 5  ? 10.037  15.948  -22.841 1.00 70.83  ? 5   A   D C4    1 
ATOM   1003 P P     . C   D 1 6  ? 10.644  10.971  -19.621 1.00 71.42  ? 6   C   D P     1 
ATOM   1004 O OP1   . C   D 1 6  ? 11.177  9.822   -18.874 1.00 78.90  ? 6   C   D OP1   1 
ATOM   1005 O OP2   . C   D 1 6  ? 9.300   10.871  -20.244 1.00 58.31  ? 6   C   D OP2   1 
ATOM   1006 O "O5'" . C   D 1 6  ? 10.625  12.252  -18.681 1.00 72.53  ? 6   C   D "O5'" 1 
ATOM   1007 C "C5'" . C   D 1 6  ? 11.798  12.657  -17.964 1.00 75.83  ? 6   C   D "C5'" 1 
ATOM   1008 C "C4'" . C   D 1 6  ? 11.590  14.029  -17.384 1.00 84.47  ? 6   C   D "C4'" 1 
ATOM   1009 O "O4'" . C   D 1 6  ? 11.363  14.964  -18.467 1.00 84.33  ? 6   C   D "O4'" 1 
ATOM   1010 C "C3'" . C   D 1 6  ? 10.374  14.205  -16.484 1.00 88.26  ? 6   C   D "C3'" 1 
ATOM   1011 O "O3'" . C   D 1 6  ? 10.649  13.769  -15.163 1.00 96.07  ? 6   C   D "O3'" 1 
ATOM   1012 C "C2'" . C   D 1 6  ? 10.149  15.699  -16.589 1.00 84.62  ? 6   C   D "C2'" 1 
ATOM   1013 O "O2'" . C   D 1 6  ? 11.114  16.444  -15.871 1.00 82.87  ? 6   C   D "O2'" 1 
ATOM   1014 C "C1'" . C   D 1 6  ? 10.366  15.895  -18.082 1.00 81.25  ? 6   C   D "C1'" 1 
ATOM   1015 N N1    . C   D 1 6  ? 9.181   15.680  -18.920 1.00 72.13  ? 6   C   D N1    1 
ATOM   1016 C C2    . C   D 1 6  ? 8.233   16.700  -18.996 1.00 80.99  ? 6   C   D C2    1 
ATOM   1017 O O2    . C   D 1 6  ? 8.385   17.707  -18.292 1.00 94.59  ? 6   C   D O2    1 
ATOM   1018 N N3    . C   D 1 6  ? 7.163   16.553  -19.812 1.00 79.35  ? 6   C   D N3    1 
ATOM   1019 C C4    . C   D 1 6  ? 7.034   15.450  -20.549 1.00 71.04  ? 6   C   D C4    1 
ATOM   1020 N N4    . C   D 1 6  ? 5.964   15.341  -21.334 1.00 71.97  ? 6   C   D N4    1 
ATOM   1021 C C5    . C   D 1 6  ? 8.002   14.406  -20.514 1.00 75.63  ? 6   C   D C5    1 
ATOM   1022 C C6    . C   D 1 6  ? 9.049   14.561  -19.694 1.00 71.10  ? 6   C   D C6    1 
ATOM   1023 P P     . U   D 1 7  ? 9.450   13.383  -14.176 1.00 99.63  ? 7   U   D P     1 
ATOM   1024 O OP1   . U   D 1 7  ? 10.083  12.962  -12.901 1.00 102.93 ? 7   U   D OP1   1 
ATOM   1025 O OP2   . U   D 1 7  ? 8.527   12.452  -14.877 1.00 77.79  ? 7   U   D OP2   1 
ATOM   1026 O "O5'" . U   D 1 7  ? 8.623   14.745  -14.041 1.00 100.04 ? 7   U   D "O5'" 1 
ATOM   1027 C "C5'" . U   D 1 7  ? 9.102   15.839  -13.227 1.00 97.00  ? 7   U   D "C5'" 1 
ATOM   1028 C "C4'" . U   D 1 7  ? 8.030   16.883  -13.079 1.00 98.74  ? 7   U   D "C4'" 1 
ATOM   1029 O "O4'" . U   D 1 7  ? 7.760   17.468  -14.372 1.00 93.42  ? 7   U   D "O4'" 1 
ATOM   1030 C "C3'" . U   D 1 7  ? 6.672   16.387  -12.597 1.00 104.23 ? 7   U   D "C3'" 1 
ATOM   1031 O "O3'" . U   D 1 7  ? 6.617   16.357  -11.182 1.00 106.64 ? 7   U   D "O3'" 1 
ATOM   1032 C "C2'" . U   D 1 7  ? 5.725   17.449  -13.131 1.00 100.12 ? 7   U   D "C2'" 1 
ATOM   1033 O "O2'" . U   D 1 7  ? 5.527   18.598  -12.337 1.00 107.96 ? 7   U   D "O2'" 1 
ATOM   1034 C "C1'" . U   D 1 7  ? 6.390   17.810  -14.456 1.00 92.77  ? 7   U   D "C1'" 1 
ATOM   1035 N N1    . U   D 1 7  ? 5.800   17.073  -15.573 1.00 80.67  ? 7   U   D N1    1 
ATOM   1036 C C2    . U   D 1 7  ? 4.558   17.483  -16.017 1.00 84.03  ? 7   U   D C2    1 
ATOM   1037 O O2    . U   D 1 7  ? 3.951   18.408  -15.514 1.00 100.65 ? 7   U   D O2    1 
ATOM   1038 N N3    . U   D 1 7  ? 4.058   16.767  -17.075 1.00 84.12  ? 7   U   D N3    1 
ATOM   1039 C C4    . U   D 1 7  ? 4.649   15.694  -17.706 1.00 90.94  ? 7   U   D C4    1 
ATOM   1040 O O4    . U   D 1 7  ? 4.071   15.148  -18.642 1.00 88.53  ? 7   U   D O4    1 
ATOM   1041 C C5    . U   D 1 7  ? 5.926   15.319  -17.174 1.00 96.02  ? 7   U   D C5    1 
ATOM   1042 C C6    . U   D 1 7  ? 6.442   16.002  -16.147 1.00 84.02  ? 7   U   D C6    1 
ATOM   1043 P P     . U   D 1 8  ? 5.833   15.205  -10.422 1.00 110.32 ? 8   U   D P     1 
ATOM   1044 O OP1   . U   D 1 8  ? 6.462   15.091  -9.077  1.00 101.19 ? 8   U   D OP1   1 
ATOM   1045 O OP2   . U   D 1 8  ? 5.724   14.023  -11.317 1.00 103.60 ? 8   U   D OP2   1 
ATOM   1046 O "O5'" . U   D 1 8  ? 4.332   15.731  -10.386 1.00 101.57 ? 8   U   D "O5'" 1 
ATOM   1047 C "C5'" . U   D 1 8  ? 4.010   17.016  -9.836  1.00 107.83 ? 8   U   D "C5'" 1 
ATOM   1048 C "C4'" . U   D 1 8  ? 2.702   17.492  -10.404 1.00 110.50 ? 8   U   D "C4'" 1 
ATOM   1049 O "O4'" . U   D 1 8  ? 2.822   17.717  -11.832 1.00 100.21 ? 8   U   D "O4'" 1 
ATOM   1050 C "C3'" . U   D 1 8  ? 1.560   16.492  -10.321 1.00 115.53 ? 8   U   D "C3'" 1 
ATOM   1051 O "O3'" . U   D 1 8  ? 0.964   16.352  -9.037  1.00 118.16 ? 8   U   D "O3'" 1 
ATOM   1052 C "C2'" . U   D 1 8  ? 0.585   17.042  -11.352 1.00 105.12 ? 8   U   D "C2'" 1 
ATOM   1053 O "O2'" . U   D 1 8  ? -0.330  17.979  -10.830 1.00 98.95  ? 8   U   D "O2'" 1 
ATOM   1054 C "C1'" . U   D 1 8  ? 1.544   17.555  -12.432 1.00 102.05 ? 8   U   D "C1'" 1 
ATOM   1055 N N1    . U   D 1 8  ? 1.652   16.589  -13.533 1.00 108.92 ? 8   U   D N1    1 
ATOM   1056 C C2    . U   D 1 8  ? 0.665   16.612  -14.505 1.00 113.83 ? 8   U   D C2    1 
ATOM   1057 O O2    . U   D 1 8  ? -0.247  17.417  -14.507 1.00 120.36 ? 8   U   D O2    1 
ATOM   1058 N N3    . U   D 1 8  ? 0.799   15.667  -15.489 1.00 106.64 ? 8   U   D N3    1 
ATOM   1059 C C4    . U   D 1 8  ? 1.778   14.704  -15.588 1.00 105.09 ? 8   U   D C4    1 
ATOM   1060 O O4    . U   D 1 8  ? 1.758   13.917  -16.533 1.00 106.89 ? 8   U   D O4    1 
ATOM   1061 C C5    . U   D 1 8  ? 2.742   14.721  -14.529 1.00 112.87 ? 8   U   D C5    1 
ATOM   1062 C C6    . U   D 1 8  ? 2.641   15.630  -13.553 1.00 112.03 ? 8   U   D C6    1 
ATOM   1063 P P     . A   D 1 9  ? 0.376   14.925  -8.593  1.00 125.26 ? 9   A   D P     1 
ATOM   1064 O OP1   . A   D 1 9  ? 0.021   15.022  -7.163  1.00 119.03 ? 9   A   D OP1   1 
ATOM   1065 O OP2   . A   D 1 9  ? 1.324   13.873  -9.040  1.00 116.92 ? 9   A   D OP2   1 
ATOM   1066 O "O5'" . A   D 1 9  ? -0.943  14.764  -9.474  1.00 114.03 ? 9   A   D "O5'" 1 
ATOM   1067 C "C5'" . A   D 1 9  ? -2.212  15.204  -8.968  1.00 115.25 ? 9   A   D "C5'" 1 
ATOM   1068 C "C4'" . A   D 1 9  ? -3.262  15.241  -10.055 1.00 119.38 ? 9   A   D "C4'" 1 
ATOM   1069 O "O4'" . A   D 1 9  ? -2.682  15.674  -11.313 1.00 116.55 ? 9   A   D "O4'" 1 
ATOM   1070 C "C3'" . A   D 1 9  ? -3.923  13.913  -10.407 1.00 120.98 ? 9   A   D "C3'" 1 
ATOM   1071 O "O3'" . A   D 1 9  ? -4.909  13.464  -9.488  1.00 116.95 ? 9   A   D "O3'" 1 
ATOM   1072 C "C2'" . A   D 1 9  ? -4.512  14.204  -11.782 1.00 119.32 ? 9   A   D "C2'" 1 
ATOM   1073 O "O2'" . A   D 1 9  ? -5.819  14.739  -11.830 1.00 102.11 ? 9   A   D "O2'" 1 
ATOM   1074 C "C1'" . A   D 1 9  ? -3.420  15.097  -12.385 1.00 125.66 ? 9   A   D "C1'" 1 
ATOM   1075 N N9    . A   D 1 9  ? -2.512  14.317  -13.227 1.00 121.88 ? 9   A   D N9    1 
ATOM   1076 C C8    . A   D 1 9  ? -1.188  14.006  -13.047 1.00 113.20 ? 9   A   D C8    1 
ATOM   1077 N N7    . A   D 1 9  ? -0.692  13.249  -13.995 1.00 106.23 ? 9   A   D N7    1 
ATOM   1078 C C5    . A   D 1 9  ? -1.765  13.035  -14.847 1.00 103.81 ? 9   A   D C5    1 
ATOM   1079 C C6    . A   D 1 9  ? -1.894  12.312  -16.044 1.00 105.34 ? 9   A   D C6    1 
ATOM   1080 N N6    . A   D 1 9  ? -0.893  11.640  -16.612 1.00 92.82  ? 9   A   D N6    1 
ATOM   1081 N N1    . A   D 1 9  ? -3.104  12.299  -16.647 1.00 114.38 ? 9   A   D N1    1 
ATOM   1082 C C2    . A   D 1 9  ? -4.111  12.974  -16.072 1.00 122.21 ? 9   A   D C2    1 
ATOM   1083 N N3    . A   D 1 9  ? -4.115  13.682  -14.946 1.00 114.42 ? 9   A   D N3    1 
ATOM   1084 C C4    . A   D 1 9  ? -2.896  13.679  -14.379 1.00 107.72 ? 9   A   D C4    1 
ATOM   1085 P P     . A   D 1 10 ? -4.636  12.155  -8.622  1.00 121.78 ? 10  A   D P     1 
ATOM   1086 O OP1   . A   D 1 10 ? -5.468  12.234  -7.404  1.00 123.68 ? 10  A   D OP1   1 
ATOM   1087 O OP2   . A   D 1 10 ? -3.166  12.002  -8.485  1.00 120.18 ? 10  A   D OP2   1 
ATOM   1088 O "O5'" . A   D 1 10 ? -5.265  10.984  -9.502  1.00 102.75 ? 10  A   D "O5'" 1 
ATOM   1089 C "C5'" . A   D 1 10 ? -6.688  10.789  -9.510  1.00 100.76 ? 10  A   D "C5'" 1 
ATOM   1090 C "C4'" . A   D 1 10 ? -7.216  10.696  -10.919 1.00 105.96 ? 10  A   D "C4'" 1 
ATOM   1091 O "O4'" . A   D 1 10 ? -6.442  11.517  -11.841 1.00 104.55 ? 10  A   D "O4'" 1 
ATOM   1092 C "C3'" . A   D 1 10 ? -7.159  9.302   -11.527 1.00 111.84 ? 10  A   D "C3'" 1 
ATOM   1093 O "O3'" . A   D 1 10 ? -8.202  8.490   -11.013 1.00 120.07 ? 10  A   D "O3'" 1 
ATOM   1094 C "C2'" . A   D 1 10 ? -7.246  9.605   -13.015 1.00 107.00 ? 10  A   D "C2'" 1 
ATOM   1095 O "O2'" . A   D 1 10 ? -8.561  9.719   -13.511 1.00 100.23 ? 10  A   D "O2'" 1 
ATOM   1096 C "C1'" . A   D 1 10 ? -6.372  10.863  -13.107 1.00 110.85 ? 10  A   D "C1'" 1 
ATOM   1097 N N9    . A   D 1 10 ? -4.974  10.509  -13.390 1.00 119.16 ? 10  A   D N9    1 
ATOM   1098 C C8    . A   D 1 10 ? -3.871  10.578  -12.571 1.00 111.98 ? 10  A   D C8    1 
ATOM   1099 N N7    . A   D 1 10 ? -2.771  10.131  -13.129 1.00 101.53 ? 10  A   D N7    1 
ATOM   1100 C C5    . A   D 1 10 ? -3.181  9.721   -14.391 1.00 107.12 ? 10  A   D C5    1 
ATOM   1101 C C6    . A   D 1 10 ? -2.484  9.157   -15.475 1.00 105.98 ? 10  A   D C6    1 
ATOM   1102 N N6    . A   D 1 10 ? -1.177  8.898   -15.457 1.00 111.83 ? 10  A   D N6    1 
ATOM   1103 N N1    . A   D 1 10 ? -3.188  8.862   -16.592 1.00 100.77 ? 10  A   D N1    1 
ATOM   1104 C C2    . A   D 1 10 ? -4.501  9.123   -16.608 1.00 98.77  ? 10  A   D C2    1 
ATOM   1105 N N3    . A   D 1 10 ? -5.265  9.659   -15.656 1.00 99.43  ? 10  A   D N3    1 
ATOM   1106 C C4    . A   D 1 10 ? -4.536  9.940   -14.562 1.00 109.52 ? 10  A   D C4    1 
ATOM   1107 P P     . G   D 1 11 ? -7.840  7.136   -10.253 1.00 136.90 ? 11  G   D P     1 
ATOM   1108 O OP1   . G   D 1 11 ? -9.049  6.695   -9.514  1.00 122.30 ? 11  G   D OP1   1 
ATOM   1109 O OP2   . G   D 1 11 ? -6.580  7.363   -9.497  1.00 123.45 ? 11  G   D OP2   1 
ATOM   1110 O "O5'" . G   D 1 11 ? -7.646  6.112   -11.460 1.00 107.59 ? 11  G   D "O5'" 1 
ATOM   1111 C "C5'" . G   D 1 11 ? -8.812  5.741   -12.208 1.00 113.95 ? 11  G   D "C5'" 1 
ATOM   1112 C "C4'" . G   D 1 11 ? -8.502  5.481   -13.659 1.00 117.02 ? 11  G   D "C4'" 1 
ATOM   1113 O "O4'" . G   D 1 11 ? -7.587  6.472   -14.196 1.00 121.68 ? 11  G   D "O4'" 1 
ATOM   1114 C "C3'" . G   D 1 11 ? -7.790  4.177   -13.963 1.00 116.89 ? 11  G   D "C3'" 1 
ATOM   1115 O "O3'" . G   D 1 11 ? -8.598  3.027   -13.801 1.00 111.54 ? 11  G   D "O3'" 1 
ATOM   1116 C "C2'" . G   D 1 11 ? -7.319  4.434   -15.385 1.00 111.25 ? 11  G   D "C2'" 1 
ATOM   1117 O "O2'" . G   D 1 11 ? -8.283  4.244   -16.403 1.00 100.95 ? 11  G   D "O2'" 1 
ATOM   1118 C "C1'" . G   D 1 11 ? -6.819  5.872   -15.240 1.00 119.61 ? 11  G   D "C1'" 1 
ATOM   1119 N N9    . G   D 1 11 ? -5.399  5.914   -14.883 1.00 109.97 ? 11  G   D N9    1 
ATOM   1120 C C8    . G   D 1 11 ? -4.829  6.330   -13.704 1.00 99.75  ? 11  G   D C8    1 
ATOM   1121 N N7    . G   D 1 11 ? -3.526  6.230   -13.704 1.00 94.91  ? 11  G   D N7    1 
ATOM   1122 C C5    . G   D 1 11 ? -3.222  5.706   -14.952 1.00 99.39  ? 11  G   D C5    1 
ATOM   1123 C C6    . G   D 1 11 ? -1.965  5.387   -15.538 1.00 95.64  ? 11  G   D C6    1 
ATOM   1124 O O6    . G   D 1 11 ? -0.838  5.499   -15.046 1.00 88.60  ? 11  G   D O6    1 
ATOM   1125 N N1    . G   D 1 11 ? -2.112  4.882   -16.825 1.00 94.01  ? 11  G   D N1    1 
ATOM   1126 C C2    . G   D 1 11 ? -3.313  4.711   -17.473 1.00 102.24 ? 11  G   D C2    1 
ATOM   1127 N N2    . G   D 1 11 ? -3.258  4.208   -18.713 1.00 95.13  ? 11  G   D N2    1 
ATOM   1128 N N3    . G   D 1 11 ? -4.489  5.007   -16.941 1.00 108.09 ? 11  G   D N3    1 
ATOM   1129 C C4    . G   D 1 11 ? -4.367  5.505   -15.691 1.00 103.99 ? 11  G   D C4    1 
ATOM   1130 P P     . U   D 1 12 ? -8.006  1.733   -13.080 1.00 106.99 ? 12  U   D P     1 
ATOM   1131 O OP1   . U   D 1 12 ? -9.150  0.892   -12.666 1.00 120.30 ? 12  U   D OP1   1 
ATOM   1132 O OP2   . U   D 1 12 ? -7.005  2.165   -12.062 1.00 88.85  ? 12  U   D OP2   1 
ATOM   1133 O "O5'" . U   D 1 12 ? -7.362  0.934   -14.297 1.00 110.33 ? 12  U   D "O5'" 1 
ATOM   1134 C "C5'" . U   D 1 12 ? -8.139  0.710   -15.491 1.00 118.25 ? 12  U   D "C5'" 1 
ATOM   1135 C "C4'" . U   D 1 12 ? -7.270  0.180   -16.603 1.00 114.81 ? 12  U   D "C4'" 1 
ATOM   1136 O "O4'" . U   D 1 12 ? -6.408  1.237   -17.115 1.00 121.24 ? 12  U   D "O4'" 1 
ATOM   1137 C "C3'" . U   D 1 12 ? -6.312  -0.930  -16.218 1.00 108.44 ? 12  U   D "C3'" 1 
ATOM   1138 O "O3'" . U   D 1 12 ? -6.947  -2.186  -16.236 1.00 104.39 ? 12  U   D "O3'" 1 
ATOM   1139 C "C2'" . U   D 1 12 ? -5.261  -0.813  -17.303 1.00 108.61 ? 12  U   D "C2'" 1 
ATOM   1140 O "O2'" . U   D 1 12 ? -5.663  -1.395  -18.527 1.00 110.82 ? 12  U   D "O2'" 1 
ATOM   1141 C "C1'" . U   D 1 12 ? -5.121  0.705   -17.390 1.00 106.32 ? 12  U   D "C1'" 1 
ATOM   1142 N N1    . U   D 1 12 ? -4.164  1.264   -16.423 1.00 90.95  ? 12  U   D N1    1 
ATOM   1143 C C2    . U   D 1 12 ? -2.817  1.043   -16.650 1.00 92.50  ? 12  U   D C2    1 
ATOM   1144 O O2    . U   D 1 12 ? -2.402  0.391   -17.591 1.00 89.47  ? 12  U   D O2    1 
ATOM   1145 N N3    . U   D 1 12 ? -1.977  1.604   -15.721 1.00 86.63  ? 12  U   D N3    1 
ATOM   1146 C C4    . U   D 1 12 ? -2.331  2.338   -14.616 1.00 82.26  ? 12  U   D C4    1 
ATOM   1147 O O4    . U   D 1 12 ? -1.455  2.780   -13.879 1.00 83.14  ? 12  U   D O4    1 
ATOM   1148 C C5    . U   D 1 12 ? -3.735  2.522   -14.449 1.00 87.57  ? 12  U   D C5    1 
ATOM   1149 C C6    . U   D 1 12 ? -4.585  1.989   -15.334 1.00 87.81  ? 12  U   D C6    1 
ATOM   1150 P P     . C   D 1 13 ? -6.540  -3.285  -15.166 1.00 113.53 ? 13  C   D P     1 
ATOM   1151 O OP1   . C   D 1 13 ? -7.504  -4.405  -15.326 1.00 105.70 ? 13  C   D OP1   1 
ATOM   1152 O OP2   . C   D 1 13 ? -6.336  -2.614  -13.846 1.00 89.75  ? 13  C   D OP2   1 
ATOM   1153 O "O5'" . C   D 1 13 ? -5.113  -3.784  -15.661 1.00 96.51  ? 13  C   D "O5'" 1 
ATOM   1154 C "C5'" . C   D 1 13 ? -5.023  -4.474  -16.912 1.00 93.18  ? 13  C   D "C5'" 1 
ATOM   1155 C "C4'" . C   D 1 13 ? -3.610  -4.468  -17.436 1.00 93.94  ? 13  C   D "C4'" 1 
ATOM   1156 O "O4'" . C   D 1 13 ? -3.052  -3.130  -17.407 1.00 96.60  ? 13  C   D "O4'" 1 
ATOM   1157 C "C3'" . C   D 1 13 ? -2.603  -5.273  -16.645 1.00 85.16  ? 13  C   D "C3'" 1 
ATOM   1158 O "O3'" . C   D 1 13 ? -2.656  -6.642  -16.976 1.00 81.19  ? 13  C   D "O3'" 1 
ATOM   1159 C "C2'" . C   D 1 13 ? -1.294  -4.695  -17.140 1.00 79.84  ? 13  C   D "C2'" 1 
ATOM   1160 O "O2'" . C   D 1 13 ? -1.003  -5.188  -18.427 1.00 75.15  ? 13  C   D "O2'" 1 
ATOM   1161 C "C1'" . C   D 1 13 ? -1.644  -3.214  -17.230 1.00 85.82  ? 13  C   D "C1'" 1 
ATOM   1162 N N1    . C   D 1 13 ? -1.267  -2.447  -16.032 1.00 86.28  ? 13  C   D N1    1 
ATOM   1163 C C2    . C   D 1 13 ? 0.086   -2.166  -15.822 1.00 88.09  ? 13  C   D C2    1 
ATOM   1164 O O2    . C   D 1 13 ? 0.921   -2.591  -16.632 1.00 92.59  ? 13  C   D O2    1 
ATOM   1165 N N3    . C   D 1 13 ? 0.452   -1.442  -14.742 1.00 90.12  ? 13  C   D N3    1 
ATOM   1166 C C4    . C   D 1 13 ? -0.477  -0.996  -13.895 1.00 86.76  ? 13  C   D C4    1 
ATOM   1167 N N4    . C   D 1 13 ? -0.071  -0.285  -12.845 1.00 94.45  ? 13  C   D N4    1 
ATOM   1168 C C5    . C   D 1 13 ? -1.864  -1.252  -14.094 1.00 76.93  ? 13  C   D C5    1 
ATOM   1169 C C6    . C   D 1 13 ? -2.210  -1.989  -15.155 1.00 77.51  ? 13  C   D C6    1 
ATOM   1170 P P     . G   D 1 14 ? -2.208  -7.681  -15.884 1.00 95.13  ? 14  G   D P     1 
ATOM   1171 O OP1   . G   D 1 14 ? -2.324  -9.043  -16.467 1.00 88.77  ? 14  G   D OP1   1 
ATOM   1172 O OP2   . G   D 1 14 ? -2.895  -7.320  -14.609 1.00 74.40  ? 14  G   D OP2   1 
ATOM   1173 O "O5'" . G   D 1 14 ? -0.665  -7.352  -15.697 1.00 85.56  ? 14  G   D "O5'" 1 
ATOM   1174 C "C5'" . G   D 1 14 ? 0.299   -7.951  -16.569 1.00 84.43  ? 14  G   D "C5'" 1 
ATOM   1175 C "C4'" . G   D 1 14 ? 1.681   -7.506  -16.188 1.00 87.95  ? 14  G   D "C4'" 1 
ATOM   1176 O "O4'" . G   D 1 14 ? 1.711   -6.069  -16.017 1.00 86.28  ? 14  G   D "O4'" 1 
ATOM   1177 C "C3'" . G   D 1 14 ? 2.194   -7.995  -14.850 1.00 87.77  ? 14  G   D "C3'" 1 
ATOM   1178 O "O3'" . G   D 1 14 ? 2.606   -9.354  -14.877 1.00 100.79 ? 14  G   D "O3'" 1 
ATOM   1179 C "C2'" . G   D 1 14 ? 3.356   -7.042  -14.620 1.00 87.60  ? 14  G   D "C2'" 1 
ATOM   1180 O "O2'" . G   D 1 14 ? 4.510   -7.501  -15.296 1.00 90.50  ? 14  G   D "O2'" 1 
ATOM   1181 C "C1'" . G   D 1 14 ? 2.791   -5.726  -15.169 1.00 84.58  ? 14  G   D "C1'" 1 
ATOM   1182 N N9    . G   D 1 14 ? 2.307   -4.826  -14.121 1.00 81.63  ? 14  G   D N9    1 
ATOM   1183 C C8    . G   D 1 14 ? 1.009   -4.647  -13.706 1.00 82.53  ? 14  G   D C8    1 
ATOM   1184 N N7    . G   D 1 14 ? 0.894   -3.762  -12.751 1.00 77.94  ? 14  G   D N7    1 
ATOM   1185 C C5    . G   D 1 14 ? 2.194   -3.348  -12.507 1.00 70.73  ? 14  G   D C5    1 
ATOM   1186 C C6    . G   D 1 14 ? 2.699   -2.420  -11.563 1.00 70.32  ? 14  G   D C6    1 
ATOM   1187 O O6    . G   D 1 14 ? 2.080   -1.779  -10.713 1.00 73.71  ? 14  G   D O6    1 
ATOM   1188 N N1    . G   D 1 14 ? 4.079   -2.285  -11.665 1.00 67.61  ? 14  G   D N1    1 
ATOM   1189 C C2    . G   D 1 14 ? 4.873   -2.964  -12.558 1.00 67.21  ? 14  G   D C2    1 
ATOM   1190 N N2    . G   D 1 14 ? 6.182   -2.692  -12.513 1.00 69.79  ? 14  G   D N2    1 
ATOM   1191 N N3    . G   D 1 14 ? 4.418   -3.851  -13.426 1.00 66.68  ? 14  G   D N3    1 
ATOM   1192 C C4    . G   D 1 14 ? 3.079   -3.992  -13.347 1.00 74.91  ? 14  G   D C4    1 
HETATM 1193 C C2A   A 86P E 2 .  ? -6.125  -19.853 33.941  0.50 70.84  ? 101 86P A C2A   1 
HETATM 1194 C C2A   B 86P E 2 .  ? -6.092  -19.978 33.856  0.50 78.07  ? 101 86P A C2A   1 
HETATM 1195 C C4A   A 86P E 2 .  ? -5.265  -21.798 33.006  0.50 72.88  ? 101 86P A C4A   1 
HETATM 1196 C C4A   B 86P E 2 .  ? -5.445  -21.937 32.778  0.50 82.09  ? 101 86P A C4A   1 
HETATM 1197 C C5A   A 86P E 2 .  ? -6.412  -22.034 32.353  0.50 74.49  ? 101 86P A C5A   1 
HETATM 1198 C C5A   B 86P E 2 .  ? -6.647  -22.063 32.200  0.50 83.02  ? 101 86P A C5A   1 
HETATM 1199 C C6A   A 86P E 2 .  ? -7.450  -21.202 32.463  0.50 72.63  ? 101 86P A C6A   1 
HETATM 1200 C C6A   B 86P E 2 .  ? -7.602  -21.169 32.425  0.50 79.73  ? 101 86P A C6A   1 
HETATM 1201 N N2A   A 86P E 2 .  ? -5.960  -18.793 34.721  0.50 69.23  ? 101 86P A N2A   1 
HETATM 1202 N N2A   B 86P E 2 .  ? -5.814  -18.960 34.666  0.50 76.12  ? 101 86P A N2A   1 
HETATM 1203 O O3A   A 86P E 2 .  ? -3.419  -28.569 33.018  0.50 105.39 ? 101 86P A O3A   1 
HETATM 1204 O O3A   B 86P E 2 .  ? -5.161  -28.655 32.733  0.50 120.22 ? 101 86P A O3A   1 
HETATM 1205 O O6A   A 86P E 2 .  ? -8.504  -21.420 31.869  0.50 69.00  ? 101 86P A O6A   1 
HETATM 1206 O O6A   B 86P E 2 .  ? -8.701  -21.289 31.896  0.50 75.40  ? 101 86P A O6A   1 
HETATM 1207 O O1A   A 86P E 2 .  ? -5.602  -27.681 31.781  0.50 96.58  ? 101 86P A O1A   1 
HETATM 1208 O O1A   B 86P E 2 .  ? -5.415  -27.208 30.669  0.50 86.43  ? 101 86P A O1A   1 
HETATM 1209 P PA    A 86P E 2 .  ? -4.113  -27.748 31.746  0.50 101.05 ? 101 86P A PA    1 
HETATM 1210 P PA    B 86P E 2 .  ? -4.389  -27.754 31.593  0.50 106.28 ? 101 86P A PA    1 
HETATM 1211 P PB    A 86P E 2 .  ? -3.978  -29.840 33.907  0.50 103.73 ? 101 86P A PB    1 
HETATM 1212 P PB    B 86P E 2 .  ? -4.797  -30.218 33.182  0.50 128.01 ? 101 86P A PB    1 
HETATM 1213 P PC    A 86P E 2 .  ? -6.903  -29.762 34.752  0.50 103.91 ? 101 86P A PC    1 
HETATM 1214 P PC    B 86P E 2 .  ? -4.309  -29.073 35.802  0.50 113.86 ? 101 86P A PC    1 
HETATM 1215 P PG    A 86P E 2 .  ? -5.224  -28.193 36.793  0.50 120.16 ? 101 86P A PG    1 
HETATM 1216 P PG    B 86P E 2 .  ? -7.187  -27.968 36.080  0.50 106.26 ? 101 86P A PG    1 
HETATM 1217 C C1D   A 86P E 2 .  ? -2.970  -22.888 33.255  0.50 76.08  ? 101 86P A C1D   1 
HETATM 1218 C C1D   B 86P E 2 .  ? -3.263  -23.264 32.756  0.50 85.90  ? 101 86P A C1D   1 
HETATM 1219 C C1E   A 86P E 2 .  ? -6.558  -22.851 36.814  0.50 85.48  ? 101 86P A C1E   1 
HETATM 1220 C C1E   B 86P E 2 .  ? -6.588  -23.112 36.385  0.50 81.19  ? 101 86P A C1E   1 
HETATM 1221 N N1A   A 86P E 2 .  ? -7.333  -20.074 33.273  0.50 72.45  ? 101 86P A N1A   1 
HETATM 1222 N N1A   B 86P E 2 .  ? -7.351  -20.088 33.266  0.50 79.40  ? 101 86P A N1A   1 
HETATM 1223 N N1B   A 86P E 2 .  ? -11.073 -21.112 35.272  0.50 70.39  ? 101 86P A N1B   1 
HETATM 1224 N N1B   B 86P E 2 .  ? -11.083 -20.977 35.383  0.50 69.61  ? 101 86P A N1B   1 
HETATM 1225 O O1B   A 86P E 2 .  ? -3.420  -31.053 33.269  0.50 95.75  ? 101 86P A O1B   1 
HETATM 1226 O O1B   B 86P E 2 .  ? -4.015  -30.665 32.066  0.50 125.17 ? 101 86P A O1B   1 
HETATM 1227 O O1C   A 86P E 2 .  ? -7.514  -31.277 34.943  0.50 92.63  ? 101 86P A O1C   1 
HETATM 1228 O O1C   B 86P E 2 .  ? -3.743  -30.207 36.805  0.50 98.58  ? 101 86P A O1C   1 
HETATM 1229 O O1G   A 86P E 2 .  ? -5.828  -28.516 38.117  0.50 106.99 ? 101 86P A O1G   1 
HETATM 1230 O O1G   B 86P E 2 .  ? -7.893  -27.852 34.768  0.50 97.55  ? 101 86P A O1G   1 
HETATM 1231 C C2B   A 86P E 2 .  ? -10.169 -20.615 36.196  0.50 74.60  ? 101 86P A C2B   1 
HETATM 1232 C C2B   B 86P E 2 .  ? -10.071 -20.587 36.245  0.50 74.40  ? 101 86P A C2B   1 
HETATM 1233 C C2D   A 86P E 2 .  ? -2.804  -23.302 34.723  0.50 82.68  ? 101 86P A C2D   1 
HETATM 1234 C C2D   B 86P E 2 .  ? -2.981  -23.172 34.247  0.50 88.28  ? 101 86P A C2D   1 
HETATM 1235 C C2E   A 86P E 2 .  ? -6.971  -22.832 38.282  0.50 94.25  ? 101 86P A C2E   1 
HETATM 1236 C C2E   B 86P E 2 .  ? -6.857  -22.857 37.855  0.50 86.83  ? 101 86P A C2E   1 
HETATM 1237 N N2B   A 86P E 2 .  ? -10.439 -19.485 36.833  0.50 79.99  ? 101 86P A N2B   1 
HETATM 1238 N N2B   B 86P E 2 .  ? -10.202 -19.479 36.960  0.50 80.01  ? 101 86P A N2B   1 
HETATM 1239 O O2A   A 86P E 2 .  ? -3.439  -28.258 30.532  0.50 101.72 ? 101 86P A O2A   1 
HETATM 1240 O O2A   B 86P E 2 .  ? -3.229  -28.512 31.052  0.50 106.34 ? 101 86P A O2A   1 
HETATM 1241 O O2B   A 86P E 2 .  ? -3.583  -29.526 35.306  0.50 93.71  ? 101 86P A O2B   1 
HETATM 1242 O O2B   B 86P E 2 .  ? -5.963  -30.982 33.785  0.50 125.99 ? 101 86P A O2B   1 
HETATM 1243 O O2C   A 86P E 2 .  ? -8.107  -28.554 34.543  0.50 93.32  ? 101 86P A O2C   1 
HETATM 1244 O O2C   B 86P E 2 .  ? -3.756  -27.735 36.124  0.50 106.21 ? 101 86P A O2C   1 
HETATM 1245 O O2D   A 86P E 2 .  ? -1.616  -22.693 35.323  0.50 85.76  ? 101 86P A O2D   1 
HETATM 1246 O O2D   B 86P E 2 .  ? -2.277  -21.947 34.512  0.50 90.11  ? 101 86P A O2D   1 
HETATM 1247 O O2E   A 86P E 2 .  ? -6.361  -21.716 38.978  0.50 93.80  ? 101 86P A O2E   1 
HETATM 1248 O O2E   B 86P E 2 .  ? -6.177  -21.658 38.277  0.50 85.64  ? 101 86P A O2E   1 
HETATM 1249 O O2G   A 86P E 2 .  ? -3.756  -28.005 36.691  0.50 115.98 ? 101 86P A O2G   1 
HETATM 1250 O O2G   B 86P E 2 .  ? -7.998  -28.199 37.302  0.50 89.92  ? 101 86P A O2G   1 
HETATM 1251 C C3D   A 86P E 2 .  ? -2.543  -24.761 34.699  0.50 83.12  ? 101 86P A C3D   1 
HETATM 1252 C C3D   B 86P E 2 .  ? -2.106  -24.383 34.583  0.50 90.14  ? 101 86P A C3D   1 
HETATM 1253 C C3E   A 86P E 2 .  ? -6.476  -24.162 38.854  0.50 100.64 ? 101 86P A C3E   1 
HETATM 1254 C C3E   B 86P E 2 .  ? -6.289  -24.076 38.578  0.50 92.83  ? 101 86P A C3E   1 
HETATM 1255 N N3A   A 86P E 2 .  ? -5.119  -20.720 33.788  0.50 68.82  ? 101 86P A N3A   1 
HETATM 1256 N N3A   B 86P E 2 .  ? -5.166  -20.907 33.594  0.50 77.03  ? 101 86P A N3A   1 
HETATM 1257 N N3B   A 86P E 2 .  ? -9.026  -21.262 36.439  0.50 73.38  ? 101 86P A N3B   1 
HETATM 1258 N N3B   B 86P E 2 .  ? -8.961  -21.319 36.349  0.50 73.35  ? 101 86P A N3B   1 
HETATM 1259 O O3B   A 86P E 2 .  ? -5.656  -29.831 33.642  0.50 108.27 ? 101 86P A O3B   1 
HETATM 1260 O O3B   B 86P E 2 .  ? -3.802  -29.532 34.315  0.50 116.20 ? 101 86P A O3B   1 
HETATM 1261 O O3C   A 86P E 2 .  ? -5.545  -29.435 35.720  0.50 112.37 ? 101 86P A O3C   1 
HETATM 1262 O O3C   B 86P E 2 .  ? -6.009  -29.194 35.933  0.50 111.35 ? 101 86P A O3C   1 
HETATM 1263 O O3D   A 86P E 2 .  ? -1.611  -25.016 35.793  0.50 83.74  ? 101 86P A O3D   1 
HETATM 1264 O O3D   B 86P E 2 .  ? -0.783  -23.944 35.119  0.50 79.44  ? 101 86P A O3D   1 
HETATM 1265 O O3E   A 86P E 2 .  ? -5.544  -23.922 39.948  0.50 103.12 ? 101 86P A O3E   1 
HETATM 1266 O O3E   B 86P E 2 .  ? -5.559  -23.669 39.775  0.50 96.61  ? 101 86P A O3E   1 
HETATM 1267 C C4B   A 86P E 2 .  ? -8.752  -22.399 35.792  0.50 77.93  ? 101 86P A C4B   1 
HETATM 1268 C C4B   B 86P E 2 .  ? -8.832  -22.434 35.621  0.50 76.96  ? 101 86P A C4B   1 
HETATM 1269 C C4D   A 86P E 2 .  ? -1.868  -24.968 33.332  0.50 83.30  ? 101 86P A C4D   1 
HETATM 1270 C C4D   B 86P E 2 .  ? -2.028  -25.150 33.231  0.50 91.33  ? 101 86P A C4D   1 
HETATM 1271 C C4E   A 86P E 2 .  ? -5.791  -24.891 37.656  0.50 102.68 ? 101 86P A C4E   1 
HETATM 1272 C C4E   B 86P E 2 .  ? -5.376  -24.788 37.537  0.50 92.32  ? 101 86P A C4E   1 
HETATM 1273 O O4D   A 86P E 2 .  ? -2.292  -23.888 32.485  0.50 74.48  ? 101 86P A O4D   1 
HETATM 1274 O O4D   B 86P E 2 .  ? -3.022  -24.613 32.381  0.50 86.90  ? 101 86P A O4D   1 
HETATM 1275 O O4E   A 86P E 2 .  ? -5.479  -23.811 36.746  0.50 94.26  ? 101 86P A O4E   1 
HETATM 1276 O O4E   B 86P E 2 .  ? -5.805  -24.321 36.253  0.50 89.92  ? 101 86P A O4E   1 
HETATM 1277 C C5B   A 86P E 2 .  ? -9.606  -22.916 34.893  0.50 76.88  ? 101 86P A C5B   1 
HETATM 1278 C C5B   B 86P E 2 .  ? -9.791  -22.851 34.780  0.50 74.77  ? 101 86P A C5B   1 
HETATM 1279 C C5D   A 86P E 2 .  ? -2.206  -26.353 32.728  0.50 84.10  ? 101 86P A C5D   1 
HETATM 1280 C C5D   B 86P E 2 .  ? -2.590  -26.586 33.267  0.50 94.69  ? 101 86P A C5D   1 
HETATM 1281 C C5E   A 86P E 2 .  ? -6.720  -25.965 37.052  0.50 109.73 ? 101 86P A C5E   1 
HETATM 1282 C C5E   B 86P E 2 .  ? -5.613  -26.289 37.577  0.50 95.52  ? 101 86P A C5E   1 
HETATM 1283 O O5D   A 86P E 2 .  ? -3.477  -26.303 32.117  0.50 88.62  ? 101 86P A O5D   1 
HETATM 1284 O O5D   B 86P E 2 .  ? -3.785  -26.507 32.487  0.50 97.56  ? 101 86P A O5D   1 
HETATM 1285 O O5E   A 86P E 2 .  ? -5.905  -26.831 36.215  0.50 107.06 ? 101 86P A O5E   1 
HETATM 1286 O O5E   B 86P E 2 .  ? -6.289  -26.632 36.335  0.50 95.93  ? 101 86P A O5E   1 
HETATM 1287 C C6B   A 86P E 2 .  ? -10.753 -22.290 34.625  0.50 72.19  ? 101 86P A C6B   1 
HETATM 1288 C C6B   B 86P E 2 .  ? -10.909 -22.135 34.654  0.50 69.95  ? 101 86P A C6B   1 
HETATM 1289 O O6B   A 86P E 2 .  ? -11.547 -22.738 33.808  0.50 75.71  ? 101 86P A O6B   1 
HETATM 1290 O O6B   B 86P E 2 .  ? -11.811 -22.470 33.897  0.50 70.45  ? 101 86P A O6B   1 
HETATM 1291 N N7A   A 86P E 2 .  ? -6.265  -23.166 31.663  0.50 76.30  ? 101 86P A N7A   1 
HETATM 1292 N N7A   B 86P E 2 .  ? -6.647  -23.169 31.448  0.50 85.04  ? 101 86P A N7A   1 
HETATM 1293 N N7B   A 86P E 2 .  ? -9.075  -24.049 34.417  0.50 78.89  ? 101 86P A N7B   1 
HETATM 1294 N N7B   B 86P E 2 .  ? -9.382  -23.991 34.202  0.50 76.73  ? 101 86P A N7B   1 
HETATM 1295 C C8A   A 86P E 2 .  ? -5.030  -23.619 31.895  0.50 77.07  ? 101 86P A C8A   1 
HETATM 1296 C C8A   B 86P E 2 .  ? -5.442  -23.721 31.564  0.50 86.30  ? 101 86P A C8A   1 
HETATM 1297 C C8B   A 86P E 2 .  ? -7.894  -24.211 35.028  0.50 81.00  ? 101 86P A C8B   1 
HETATM 1298 C C8B   B 86P E 2 .  ? -8.167  -24.260 34.695  0.50 79.53  ? 101 86P A C8B   1 
HETATM 1299 N N9A   A 86P E 2 .  ? -4.408  -22.783 32.737  0.50 76.08  ? 101 86P A N9A   1 
HETATM 1300 N N9A   B 86P E 2 .  ? -4.699  -22.970 32.385  0.50 86.00  ? 101 86P A N9A   1 
HETATM 1301 N N9B   A 86P E 2 .  ? -7.695  -23.192 35.882  0.50 79.66  ? 101 86P A N9B   1 
HETATM 1302 N N9B   B 86P E 2 .  ? -7.832  -23.300 35.574  0.50 78.61  ? 101 86P A N9B   1 
HETATM 1303 C C2A   A 86P F 2 .  ? 4.873   1.214   9.360   0.50 107.18 ? 101 86P B C2A   1 
HETATM 1304 C C2A   B 86P F 2 .  ? 5.108   0.873   9.213   0.50 56.61  ? 101 86P B C2A   1 
HETATM 1305 C C4A   A 86P F 2 .  ? 3.785   3.143   10.087  0.50 117.55 ? 101 86P B C4A   1 
HETATM 1306 C C4A   B 86P F 2 .  ? 4.218   2.759   10.191  0.50 57.89  ? 101 86P B C4A   1 
HETATM 1307 C C5A   A 86P F 2 .  ? 2.708   2.851   9.347   0.50 116.49 ? 101 86P B C5A   1 
HETATM 1308 C C5A   B 86P F 2 .  ? 3.092   2.633   9.463   0.50 59.65  ? 101 86P B C5A   1 
HETATM 1309 C C6A   A 86P F 2 .  ? 2.678   1.747   8.602   0.50 108.98 ? 101 86P B C6A   1 
HETATM 1310 C C6A   B 86P F 2 .  ? 2.949   1.619   8.595   0.50 55.80  ? 101 86P B C6A   1 
HETATM 1311 N N2A   A 86P F 2 .  ? 5.931   0.413   9.358   0.50 110.83 ? 101 86P B N2A   1 
HETATM 1312 N N2A   B 86P F 2 .  ? 6.097   -0.002  9.071   0.50 58.18  ? 101 86P B N2A   1 
HETATM 1313 O O3A   A 86P F 2 .  ? 1.104   8.435   8.757   0.50 110.16 ? 101 86P B O3A   1 
HETATM 1314 O O3A   B 86P F 2 .  ? 3.021   9.202   9.905   0.50 77.26  ? 101 86P B O3A   1 
HETATM 1315 O O6A   A 86P F 2 .  ? 1.692   1.476   7.927   0.50 107.12 ? 101 86P B O6A   1 
HETATM 1316 O O6A   B 86P F 2 .  ? 1.937   1.467   7.916   0.50 52.67  ? 101 86P B O6A   1 
HETATM 1317 O O1A   A 86P F 2 .  ? 0.551   8.539   11.168  0.50 110.79 ? 101 86P B O1A   1 
HETATM 1318 O O1A   B 86P F 2 .  ? 1.161   7.680   10.753  0.50 74.40  ? 101 86P B O1A   1 
HETATM 1319 P PA    A 86P F 2 .  ? 1.579   8.965   10.198  0.50 121.26 ? 101 86P B PA    1 
HETATM 1320 P PA    B 86P F 2 .  ? 2.387   8.403   11.191  0.50 79.85  ? 101 86P B PA    1 
HETATM 1321 P PB    A 86P F 2 .  ? 1.863   8.825   7.403   0.50 104.31 ? 101 86P B PB    1 
HETATM 1322 P PB    B 86P F 2 .  ? 3.806   10.643  9.906   0.50 74.65  ? 101 86P B PB    1 
HETATM 1323 P PC    A 86P F 2 .  ? 4.638   9.470   8.146   0.50 145.46 ? 101 86P B PC    1 
HETATM 1324 P PC    B 86P F 2 .  ? 6.556   9.785   9.106   0.50 80.73  ? 101 86P B PC    1 
HETATM 1325 P PG    A 86P F 2 .  ? 5.445   8.242   5.794   0.50 122.55 ? 101 86P B PG    1 
HETATM 1326 P PG    B 86P F 2 .  ? 5.075   8.252   7.010   0.50 105.87 ? 101 86P B PG    1 
HETATM 1327 C C1D   A 86P F 2 .  ? 4.406   5.081   11.676  0.50 131.62 ? 101 86P B C1D   1 
HETATM 1328 C C1D   B 86P F 2 .  ? 5.191   4.328   11.940  0.50 62.32  ? 101 86P B C1D   1 
HETATM 1329 C C1E   A 86P F 2 .  ? 6.493   4.034   6.817   0.50 88.98  ? 101 86P B C1E   1 
HETATM 1330 C C1E   B 86P F 2 .  ? 6.749   3.982   6.903   0.50 77.27  ? 101 86P B C1E   1 
HETATM 1331 N N1A   A 86P F 2 .  ? 3.766   0.887   8.585   0.50 103.48 ? 101 86P B N1A   1 
HETATM 1332 N N1A   B 86P F 2 .  ? 3.965   0.709   8.449   0.50 53.39  ? 101 86P B N1A   1 
HETATM 1333 N N1B   A 86P F 2 .  ? 3.086   1.357   4.207   0.50 66.87  ? 101 86P B N1B   1 
HETATM 1334 N N1B   B 86P F 2 .  ? 3.121   1.478   4.234   0.50 61.95  ? 101 86P B N1B   1 
HETATM 1335 O O1B   A 86P F 2 .  ? 2.406   7.557   6.881   0.50 105.63 ? 101 86P B O1B   1 
HETATM 1336 O O1B   B 86P F 2 .  ? 3.652   11.212  8.538   0.50 75.81  ? 101 86P B O1B   1 
HETATM 1337 O O1C   A 86P F 2 .  ? 5.324   10.612  9.085   0.50 135.70 ? 101 86P B O1C   1 
HETATM 1338 O O1C   B 86P F 2 .  ? 6.957   8.429   9.769   0.50 85.09  ? 101 86P B O1C   1 
HETATM 1339 O O1G   A 86P F 2 .  ? 4.074   8.022   5.268   0.50 108.21 ? 101 86P B O1G   1 
HETATM 1340 O O1G   B 86P F 2 .  ? 3.689   7.798   7.275   0.50 113.04 ? 101 86P B O1G   1 
HETATM 1341 C C2B   A 86P F 2 .  ? 4.429   1.131   4.480   0.50 74.14  ? 101 86P B C2B   1 
HETATM 1342 C C2B   B 86P F 2 .  ? 4.462   1.162   4.459   0.50 67.48  ? 101 86P B C2B   1 
HETATM 1343 C C2D   A 86P F 2 .  ? 5.799   5.426   11.116  0.50 138.18 ? 101 86P B C2D   1 
HETATM 1344 C C2D   B 86P F 2 .  ? 6.515   4.812   11.298  0.50 67.05  ? 101 86P B C2D   1 
HETATM 1345 C C2E   A 86P F 2 .  ? 7.529   4.334   5.750   0.50 98.02  ? 101 86P B C2E   1 
HETATM 1346 C C2E   B 86P F 2 .  ? 7.810   4.080   5.830   0.50 84.18  ? 101 86P B C2E   1 
HETATM 1347 N N2B   A 86P F 2 .  ? 5.006   0.034   4.020   0.50 76.27  ? 101 86P B N2B   1 
HETATM 1348 N N2B   B 86P F 2 .  ? 4.951   0.047   3.944   0.50 69.23  ? 101 86P B N2B   1 
HETATM 1349 O O2A   A 86P F 2 .  ? 1.938   10.394  10.086  0.50 116.08 ? 101 86P B O2A   1 
HETATM 1350 O O2A   B 86P F 2 .  ? 2.346   9.272   12.393  0.50 78.57  ? 101 86P B O2A   1 
HETATM 1351 O O2B   A 86P F 2 .  ? 0.917   9.571   6.579   0.50 86.88  ? 101 86P B O2B   1 
HETATM 1352 O O2B   B 86P F 2 .  ? 3.319   11.415  11.059  0.50 77.76  ? 101 86P B O2B   1 
HETATM 1353 O O2C   A 86P F 2 .  ? 4.793   8.113   8.732   0.50 133.67 ? 101 86P B O2C   1 
HETATM 1354 O O2C   B 86P F 2 .  ? 7.431   10.793  8.618   0.50 80.08  ? 101 86P B O2C   1 
HETATM 1355 O O2D   A 86P F 2 .  ? 6.833   5.015   12.038  0.50 136.68 ? 101 86P B O2D   1 
HETATM 1356 O O2D   B 86P F 2 .  ? 7.665   4.492   12.105  0.50 69.93  ? 101 86P B O2D   1 
HETATM 1357 O O2E   A 86P F 2 .  ? 8.562   3.322   5.819   0.50 100.08 ? 101 86P B O2E   1 
HETATM 1358 O O2E   B 86P F 2 .  ? 8.879   3.151   6.149   0.50 82.51  ? 101 86P B O2E   1 
HETATM 1359 O O2G   A 86P F 2 .  ? 6.579   8.323   4.851   0.50 112.02 ? 101 86P B O2G   1 
HETATM 1360 O O2G   B 86P F 2 .  ? 5.477   8.503   5.606   0.50 109.68 ? 101 86P B O2G   1 
HETATM 1361 C C3D   A 86P F 2 .  ? 5.823   6.945   10.993  0.50 140.77 ? 101 86P B C3D   1 
HETATM 1362 C C3D   B 86P F 2 .  ? 6.463   6.303   11.297  0.50 67.32  ? 101 86P B C3D   1 
HETATM 1363 C C3E   A 86P F 2 .  ? 8.127   5.689   6.093   0.50 105.05 ? 101 86P B C3E   1 
HETATM 1364 C C3E   B 86P F 2 .  ? 8.332   5.505   5.899   0.50 89.04  ? 101 86P B C3E   1 
HETATM 1365 N N3A   A 86P F 2 .  ? 4.858   2.332   10.098  0.50 105.77 ? 101 86P B N3A   1 
HETATM 1366 N N3A   B 86P F 2 .  ? 5.219   1.894   10.074  0.50 53.14  ? 101 86P B N3A   1 
HETATM 1367 N N3B   A 86P F 2 .  ? 5.139   2.011   5.202   0.50 73.72  ? 101 86P B N3B   1 
HETATM 1368 N N3B   B 86P F 2 .  ? 5.257   1.969   5.188   0.50 65.63  ? 101 86P B N3B   1 
HETATM 1369 O O3B   A 86P F 2 .  ? 3.047   9.879   7.872   0.50 123.14 ? 101 86P B O3B   1 
HETATM 1370 O O3B   B 86P F 2 .  ? 5.385   10.262  10.186  0.50 74.23  ? 101 86P B O3B   1 
HETATM 1371 O O3C   A 86P F 2 .  ? 5.418   9.567   6.729   0.50 127.34 ? 101 86P B O3C   1 
HETATM 1372 O O3C   B 86P F 2 .  ? 5.359   9.625   7.928   0.50 98.95  ? 101 86P B O3C   1 
HETATM 1373 O O3D   A 86P F 2 .  ? 7.116   7.461   11.434  0.50 150.11 ? 101 86P B O3D   1 
HETATM 1374 O O3D   B 86P F 2 .  ? 7.835   6.791   11.521  0.50 66.85  ? 101 86P B O3D   1 
HETATM 1375 O O3E   A 86P F 2 .  ? 9.578   5.622   5.990   0.50 105.36 ? 101 86P B O3E   1 
HETATM 1376 O O3E   B 86P F 2 .  ? 9.762   5.502   5.633   0.50 85.58  ? 101 86P B O3E   1 
HETATM 1377 C C4B   A 86P F 2 .  ? 4.534   3.115   5.669   0.50 76.07  ? 101 86P B C4B   1 
HETATM 1378 C C4B   B 86P F 2 .  ? 4.742   3.091   5.712   0.50 68.36  ? 101 86P B C4B   1 
HETATM 1379 C C4D   A 86P F 2 .  ? 4.685   7.399   11.911  0.50 132.44 ? 101 86P B C4D   1 
HETATM 1380 C C4D   B 86P F 2 .  ? 5.523   6.595   12.484  0.50 65.07  ? 101 86P B C4D   1 
HETATM 1381 C C4E   A 86P F 2 .  ? 7.716   5.940   7.540   0.50 106.54 ? 101 86P B C4E   1 
HETATM 1382 C C4E   B 86P F 2 .  ? 8.053   5.916   7.353   0.50 91.27  ? 101 86P B C4E   1 
HETATM 1383 O O4D   A 86P F 2 .  ? 3.722   6.340   11.890  0.50 129.83 ? 101 86P B O4D   1 
HETATM 1384 O O4D   B 86P F 2 .  ? 4.645   5.477   12.604  0.50 62.38  ? 101 86P B O4D   1 
HETATM 1385 O O4E   A 86P F 2 .  ? 6.715   4.962   7.887   0.50 100.05 ? 101 86P B O4E   1 
HETATM 1386 O O4E   B 86P F 2 .  ? 6.966   5.084   7.807   0.50 86.61  ? 101 86P B O4E   1 
HETATM 1387 C C5B   A 86P F 2 .  ? 3.233   3.376   5.427   0.50 73.73  ? 101 86P B C5B   1 
HETATM 1388 C C5B   B 86P F 2 .  ? 3.449   3.432   5.516   0.50 67.79  ? 101 86P B C5B   1 
HETATM 1389 C C5D   A 86P F 2 .  ? 3.969   8.640   11.358  0.50 127.12 ? 101 86P B C5D   1 
HETATM 1390 C C5D   B 86P F 2 .  ? 4.630   7.817   12.231  0.50 64.65  ? 101 86P B C5D   1 
HETATM 1391 C C5E   A 86P F 2 .  ? 6.944   7.228   7.752   0.50 112.25 ? 101 86P B C5E   1 
HETATM 1392 C C5E   B 86P F 2 .  ? 7.516   7.334   7.542   0.50 96.54  ? 101 86P B C5E   1 
HETATM 1393 O O5D   A 86P F 2 .  ? 2.947   8.125   10.509  0.50 122.96 ? 101 86P B O5D   1 
HETATM 1394 O O5D   B 86P F 2 .  ? 3.533   7.342   11.503  0.50 68.10  ? 101 86P B O5D   1 
HETATM 1395 O O5E   A 86P F 2 .  ? 5.799   7.119   6.886   0.50 112.55 ? 101 86P B O5E   1 
HETATM 1396 O O5E   B 86P F 2 .  ? 6.081   7.171   7.612   0.50 97.68  ? 101 86P B O5E   1 
HETATM 1397 C C6B   A 86P F 2 .  ? 2.502   2.514   4.704   0.50 73.24  ? 101 86P B C6B   1 
HETATM 1398 C C6B   B 86P F 2 .  ? 2.635   2.657   4.793   0.50 68.83  ? 101 86P B C6B   1 
HETATM 1399 O O6B   A 86P F 2 .  ? 1.316   2.721   4.461   0.50 81.51  ? 101 86P B O6B   1 
HETATM 1400 O O6B   B 86P F 2 .  ? 1.461   2.979   4.614   0.50 80.07  ? 101 86P B O6B   1 
HETATM 1401 N N7A   A 86P F 2 .  ? 1.793   3.811   9.520   0.50 117.84 ? 101 86P B N7A   1 
HETATM 1402 N N7A   B 86P F 2 .  ? 2.275   3.645   9.790   0.50 61.68  ? 101 86P B N7A   1 
HETATM 1403 N N7B   A 86P F 2 .  ? 2.922   4.543   6.002   0.50 69.23  ? 101 86P B N7B   1 
HETATM 1404 N N7B   B 86P F 2 .  ? 3.217   4.590   6.132   0.50 65.97  ? 101 86P B N7B   1 
HETATM 1405 C C8A   A 86P F 2 .  ? 2.310   4.700   10.366  0.50 124.88 ? 101 86P B C8A   1 
HETATM 1406 C C8A   B 86P F 2 .  ? 2.914   4.377   10.713  0.50 65.02  ? 101 86P B C8A   1 
HETATM 1407 C C8B   A 86P F 2 .  ? 4.048   4.977   6.600   0.50 79.57  ? 101 86P B C8B   1 
HETATM 1408 C C8B   B 86P F 2 .  ? 4.378   4.945   6.714   0.50 71.26  ? 101 86P B C8B   1 
HETATM 1409 N N9A   A 86P F 2 .  ? 3.537   4.296   10.718  0.50 127.88 ? 101 86P B N9A   1 
HETATM 1410 N N9A   B 86P F 2 .  ? 4.124   3.836   10.959  0.50 62.69  ? 101 86P B N9A   1 
HETATM 1411 N N9B   A 86P F 2 .  ? 5.045   4.104   6.381   0.50 79.76  ? 101 86P B N9B   1 
HETATM 1412 N N9B   B 86P F 2 .  ? 5.319   4.032   6.444   0.50 70.17  ? 101 86P B N9B   1 
HETATM 1413 C C2A   A 86P G 2 .  ? 6.300   -3.414  -8.056  0.50 69.96  ? 101 86P C C2A   1 
HETATM 1414 C C2A   B 86P G 2 .  ? 6.262   -3.438  -8.090  0.50 77.78  ? 101 86P C C2A   1 
HETATM 1415 C C4A   A 86P G 2 .  ? 4.995   -4.878  -9.278  0.50 70.41  ? 101 86P C C4A   1 
HETATM 1416 C C4A   B 86P G 2 .  ? 4.917   -4.903  -9.278  0.50 79.82  ? 101 86P C C4A   1 
HETATM 1417 C C5A   A 86P G 2 .  ? 3.868   -4.265  -8.871  0.50 71.71  ? 101 86P C C5A   1 
HETATM 1418 C C5A   B 86P G 2 .  ? 3.810   -4.251  -8.886  0.50 80.40  ? 101 86P C C5A   1 
HETATM 1419 C C6A   A 86P G 2 .  ? 3.923   -3.219  -8.055  0.50 68.57  ? 101 86P C C6A   1 
HETATM 1420 C C6A   B 86P G 2 .  ? 3.893   -3.187  -8.096  0.50 76.31  ? 101 86P C C6A   1 
HETATM 1421 N N2A   A 86P G 2 .  ? 7.484   -2.985  -7.641  0.50 71.30  ? 101 86P C N2A   1 
HETATM 1422 N N2A   B 86P G 2 .  ? 7.459   -3.030  -7.685  0.50 79.29  ? 101 86P C N2A   1 
HETATM 1423 O O3A   A 86P G 2 .  ? 1.129   -9.951  -9.317  0.50 101.07 ? 101 86P C O3A   1 
HETATM 1424 O O3A   B 86P G 2 .  ? 1.338   -10.529 -9.214  0.50 120.86 ? 101 86P C O3A   1 
HETATM 1425 O O6A   A 86P G 2 .  ? 2.899   -2.659  -7.681  0.50 67.71  ? 101 86P C O6A   1 
HETATM 1426 O O6A   B 86P G 2 .  ? 2.880   -2.594  -7.739  0.50 74.90  ? 101 86P C O6A   1 
HETATM 1427 O O1A   A 86P G 2 .  ? 0.201   -7.988  -10.547 0.50 87.05  ? 101 86P C O1A   1 
HETATM 1428 O O1A   B 86P G 2 .  ? 0.134   -8.287  -9.476  0.50 110.78 ? 101 86P C O1A   1 
HETATM 1429 P PA    A 86P G 2 .  ? 1.098   -9.160  -10.724 0.50 94.62  ? 101 86P C PA    1 
HETATM 1430 P PA    B 86P G 2 .  ? 0.858   -9.342  -10.232 0.50 116.94 ? 101 86P C PA    1 
HETATM 1431 P PB    A 86P G 2 .  ? 1.042   -11.570 -9.125  0.50 101.47 ? 101 86P C PB    1 
HETATM 1432 P PB    B 86P G 2 .  ? 0.795   -12.071 -9.213  0.50 116.95 ? 101 86P C PB    1 
HETATM 1433 P PC    A 86P G 2 .  ? -0.301  -10.238 -6.883  0.50 99.23  ? 101 86P C PC    1 
HETATM 1434 P PC    B 86P G 2 .  ? 3.222   -12.496 -7.852  0.50 96.72  ? 101 86P C PC    1 
HETATM 1435 P PG    A 86P G 2 .  ? 2.498   -10.559 -5.996  0.50 124.28 ? 101 86P C PG    1 
HETATM 1436 P PG    B 86P G 2 .  ? 2.409   -10.391 -5.989  0.50 116.86 ? 101 86P C PG    1 
HETATM 1437 C C1D   A 86P G 2 .  ? 5.593   -6.821  -10.751 0.50 72.37  ? 101 86P C C1D   1 
HETATM 1438 C C1D   B 86P G 2 .  ? 5.417   -6.923  -10.725 0.50 83.10  ? 101 86P C C1D   1 
HETATM 1439 C C1E   A 86P G 2 .  ? 5.992   -6.578  -5.673  0.50 96.07  ? 101 86P C C1E   1 
HETATM 1440 C C1E   B 86P G 2 .  ? 5.803   -6.527  -5.678  0.50 77.92  ? 101 86P C C1E   1 
HETATM 1441 N N1A   A 86P G 2 .  ? 5.153   -2.760  -7.620  0.50 66.66  ? 101 86P C N1A   1 
HETATM 1442 N N1A   B 86P G 2 .  ? 5.132   -2.745  -7.669  0.50 74.04  ? 101 86P C N1A   1 
HETATM 1443 N N1B   A 86P G 2 .  ? 3.532   -2.789  -3.464  0.50 84.00  ? 101 86P C N1B   1 
HETATM 1444 N N1B   B 86P G 2 .  ? 3.801   -2.676  -3.314  0.50 62.35  ? 101 86P C N1B   1 
HETATM 1445 O O1B   A 86P G 2 .  ? 0.224   -12.137 -10.223 0.50 97.78  ? 101 86P C O1B   1 
HETATM 1446 O O1B   B 86P G 2 .  ? -0.072  -12.239 -8.020  0.50 115.71 ? 101 86P C O1B   1 
HETATM 1447 O O1C   A 86P G 2 .  ? -0.804  -9.082  -7.909  0.50 85.87  ? 101 86P C O1C   1 
HETATM 1448 O O1C   B 86P G 2 .  ? 3.931   -13.835 -7.313  0.50 93.14  ? 101 86P C O1C   1 
HETATM 1449 O O1G   A 86P G 2 .  ? 2.647   -10.858 -4.556  0.50 119.35 ? 101 86P C O1G   1 
HETATM 1450 O O1G   B 86P G 2 .  ? 1.452   -9.571  -6.768  0.50 121.98 ? 101 86P C O1G   1 
HETATM 1451 C C2B   A 86P G 2 .  ? 4.890   -3.123  -3.487  0.50 93.44  ? 101 86P C C2B   1 
HETATM 1452 C C2B   B 86P G 2 .  ? 5.117   -3.146  -3.440  0.50 70.78  ? 101 86P C C2B   1 
HETATM 1453 C C2D   A 86P G 2 .  ? 6.300   -7.760  -9.796  0.50 77.29  ? 101 86P C C2D   1 
HETATM 1454 C C2D   B 86P G 2 .  ? 6.163   -7.822  -9.753  0.50 88.18  ? 101 86P C C2D   1 
HETATM 1455 C C2E   A 86P G 2 .  ? 6.610   -6.886  -4.312  0.50 104.67 ? 101 86P C C2E   1 
HETATM 1456 C C2E   B 86P G 2 .  ? 6.497   -6.838  -4.353  0.50 88.07  ? 101 86P C C2E   1 
HETATM 1457 N N2B   A 86P G 2 .  ? 5.776   -2.370  -2.847  0.50 99.46  ? 101 86P C N2B   1 
HETATM 1458 N N2B   B 86P G 2 .  ? 6.124   -2.503  -2.859  0.50 74.94  ? 101 86P C N2B   1 
HETATM 1459 O O2A   A 86P G 2 .  ? 0.852   -10.113 -11.833 0.50 89.38  ? 101 86P C O2A   1 
HETATM 1460 O O2A   B 86P G 2 .  ? 0.220   -9.940  -11.427 0.50 111.46 ? 101 86P C O2A   1 
HETATM 1461 O O2B   A 86P G 2 .  ? 2.430   -12.081 -8.911  0.50 91.02  ? 101 86P C O2B   1 
HETATM 1462 O O2B   B 86P G 2 .  ? 0.278   -12.394 -10.560 0.50 114.02 ? 101 86P C O2B   1 
HETATM 1463 O O2C   A 86P G 2 .  ? -1.368  -10.516 -5.905  0.50 85.62  ? 101 86P C O2C   1 
HETATM 1464 O O2C   B 86P G 2 .  ? 4.205   -11.547 -8.408  0.50 88.06  ? 101 86P C O2C   1 
HETATM 1465 O O2D   A 86P G 2 .  ? 7.731   -7.538  -9.870  0.50 82.04  ? 101 86P C O2D   1 
HETATM 1466 O O2D   B 86P G 2 .  ? 7.501   -8.084  -10.244 0.50 89.44  ? 101 86P C O2D   1 
HETATM 1467 O O2E   A 86P G 2 .  ? 8.011   -6.533  -4.276  0.50 107.60 ? 101 86P C O2E   1 
HETATM 1468 O O2E   B 86P G 2 .  ? 7.858   -6.353  -4.361  0.50 92.45  ? 101 86P C O2E   1 
HETATM 1469 O O2G   A 86P G 2 .  ? 2.564   -11.677 -6.970  0.50 125.45 ? 101 86P C O2G   1 
HETATM 1470 O O2G   B 86P G 2 .  ? 2.266   -10.421 -4.516  0.50 109.75 ? 101 86P C O2G   1 
HETATM 1471 C C3D   A 86P G 2 .  ? 6.025   -9.135  -10.299 0.50 79.19  ? 101 86P C C3D   1 
HETATM 1472 C C3D   B 86P G 2 .  ? 5.398   -9.106  -9.754  0.50 90.54  ? 101 86P C C3D   1 
HETATM 1473 C C3E   A 86P G 2 .  ? 6.433   -8.396  -4.155  0.50 108.98 ? 101 86P C C3E   1 
HETATM 1474 C C3E   B 86P G 2 .  ? 6.478   -8.364  -4.247  0.50 93.26  ? 101 86P C C3E   1 
HETATM 1475 N N3A   A 86P G 2 .  ? 6.206   -4.465  -8.885  0.50 66.02  ? 101 86P C N3A   1 
HETATM 1476 N N3A   B 86P G 2 .  ? 6.139   -4.506  -8.892  0.50 74.48  ? 101 86P C N3A   1 
HETATM 1477 N N3B   A 86P G 2 .  ? 5.309   -4.209  -4.152  0.50 91.15  ? 101 86P C N3B   1 
HETATM 1478 N N3B   B 86P G 2 .  ? 5.375   -4.251  -4.148  0.50 68.92  ? 101 86P C N3B   1 
HETATM 1479 O O3B   A 86P G 2 .  ? 0.149   -11.607 -7.723  0.50 99.38  ? 101 86P C O3B   1 
HETATM 1480 O O3B   B 86P G 2 .  ? 2.145   -12.930 -8.963  0.50 105.92 ? 101 86P C O3B   1 
HETATM 1481 O O3C   A 86P G 2 .  ? 1.093   -9.660  -6.182  0.50 108.88 ? 101 86P C O3C   1 
HETATM 1482 O O3C   B 86P G 2 .  ? 2.422   -11.958 -6.522  0.50 105.58 ? 101 86P C O3C   1 
HETATM 1483 O O3D   A 86P G 2 .  ? 7.294   -9.677  -10.789 0.50 76.38  ? 101 86P C O3D   1 
HETATM 1484 O O3D   B 86P G 2 .  ? 6.366   -10.185 -9.671  0.50 95.31  ? 101 86P C O3D   1 
HETATM 1485 O O3E   A 86P G 2 .  ? 7.721   -9.053  -4.008  0.50 107.66 ? 101 86P C O3E   1 
HETATM 1486 O O3E   B 86P G 2 .  ? 7.828   -8.903  -4.113  0.50 93.28  ? 101 86P C O3E   1 
HETATM 1487 C C4B   A 86P G 2 .  ? 4.422   -4.966  -4.805  0.50 91.85  ? 101 86P C C4B   1 
HETATM 1488 C C4B   B 86P G 2 .  ? 4.365   -4.894  -4.746  0.50 70.09  ? 101 86P C C4B   1 
HETATM 1489 C C4D   A 86P G 2 .  ? 4.996   -8.971  -11.451 0.50 77.49  ? 101 86P C C4D   1 
HETATM 1490 C C4D   B 86P G 2 .  ? 4.689   -9.105  -11.114 0.50 91.48  ? 101 86P C C4D   1 
HETATM 1491 C C4E   A 86P G 2 .  ? 5.705   -8.825  -5.449  0.50 108.70 ? 101 86P C C4E   1 
HETATM 1492 C C4E   B 86P G 2 .  ? 5.794   -8.819  -5.552  0.50 93.13  ? 101 86P C C4E   1 
HETATM 1493 O O4D   A 86P G 2 .  ? 4.787   -7.597  -11.638 0.50 71.42  ? 101 86P C O4D   1 
HETATM 1494 O O4D   B 86P G 2 .  ? 4.544   -7.754  -11.501 0.50 82.91  ? 101 86P C O4D   1 
HETATM 1495 O O4E   A 86P G 2 .  ? 6.017   -7.823  -6.404  0.50 103.59 ? 101 86P C O4E   1 
HETATM 1496 O O4E   B 86P G 2 .  ? 5.860   -7.739  -6.461  0.50 86.62  ? 101 86P C O4E   1 
HETATM 1497 C C5B   A 86P G 2 .  ? 3.110   -4.681  -4.807  0.50 89.05  ? 101 86P C C5B   1 
HETATM 1498 C C5B   B 86P G 2 .  ? 3.085   -4.483  -4.651  0.50 65.12  ? 101 86P C C5B   1 
HETATM 1499 C C5D   A 86P G 2 .  ? 3.646   -9.663  -11.133 0.50 78.77  ? 101 86P C C5D   1 
HETATM 1500 C C5D   B 86P G 2 .  ? 3.302   -9.777  -11.042 0.50 94.76  ? 101 86P C C5D   1 
HETATM 1501 C C5E   A 86P G 2 .  ? 4.209   -8.765  -5.261  0.50 112.91 ? 101 86P C C5E   1 
HETATM 1502 C C5E   B 86P G 2 .  ? 4.324   -8.949  -5.331  0.50 98.93  ? 101 86P C C5E   1 
HETATM 1503 O O5D   A 86P G 2 .  ? 2.681   -8.687  -10.813 0.50 81.58  ? 101 86P C O5D   1 
HETATM 1504 O O5D   B 86P G 2 .  ? 2.355   -8.811  -10.640 0.50 102.63 ? 101 86P C O5D   1 
HETATM 1505 O O5E   A 86P G 2 .  ? 3.642   -9.490  -6.362  0.50 111.11 ? 101 86P C O5E   1 
HETATM 1506 O O5E   B 86P G 2 .  ? 3.864   -9.870  -6.311  0.50 101.89 ? 101 86P C O5E   1 
HETATM 1507 C C6B   A 86P G 2 .  ? 2.649   -3.617  -4.153  0.50 86.18  ? 101 86P C C6B   1 
HETATM 1508 C C6B   B 86P G 2 .  ? 2.795   -3.384  -3.940  0.50 61.96  ? 101 86P C C6B   1 
HETATM 1509 O O6B   A 86P G 2 .  ? 1.450   -3.360  -4.156  0.50 87.25  ? 101 86P C O6B   1 
HETATM 1510 O O6B   B 86P G 2 .  ? 1.651   -2.964  -3.824  0.50 58.95  ? 101 86P C O6B   1 
HETATM 1511 N N7A   A 86P G 2 .  ? 2.822   -4.890  -9.417  0.50 72.49  ? 101 86P C N7A   1 
HETATM 1512 N N7A   B 86P G 2 .  ? 2.745   -4.859  -9.415  0.50 81.61  ? 101 86P C N7A   1 
HETATM 1513 N N7B   A 86P G 2 .  ? 2.483   -5.610  -5.529  0.50 88.12  ? 101 86P C N7B   1 
HETATM 1514 N N7B   B 86P G 2 .  ? 2.326   -5.342  -5.348  0.50 62.77  ? 101 86P C N7B   1 
HETATM 1515 C C8A   A 86P G 2 .  ? 3.310   -5.888  -10.159 0.50 76.32  ? 101 86P C C8A   1 
HETATM 1516 C C8A   B 86P G 2 .  ? 3.198   -5.887  -10.133 0.50 86.17  ? 101 86P C C8A   1 
HETATM 1517 C C8B   A 86P G 2 .  ? 3.421   -6.461  -5.969  0.50 93.86  ? 101 86P C C8B   1 
HETATM 1518 C C8B   B 86P G 2 .  ? 3.164   -6.262  -5.863  0.50 71.65  ? 101 86P C C8B   1 
HETATM 1519 N N9A   A 86P G 2 .  ? 4.648   -5.886  -10.069 0.50 73.42  ? 101 86P C N9A   1 
HETATM 1520 N N9A   B 86P G 2 .  ? 4.536   -5.921  -10.047 0.50 83.94  ? 101 86P C N9A   1 
HETATM 1521 N N9B   A 86P G 2 .  ? 4.614   -6.060  -5.518  0.50 90.79  ? 101 86P C N9B   1 
HETATM 1522 N N9B   B 86P G 2 .  ? 4.422   -5.984  -5.482  0.50 71.30  ? 101 86P C N9B   1 
HETATM 1523 C C2A   A 86P H 2 .  ? 10.166  19.454  -33.199 0.50 62.64  ? 101 86P D C2A   1 
HETATM 1524 C C2A   B 86P H 2 .  ? 10.281  19.868  -32.792 0.50 98.41  ? 101 86P D C2A   1 
HETATM 1525 C C4A   A 86P H 2 .  ? 11.362  20.911  -31.884 0.50 66.49  ? 101 86P D C4A   1 
HETATM 1526 C C4A   B 86P H 2 .  ? 11.042  21.722  -31.584 0.50 117.89 ? 101 86P D C4A   1 
HETATM 1527 C C5A   A 86P H 2 .  ? 10.251  21.617  -31.591 0.50 71.11  ? 101 86P D C5A   1 
HETATM 1528 C C5A   B 86P H 2 .  ? 9.802   22.223  -31.451 0.50 119.16 ? 101 86P D C5A   1 
HETATM 1529 C C6A   A 86P H 2 .  ? 9.060   21.260  -32.088 0.50 67.07  ? 101 86P D C6A   1 
HETATM 1530 C C6A   B 86P H 2 .  ? 8.768   21.562  -31.984 0.50 110.17 ? 101 86P D C6A   1 
HETATM 1531 N N2A   A 86P H 2 .  ? 10.134  18.394  -33.987 0.50 60.96  ? 101 86P D N2A   1 
HETATM 1532 N N2A   B 86P H 2 .  ? 10.528  18.733  -33.441 0.50 92.59  ? 101 86P D N2A   1 
HETATM 1533 O O3A   A 86P H 2 .  ? 14.449  26.662  -31.311 0.50 88.38  ? 101 86P D O3A   1 
HETATM 1534 O O3A   B 86P H 2 .  ? 11.799  26.666  -31.107 0.50 117.91 ? 101 86P D O3A   1 
HETATM 1535 O O6A   A 86P H 2 .  ? 8.040   21.895  -31.822 0.50 72.32  ? 101 86P D O6A   1 
HETATM 1536 O O6A   B 86P H 2 .  ? 7.628   22.003  -31.871 0.50 115.97 ? 101 86P D O6A   1 
HETATM 1537 O O1A   A 86P H 2 .  ? 13.413  25.292  -29.466 0.50 74.66  ? 101 86P D O1A   1 
HETATM 1538 O O1A   B 86P H 2 .  ? 13.087  25.875  -29.142 0.50 120.99 ? 101 86P D O1A   1 
HETATM 1539 P PA    A 86P H 2 .  ? 14.679  25.463  -30.238 0.50 79.19  ? 101 86P D PA    1 
HETATM 1540 P PA    B 86P H 2 .  ? 13.242  26.605  -30.414 0.50 132.36 ? 101 86P D PA    1 
HETATM 1541 P PB    A 86P H 2 .  ? 15.673  27.476  -32.016 0.50 88.69  ? 101 86P D PB    1 
HETATM 1542 P PB    B 86P H 2 .  ? 11.701  26.909  -32.679 0.50 107.52 ? 101 86P D PB    1 
HETATM 1543 P PC    A 86P H 2 .  ? 16.885  25.855  -33.808 0.50 82.24  ? 101 86P D PC    1 
HETATM 1544 P PC    B 86P H 2 .  ? 14.139  26.617  -33.956 0.50 129.47 ? 101 86P D PC    1 
HETATM 1545 P PG    A 86P H 2 .  ? 15.192  25.631  -35.915 0.50 101.09 ? 101 86P D PG    1 
HETATM 1546 P PG    B 86P H 2 .  ? 12.320  26.744  -35.910 0.50 104.39 ? 101 86P D PG    1 
HETATM 1547 C C1D   A 86P H 2 .  ? 13.835  20.945  -31.376 0.50 69.91  ? 101 86P D C1D   1 
HETATM 1548 C C1D   B 86P H 2 .  ? 13.379  22.377  -30.893 0.50 135.84 ? 101 86P D C1D   1 
HETATM 1549 C C1E   A 86P H 2 .  ? 11.534  22.539  -35.468 0.50 77.96  ? 101 86P D C1E   1 
HETATM 1550 C C1E   B 86P H 2 .  ? 11.627  21.844  -36.573 0.50 72.44  ? 101 86P D C1E   1 
HETATM 1551 N N1A   A 86P H 2 .  ? 8.982   20.158  -32.918 0.50 62.28  ? 101 86P D N1A   1 
HETATM 1552 N N1A   B 86P H 2 .  ? 8.975   20.356  -32.673 0.50 99.64  ? 101 86P D N1A   1 
HETATM 1553 N N1B   A 86P H 2 .  ? 6.519   22.216  -35.830 0.50 60.91  ? 101 86P D N1B   1 
HETATM 1554 N N1B   B 86P H 2 .  ? 6.822   23.096  -35.065 0.50 66.83  ? 101 86P D N1B   1 
HETATM 1555 O O1B   A 86P H 2 .  ? 15.147  28.050  -33.292 0.50 86.00  ? 101 86P D O1B   1 
HETATM 1556 O O1B   B 86P H 2 .  ? 10.403  26.334  -33.135 0.50 97.65  ? 101 86P D O1B   1 
HETATM 1557 O O1C   A 86P H 2 .  ? 17.197  27.192  -34.639 0.50 85.50  ? 101 86P D O1C   1 
HETATM 1558 O O1C   B 86P H 2 .  ? 14.853  27.705  -32.987 0.50 130.32 ? 101 86P D O1C   1 
HETATM 1559 O O1G   A 86P H 2 .  ? 15.219  24.182  -36.165 0.50 101.64 ? 101 86P D O1G   1 
HETATM 1560 O O1G   B 86P H 2 .  ? 11.116  26.645  -35.054 0.50 100.43 ? 101 86P D O1G   1 
HETATM 1561 C C2B   A 86P H 2 .  ? 7.526   21.444  -36.416 0.50 62.08  ? 101 86P D C2B   1 
HETATM 1562 C C2B   B 86P H 2 .  ? 7.265   22.072  -35.928 0.50 69.23  ? 101 86P D C2B   1 
HETATM 1563 C C2D   A 86P H 2 .  ? 14.346  20.860  -32.804 0.50 69.87  ? 101 86P D C2D   1 
HETATM 1564 C C2D   B 86P H 2 .  ? 14.051  21.976  -32.219 0.50 133.03 ? 101 86P D C2D   1 
HETATM 1565 C C2E   A 86P H 2 .  ? 11.609  22.337  -36.983 0.50 82.49  ? 101 86P D C2E   1 
HETATM 1566 C C2E   B 86P H 2 .  ? 11.863  22.355  -38.006 0.50 76.95  ? 101 86P D C2E   1 
HETATM 1567 N N2B   A 86P H 2 .  ? 7.219   20.421  -37.201 0.50 56.83  ? 101 86P D N2B   1 
HETATM 1568 N N2B   B 86P H 2 .  ? 6.414   21.231  -36.507 0.50 68.62  ? 101 86P D N2B   1 
HETATM 1569 O O2A   A 86P H 2 .  ? 15.969  25.615  -29.528 0.50 78.79  ? 101 86P D O2A   1 
HETATM 1570 O O2A   B 86P H 2 .  ? 13.769  27.983  -30.402 0.50 128.01 ? 101 86P D O2A   1 
HETATM 1571 O O2B   A 86P H 2 .  ? 16.227  28.390  -30.995 0.50 88.08  ? 101 86P D O2B   1 
HETATM 1572 O O2B   B 86P H 2 .  ? 12.070  28.319  -32.973 0.50 85.84  ? 101 86P D O2B   1 
HETATM 1573 O O2C   A 86P H 2 .  ? 17.848  24.780  -34.126 0.50 81.03  ? 101 86P D O2C   1 
HETATM 1574 O O2C   B 86P H 2 .  ? 15.090  25.604  -34.489 0.50 125.38 ? 101 86P D O2C   1 
HETATM 1575 O O2D   A 86P H 2 .  ? 15.084  19.675  -32.980 0.50 68.01  ? 101 86P D O2D   1 
HETATM 1576 O O2D   B 86P H 2 .  ? 14.546  20.622  -32.137 0.50 118.71 ? 101 86P D O2D   1 
HETATM 1577 O O2E   A 86P H 2 .  ? 11.652  20.933  -37.293 0.50 76.61  ? 101 86P D O2E   1 
HETATM 1578 O O2E   B 86P H 2 .  ? 12.021  21.281  -38.948 0.50 75.30  ? 101 86P D O2E   1 
HETATM 1579 O O2G   A 86P H 2 .  ? 15.626  26.784  -36.859 0.50 98.53  ? 101 86P D O2G   1 
HETATM 1580 O O2G   B 86P H 2 .  ? 11.968  27.424  -37.177 0.50 93.29  ? 101 86P D O2G   1 
HETATM 1581 C C3D   A 86P H 2 .  ? 15.342  21.971  -32.974 0.50 70.80  ? 101 86P D C3D   1 
HETATM 1582 C C3D   B 86P H 2 .  ? 15.231  22.928  -32.388 0.50 133.28 ? 101 86P D C3D   1 
HETATM 1583 C C3E   A 86P H 2 .  ? 12.925  22.984  -37.372 0.50 90.89  ? 101 86P D C3E   1 
HETATM 1584 C C3E   B 86P H 2 .  ? 13.197  23.044  -37.947 0.50 82.62  ? 101 86P D C3E   1 
HETATM 1585 N N3A   A 86P H 2 .  ? 11.336  19.840  -32.678 0.50 59.20  ? 101 86P D N3A   1 
HETATM 1586 N N3A   B 86P H 2 .  ? 11.284  20.564  -32.241 0.50 100.46 ? 101 86P D N3A   1 
HETATM 1587 N N3B   A 86P H 2 .  ? 8.809   21.742  -36.169 0.50 64.13  ? 101 86P D N3B   1 
HETATM 1588 N N3B   B 86P H 2 .  ? 8.574   21.932  -36.183 0.50 68.66  ? 101 86P D N3B   1 
HETATM 1589 O O3B   A 86P H 2 .  ? 16.761  26.324  -32.299 0.50 76.35  ? 101 86P D O3B   1 
HETATM 1590 O O3B   B 86P H 2 .  ? 12.890  25.965  -33.179 0.50 112.44 ? 101 86P D O3B   1 
HETATM 1591 O O3C   A 86P H 2 .  ? 15.419  25.487  -34.327 0.50 92.41  ? 101 86P D O3C   1 
HETATM 1592 O O3C   B 86P H 2 .  ? 13.462  27.517  -35.117 0.50 116.28 ? 101 86P D O3C   1 
HETATM 1593 O O3D   A 86P H 2 .  ? 16.377  21.482  -33.851 0.50 68.51  ? 101 86P D O3D   1 
HETATM 1594 O O3D   B 86P H 2 .  ? 16.424  22.139  -32.595 0.50 136.75 ? 101 86P D O3D   1 
HETATM 1595 O O3E   A 86P H 2 .  ? 13.907  21.965  -37.634 0.50 89.01  ? 101 86P D O3E   1 
HETATM 1596 O O3E   B 86P H 2 .  ? 14.075  22.272  -38.793 0.50 83.37  ? 101 86P D O3E   1 
HETATM 1597 C C4B   A 86P H 2 .  ? 9.113   22.782  -35.362 0.50 68.04  ? 101 86P D C4B   1 
HETATM 1598 C C4B   B 86P H 2 .  ? 9.461   22.762  -35.613 0.50 69.38  ? 101 86P D C4B   1 
HETATM 1599 C C4D   A 86P H 2 .  ? 15.863  22.164  -31.563 0.50 70.60  ? 101 86P D C4D   1 
HETATM 1600 C C4D   B 86P H 2 .  ? 15.301  23.709  -31.068 0.50 130.69 ? 101 86P D C4D   1 
HETATM 1601 C C4E   A 86P H 2 .  ? 13.326  23.851  -36.142 0.50 93.92  ? 101 86P D C4E   1 
HETATM 1602 C C4E   B 86P H 2 .  ? 13.613  22.977  -36.457 0.50 84.83  ? 101 86P D C4E   1 
HETATM 1603 O O4D   A 86P H 2 .  ? 14.773  21.828  -30.717 0.50 71.13  ? 101 86P D O4D   1 
HETATM 1604 O O4D   B 86P H 2 .  ? 13.994  23.634  -30.493 0.50 138.45 ? 101 86P D O4D   1 
HETATM 1605 O O4E   A 86P H 2 .  ? 12.759  23.205  -35.012 0.50 85.84  ? 101 86P D O4E   1 
HETATM 1606 O O4E   B 86P H 2 .  ? 12.982  21.730  -36.076 0.50 76.22  ? 101 86P D O4E   1 
HETATM 1607 C C5B   A 86P H 2 .  ? 8.173   23.556  -34.788 0.50 68.27  ? 101 86P D C5B   1 
HETATM 1608 C C5B   B 86P H 2 .  ? 9.074   23.757  -34.782 0.50 72.52  ? 101 86P D C5B   1 
HETATM 1609 C C5D   A 86P H 2 .  ? 16.176  23.638  -31.252 0.50 70.76  ? 101 86P D C5D   1 
HETATM 1610 C C5D   B 86P H 2 .  ? 15.470  25.221  -31.266 0.50 127.98 ? 101 86P D C5D   1 
HETATM 1611 C C5E   A 86P H 2 .  ? 12.703  25.241  -36.187 0.50 101.50 ? 101 86P D C5E   1 
HETATM 1612 C C5E   B 86P H 2 .  ? 13.054  24.124  -35.578 0.50 90.19  ? 101 86P D C5E   1 
HETATM 1613 O O5D   A 86P H 2 .  ? 14.918  24.260  -31.244 0.50 72.48  ? 101 86P D O5D   1 
HETATM 1614 O O5D   B 86P H 2 .  ? 14.137  25.696  -31.492 0.50 129.70 ? 101 86P D O5D   1 
HETATM 1615 O O5E   A 86P H 2 .  ? 13.686  26.001  -35.497 0.50 101.81 ? 101 86P D O5E   1 
HETATM 1616 O O5E   B 86P H 2 .  ? 13.198  25.382  -36.293 0.50 100.62 ? 101 86P D O5E   1 
HETATM 1617 C C6B   A 86P H 2 .  ? 6.878   23.277  -35.016 0.50 61.79  ? 101 86P D C6B   1 
HETATM 1618 C C6B   B 86P H 2 .  ? 7.789   23.966  -34.480 0.50 75.14  ? 101 86P D C6B   1 
HETATM 1619 O O6B   A 86P H 2 .  ? 5.972   23.932  -34.514 0.50 61.91  ? 101 86P D O6B   1 
HETATM 1620 O O6B   B 86P H 2 .  ? 7.489   24.892  -33.701 0.50 78.71  ? 101 86P D O6B   1 
HETATM 1621 N N7A   A 86P H 2 .  ? 10.591  22.630  -30.778 0.50 77.89  ? 101 86P D N7A   1 
HETATM 1622 N N7A   B 86P H 2 .  ? 9.863   23.379  -30.757 0.50 115.56 ? 101 86P D N7A   1 
HETATM 1623 N N7B   A 86P H 2 .  ? 8.794   24.511  -34.049 0.50 70.60  ? 101 86P D N7B   1 
HETATM 1624 N N7B   B 86P H 2 .  ? 10.161  24.413  -34.374 0.50 69.19  ? 101 86P D N7B   1 
HETATM 1625 C C8A   A 86P H 2 .  ? 11.910  22.532  -30.589 0.50 79.05  ? 101 86P D C8A   1 
HETATM 1626 C C8A   B 86P H 2 .  ? 11.147  23.590  -30.464 0.50 122.76 ? 101 86P D C8A   1 
HETATM 1627 C C8B   A 86P H 2 .  ? 10.110  24.313  -34.177 0.50 71.02  ? 101 86P D C8B   1 
HETATM 1628 C C8B   B 86P H 2 .  ? 11.210  23.816  -34.952 0.50 68.19  ? 101 86P D C8B   1 
HETATM 1629 N N9A   A 86P H 2 .  ? 12.391  21.472  -31.271 0.50 71.85  ? 101 86P D N9A   1 
HETATM 1630 N N9A   B 86P H 2 .  ? 11.871  22.576  -30.979 0.50 131.26 ? 101 86P D N9A   1 
HETATM 1631 N N9B   A 86P H 2 .  ? 10.297  23.254  -34.993 0.50 71.75  ? 101 86P D N9B   1 
HETATM 1632 N N9B   B 86P H 2 .  ? 10.788  22.797  -35.721 0.50 68.20  ? 101 86P D N9B   1 
# 
loop_
_pdbx_poly_seq_scheme.asym_id 
_pdbx_poly_seq_scheme.entity_id 
_pdbx_poly_seq_scheme.seq_id 
_pdbx_poly_seq_scheme.mon_id 
_pdbx_poly_seq_scheme.ndb_seq_num 
_pdbx_poly_seq_scheme.pdb_seq_num 
_pdbx_poly_seq_scheme.auth_seq_num 
_pdbx_poly_seq_scheme.pdb_mon_id 
_pdbx_poly_seq_scheme.auth_mon_id 
_pdbx_poly_seq_scheme.pdb_strand_id 
_pdbx_poly_seq_scheme.pdb_ins_code 
_pdbx_poly_seq_scheme.hetero 
A 1 1  LCC 1  1  1  LCC LCC A . n 
A 1 2  LCC 2  2  2  LCC LCC A . n 
A 1 3  LCC 3  3  3  LCC LCC A . n 
A 1 4  G   4  4  4  G   G   A . n 
A 1 5  A   5  5  5  A   A   A . n 
A 1 6  C   6  6  6  C   C   A . n 
A 1 7  U   7  7  7  U   U   A . n 
A 1 8  U   8  8  8  U   U   A . n 
A 1 9  A   9  9  9  A   A   A . n 
A 1 10 A   10 10 10 A   A   A . n 
A 1 11 G   11 11 11 G   G   A . n 
A 1 12 U   12 12 12 U   U   A . n 
A 1 13 C   13 13 13 C   C   A . n 
A 1 14 G   14 14 14 G   G   A . n 
B 1 1  LCC 1  1  1  LCC LCC B . n 
B 1 2  LCC 2  2  2  LCC LCC B . n 
B 1 3  LCC 3  3  3  LCC LCC B . n 
B 1 4  G   4  4  4  G   G   B . n 
B 1 5  A   5  5  5  A   A   B . n 
B 1 6  C   6  6  6  C   C   B . n 
B 1 7  U   7  7  7  U   U   B . n 
B 1 8  U   8  8  8  U   U   B . n 
B 1 9  A   9  9  9  A   A   B . n 
B 1 10 A   10 10 10 A   A   B . n 
B 1 11 G   11 11 11 G   G   B . n 
B 1 12 U   12 12 12 U   U   B . n 
B 1 13 C   13 13 13 C   C   B . n 
B 1 14 G   14 14 14 G   G   B . n 
C 1 1  LCC 1  1  1  LCC LCC C . n 
C 1 2  LCC 2  2  2  LCC LCC C . n 
C 1 3  LCC 3  3  3  LCC LCC C . n 
C 1 4  G   4  4  4  G   G   C . n 
C 1 5  A   5  5  5  A   A   C . n 
C 1 6  C   6  6  6  C   C   C . n 
C 1 7  U   7  7  7  U   U   C . n 
C 1 8  U   8  8  8  U   U   C . n 
C 1 9  A   9  9  9  A   A   C . n 
C 1 10 A   10 10 10 A   A   C . n 
C 1 11 G   11 11 11 G   G   C . n 
C 1 12 U   12 12 12 U   U   C . n 
C 1 13 C   13 13 13 C   C   C . n 
C 1 14 G   14 14 14 G   G   C . n 
D 1 1  LCC 1  1  1  LCC LCC D . n 
D 1 2  LCC 2  2  2  LCC LCC D . n 
D 1 3  LCC 3  3  3  LCC LCC D . n 
D 1 4  G   4  4  4  G   G   D . n 
D 1 5  A   5  5  5  A   A   D . n 
D 1 6  C   6  6  6  C   C   D . n 
D 1 7  U   7  7  7  U   U   D . n 
D 1 8  U   8  8  8  U   U   D . n 
D 1 9  A   9  9  9  A   A   D . n 
D 1 10 A   10 10 10 A   A   D . n 
D 1 11 G   11 11 11 G   G   D . n 
D 1 12 U   12 12 12 U   U   D . n 
D 1 13 C   13 13 13 C   C   D . n 
D 1 14 G   14 14 14 G   G   D . n 
# 
loop_
_pdbx_nonpoly_scheme.asym_id 
_pdbx_nonpoly_scheme.entity_id 
_pdbx_nonpoly_scheme.mon_id 
_pdbx_nonpoly_scheme.ndb_seq_num 
_pdbx_nonpoly_scheme.pdb_seq_num 
_pdbx_nonpoly_scheme.auth_seq_num 
_pdbx_nonpoly_scheme.pdb_mon_id 
_pdbx_nonpoly_scheme.auth_mon_id 
_pdbx_nonpoly_scheme.pdb_strand_id 
_pdbx_nonpoly_scheme.pdb_ins_code 
E 2 86P 1 101 2 86P GP4 A . 
F 2 86P 1 101 1 86P GP4 B . 
G 2 86P 1 101 4 86P GP4 C . 
H 2 86P 1 101 3 86P GP4 D . 
# 
loop_
_pdbx_struct_assembly.id 
_pdbx_struct_assembly.details 
_pdbx_struct_assembly.method_details 
_pdbx_struct_assembly.oligomeric_details 
_pdbx_struct_assembly.oligomeric_count 
1 author_and_software_defined_assembly PISA dimeric 2 
2 author_and_software_defined_assembly PISA dimeric 2 
# 
loop_
_pdbx_struct_assembly_gen.assembly_id 
_pdbx_struct_assembly_gen.oper_expression 
_pdbx_struct_assembly_gen.asym_id_list 
1 1 A,B,E,F 
2 1 C,D,G,H 
# 
loop_
_pdbx_struct_assembly_prop.biol_id 
_pdbx_struct_assembly_prop.type 
_pdbx_struct_assembly_prop.value 
_pdbx_struct_assembly_prop.details 
1 'ABSA (A^2)' 1510 ? 
1 MORE         -1   ? 
1 'SSA (A^2)'  6180 ? 
2 'ABSA (A^2)' 1520 ? 
2 MORE         -1   ? 
2 'SSA (A^2)'  6160 ? 
# 
_pdbx_struct_oper_list.id                   1 
_pdbx_struct_oper_list.type                 'identity operation' 
_pdbx_struct_oper_list.name                 1_555 
_pdbx_struct_oper_list.symmetry_operation   x,y,z 
_pdbx_struct_oper_list.matrix[1][1]         1.0000000000 
_pdbx_struct_oper_list.matrix[1][2]         0.0000000000 
_pdbx_struct_oper_list.matrix[1][3]         0.0000000000 
_pdbx_struct_oper_list.vector[1]            0.0000000000 
_pdbx_struct_oper_list.matrix[2][1]         0.0000000000 
_pdbx_struct_oper_list.matrix[2][2]         1.0000000000 
_pdbx_struct_oper_list.matrix[2][3]         0.0000000000 
_pdbx_struct_oper_list.vector[2]            0.0000000000 
_pdbx_struct_oper_list.matrix[3][1]         0.0000000000 
_pdbx_struct_oper_list.matrix[3][2]         0.0000000000 
_pdbx_struct_oper_list.matrix[3][3]         1.0000000000 
_pdbx_struct_oper_list.vector[3]            0.0000000000 
# 
loop_
_pdbx_audit_revision_history.ordinal 
_pdbx_audit_revision_history.data_content_type 
_pdbx_audit_revision_history.major_revision 
_pdbx_audit_revision_history.minor_revision 
_pdbx_audit_revision_history.revision_date 
1 'Structure model' 1 0 2017-07-05 
2 'Structure model' 1 1 2017-07-19 
3 'Structure model' 1 2 2017-08-02 
4 'Structure model' 1 3 2023-10-04 
# 
_pdbx_audit_revision_details.ordinal             1 
_pdbx_audit_revision_details.revision_ordinal    1 
_pdbx_audit_revision_details.data_content_type   'Structure model' 
_pdbx_audit_revision_details.provider            repository 
_pdbx_audit_revision_details.type                'Initial release' 
_pdbx_audit_revision_details.description         ? 
_pdbx_audit_revision_details.details             ? 
# 
loop_
_pdbx_audit_revision_group.ordinal 
_pdbx_audit_revision_group.revision_ordinal 
_pdbx_audit_revision_group.data_content_type 
_pdbx_audit_revision_group.group 
1 2 'Structure model' 'Database references'    
2 3 'Structure model' 'Database references'    
3 4 'Structure model' 'Data collection'        
4 4 'Structure model' 'Database references'    
5 4 'Structure model' 'Refinement description' 
# 
loop_
_pdbx_audit_revision_category.ordinal 
_pdbx_audit_revision_category.revision_ordinal 
_pdbx_audit_revision_category.data_content_type 
_pdbx_audit_revision_category.category 
1 2 'Structure model' citation                      
2 2 'Structure model' citation_author               
3 3 'Structure model' citation                      
4 4 'Structure model' chem_comp_atom                
5 4 'Structure model' chem_comp_bond                
6 4 'Structure model' database_2                    
7 4 'Structure model' pdbx_initial_refinement_model 
# 
loop_
_pdbx_audit_revision_item.ordinal 
_pdbx_audit_revision_item.revision_ordinal 
_pdbx_audit_revision_item.data_content_type 
_pdbx_audit_revision_item.item 
1 2 'Structure model' '_citation.journal_abbrev'            
2 2 'Structure model' '_citation.pdbx_database_id_PubMed'   
3 2 'Structure model' '_citation.title'                     
4 2 'Structure model' '_citation_author.name'               
5 3 'Structure model' '_citation.journal_volume'            
6 3 'Structure model' '_citation.page_first'                
7 3 'Structure model' '_citation.page_last'                 
8 4 'Structure model' '_database_2.pdbx_DOI'                
9 4 'Structure model' '_database_2.pdbx_database_accession' 
# 
loop_
_software.citation_id 
_software.classification 
_software.compiler_name 
_software.compiler_version 
_software.contact_author 
_software.contact_author_email 
_software.date 
_software.description 
_software.dependencies 
_software.hardware 
_software.language 
_software.location 
_software.mods 
_software.name 
_software.os 
_software.os_version 
_software.type 
_software.version 
_software.pdbx_ordinal 
? refinement       ? ? ? ? ? ? ? ? ? ? ? REFMAC   ? ? ? 5.8.0135 1 
? 'data reduction' ? ? ? ? ? ? ? ? ? ? ? HKL-2000 ? ? ? .        2 
? 'data scaling'   ? ? ? ? ? ? ? ? ? ? ? HKL-2000 ? ? ? .        3 
? phasing          ? ? ? ? ? ? ? ? ? ? ? PHASER   ? ? ? .        4 
# 
loop_
_pdbx_validate_rmsd_bond.id 
_pdbx_validate_rmsd_bond.PDB_model_num 
_pdbx_validate_rmsd_bond.auth_atom_id_1 
_pdbx_validate_rmsd_bond.auth_asym_id_1 
_pdbx_validate_rmsd_bond.auth_comp_id_1 
_pdbx_validate_rmsd_bond.auth_seq_id_1 
_pdbx_validate_rmsd_bond.PDB_ins_code_1 
_pdbx_validate_rmsd_bond.label_alt_id_1 
_pdbx_validate_rmsd_bond.auth_atom_id_2 
_pdbx_validate_rmsd_bond.auth_asym_id_2 
_pdbx_validate_rmsd_bond.auth_comp_id_2 
_pdbx_validate_rmsd_bond.auth_seq_id_2 
_pdbx_validate_rmsd_bond.PDB_ins_code_2 
_pdbx_validate_rmsd_bond.label_alt_id_2 
_pdbx_validate_rmsd_bond.bond_value 
_pdbx_validate_rmsd_bond.bond_target_value 
_pdbx_validate_rmsd_bond.bond_deviation 
_pdbx_validate_rmsd_bond.bond_standard_deviation 
_pdbx_validate_rmsd_bond.linker_flag 
1 1 "O3'" A LCC 1 ? ? P   A LCC 2 ? ? 1.694 1.607 0.087 0.012 Y 
2 1 "O3'" A LCC 3 ? ? P   A G   4 ? ? 1.703 1.607 0.096 0.012 Y 
3 1 "O3'" B LCC 2 ? ? P   B LCC 3 ? ? 1.701 1.607 0.094 0.012 Y 
4 1 "O3'" B LCC 3 ? ? P   B G   4 ? ? 1.707 1.607 0.100 0.012 Y 
5 1 P     B G   4 ? ? OP2 B G   4 ? ? 1.647 1.485 0.162 0.017 N 
6 1 "O3'" C LCC 1 ? ? P   C LCC 2 ? ? 1.703 1.607 0.096 0.012 Y 
7 1 "O3'" C LCC 2 ? ? P   C LCC 3 ? ? 1.690 1.607 0.083 0.012 Y 
8 1 "O3'" D LCC 1 ? ? P   D LCC 2 ? ? 1.696 1.607 0.089 0.012 Y 
9 1 P     D G   4 ? ? OP2 D G   4 ? ? 1.657 1.485 0.172 0.017 N 
# 
loop_
_pdbx_validate_rmsd_angle.id 
_pdbx_validate_rmsd_angle.PDB_model_num 
_pdbx_validate_rmsd_angle.auth_atom_id_1 
_pdbx_validate_rmsd_angle.auth_asym_id_1 
_pdbx_validate_rmsd_angle.auth_comp_id_1 
_pdbx_validate_rmsd_angle.auth_seq_id_1 
_pdbx_validate_rmsd_angle.PDB_ins_code_1 
_pdbx_validate_rmsd_angle.label_alt_id_1 
_pdbx_validate_rmsd_angle.auth_atom_id_2 
_pdbx_validate_rmsd_angle.auth_asym_id_2 
_pdbx_validate_rmsd_angle.auth_comp_id_2 
_pdbx_validate_rmsd_angle.auth_seq_id_2 
_pdbx_validate_rmsd_angle.PDB_ins_code_2 
_pdbx_validate_rmsd_angle.label_alt_id_2 
_pdbx_validate_rmsd_angle.auth_atom_id_3 
_pdbx_validate_rmsd_angle.auth_asym_id_3 
_pdbx_validate_rmsd_angle.auth_comp_id_3 
_pdbx_validate_rmsd_angle.auth_seq_id_3 
_pdbx_validate_rmsd_angle.PDB_ins_code_3 
_pdbx_validate_rmsd_angle.label_alt_id_3 
_pdbx_validate_rmsd_angle.angle_value 
_pdbx_validate_rmsd_angle.angle_target_value 
_pdbx_validate_rmsd_angle.angle_deviation 
_pdbx_validate_rmsd_angle.angle_standard_deviation 
_pdbx_validate_rmsd_angle.linker_flag 
1  1 "C3'" A LCC 1 ? ? "O3'" A LCC 1 ? ? P     A LCC 2 ? ? 128.16 119.70 8.46   1.20 Y 
2  1 "O3'" A LCC 1 ? ? P     A LCC 2 ? ? "O5'" A LCC 2 ? ? 89.04  104.00 -14.96 1.90 Y 
3  1 "O3'" A LCC 3 ? ? P     A G   4 ? ? OP1   A G   4 ? ? 84.94  105.20 -20.26 2.20 Y 
4  1 "O5'" A U   8 ? ? P     A U   8 ? ? OP2   A U   8 ? ? 99.63  105.70 -6.07  0.90 N 
5  1 "C3'" B LCC 1 ? ? "O3'" B LCC 1 ? ? P     B LCC 2 ? ? 131.33 119.70 11.63  1.20 Y 
6  1 "O3'" B LCC 1 ? ? P     B LCC 2 ? ? "O5'" B LCC 2 ? ? 76.09  104.00 -27.91 1.90 Y 
7  1 "O3'" B LCC 2 ? ? P     B LCC 3 ? ? "O5'" B LCC 3 ? ? 86.90  104.00 -17.10 1.90 Y 
8  1 "C3'" B LCC 3 ? ? "O3'" B LCC 3 ? ? P     B G   4 ? ? 105.76 119.70 -13.94 1.20 Y 
9  1 "O3'" B LCC 3 ? ? P     B G   4 ? ? OP2   B G   4 ? ? 124.04 110.50 13.54  1.10 Y 
10 1 "O3'" B LCC 3 ? ? P     B G   4 ? ? OP1   B G   4 ? ? 85.30  105.20 -19.90 2.20 Y 
11 1 "C3'" C LCC 1 ? ? "O3'" C LCC 1 ? ? P     C LCC 2 ? ? 138.00 119.70 18.30  1.20 Y 
12 1 "O3'" C LCC 1 ? ? P     C LCC 2 ? ? "O5'" C LCC 2 ? ? 127.81 104.00 23.81  1.90 Y 
13 1 "C3'" C LCC 2 ? ? "O3'" C LCC 2 ? ? P     C LCC 3 ? ? 111.52 119.70 -8.18  1.20 Y 
14 1 "O3'" C LCC 2 ? ? P     C LCC 3 ? ? "O5'" C LCC 3 ? ? 82.20  104.00 -21.80 1.90 Y 
15 1 "C3'" C LCC 3 ? ? "O3'" C LCC 3 ? ? P     C G   4 ? ? 111.87 119.70 -7.83  1.20 Y 
16 1 "O3'" C LCC 3 ? ? P     C G   4 ? ? OP1   C G   4 ? ? 83.95  105.20 -21.25 2.20 Y 
17 1 "C3'" D LCC 3 ? ? "O3'" D LCC 3 ? ? P     D G   4 ? ? 111.36 119.70 -8.34  1.20 Y 
18 1 "O3'" D LCC 3 ? ? P     D G   4 ? ? OP2   D G   4 ? ? 119.98 110.50 9.48   1.10 Y 
19 1 "O3'" D LCC 3 ? ? P     D G   4 ? ? OP1   D G   4 ? ? 83.47  105.20 -21.73 2.20 Y 
20 1 P     D G   4 ? ? "O5'" D G   4 ? ? "C5'" D G   4 ? ? 110.83 120.90 -10.07 1.60 N 
# 
loop_
_chem_comp_atom.comp_id 
_chem_comp_atom.atom_id 
_chem_comp_atom.type_symbol 
_chem_comp_atom.pdbx_aromatic_flag 
_chem_comp_atom.pdbx_stereo_config 
_chem_comp_atom.pdbx_ordinal 
86P C2A    C N N 1   
86P C4A    C Y N 2   
86P C5A    C Y N 3   
86P C6A    C N N 4   
86P N2A    N N N 5   
86P O3A    O N N 6   
86P O6A    O N N 7   
86P O1A    O N N 8   
86P PA     P N N 9   
86P PB     P N N 10  
86P PC     P N N 11  
86P PG     P N N 12  
86P C1D    C N R 13  
86P C1E    C N R 14  
86P N1A    N N N 15  
86P N1B    N N N 16  
86P O1B    O N N 17  
86P O1C    O N N 18  
86P O1G    O N N 19  
86P C2B    C N N 20  
86P C2D    C N R 21  
86P C2E    C N R 22  
86P N2B    N N N 23  
86P O2A    O N N 24  
86P O2B    O N N 25  
86P O2C    O N N 26  
86P O2D    O N N 27  
86P O2E    O N N 28  
86P O2G    O N N 29  
86P C3D    C N S 30  
86P C3E    C N S 31  
86P N3A    N N N 32  
86P N3B    N N N 33  
86P O3B    O N N 34  
86P O3C    O N N 35  
86P O3D    O N N 36  
86P O3E    O N N 37  
86P C4B    C Y N 38  
86P C4D    C N R 39  
86P C4E    C N R 40  
86P O4D    O N N 41  
86P O4E    O N N 42  
86P C5B    C Y N 43  
86P C5D    C N N 44  
86P C5E    C N N 45  
86P O5D    O N N 46  
86P O5E    O N N 47  
86P C6B    C N N 48  
86P O6B    O N N 49  
86P N7A    N Y N 50  
86P N7B    N Y N 51  
86P C8A    C Y N 52  
86P C8B    C Y N 53  
86P N9A    N Y N 54  
86P N9B    N Y N 55  
86P H1     H N N 56  
86P H2     H N N 57  
86P H3     H N N 58  
86P H4     H N N 59  
86P H5     H N N 60  
86P H6     H N N 61  
86P H7     H N N 62  
86P H8     H N N 63  
86P H9     H N N 64  
86P H10    H N N 65  
86P H11    H N N 66  
86P H12    H N N 67  
86P H13    H N N 68  
86P H14    H N N 69  
86P H15    H N N 70  
86P H16    H N N 71  
86P H17    H N N 72  
86P H18    H N N 73  
86P H19    H N N 74  
86P H20    H N N 75  
86P H21    H N N 76  
86P H22    H N N 77  
86P H23    H N N 78  
86P H24    H N N 79  
86P H25    H N N 80  
86P H26    H N N 81  
86P H27    H N N 82  
86P H28    H N N 83  
A   OP3    O N N 84  
A   P      P N N 85  
A   OP1    O N N 86  
A   OP2    O N N 87  
A   "O5'"  O N N 88  
A   "C5'"  C N N 89  
A   "C4'"  C N R 90  
A   "O4'"  O N N 91  
A   "C3'"  C N S 92  
A   "O3'"  O N N 93  
A   "C2'"  C N R 94  
A   "O2'"  O N N 95  
A   "C1'"  C N R 96  
A   N9     N Y N 97  
A   C8     C Y N 98  
A   N7     N Y N 99  
A   C5     C Y N 100 
A   C6     C Y N 101 
A   N6     N N N 102 
A   N1     N Y N 103 
A   C2     C Y N 104 
A   N3     N Y N 105 
A   C4     C Y N 106 
A   HOP3   H N N 107 
A   HOP2   H N N 108 
A   "H5'"  H N N 109 
A   "H5''" H N N 110 
A   "H4'"  H N N 111 
A   "H3'"  H N N 112 
A   "HO3'" H N N 113 
A   "H2'"  H N N 114 
A   "HO2'" H N N 115 
A   "H1'"  H N N 116 
A   H8     H N N 117 
A   H61    H N N 118 
A   H62    H N N 119 
A   H2     H N N 120 
C   OP3    O N N 121 
C   P      P N N 122 
C   OP1    O N N 123 
C   OP2    O N N 124 
C   "O5'"  O N N 125 
C   "C5'"  C N N 126 
C   "C4'"  C N R 127 
C   "O4'"  O N N 128 
C   "C3'"  C N S 129 
C   "O3'"  O N N 130 
C   "C2'"  C N R 131 
C   "O2'"  O N N 132 
C   "C1'"  C N R 133 
C   N1     N N N 134 
C   C2     C N N 135 
C   O2     O N N 136 
C   N3     N N N 137 
C   C4     C N N 138 
C   N4     N N N 139 
C   C5     C N N 140 
C   C6     C N N 141 
C   HOP3   H N N 142 
C   HOP2   H N N 143 
C   "H5'"  H N N 144 
C   "H5''" H N N 145 
C   "H4'"  H N N 146 
C   "H3'"  H N N 147 
C   "HO3'" H N N 148 
C   "H2'"  H N N 149 
C   "HO2'" H N N 150 
C   "H1'"  H N N 151 
C   H41    H N N 152 
C   H42    H N N 153 
C   H5     H N N 154 
C   H6     H N N 155 
G   OP3    O N N 156 
G   P      P N N 157 
G   OP1    O N N 158 
G   OP2    O N N 159 
G   "O5'"  O N N 160 
G   "C5'"  C N N 161 
G   "C4'"  C N R 162 
G   "O4'"  O N N 163 
G   "C3'"  C N S 164 
G   "O3'"  O N N 165 
G   "C2'"  C N R 166 
G   "O2'"  O N N 167 
G   "C1'"  C N R 168 
G   N9     N Y N 169 
G   C8     C Y N 170 
G   N7     N Y N 171 
G   C5     C Y N 172 
G   C6     C N N 173 
G   O6     O N N 174 
G   N1     N N N 175 
G   C2     C N N 176 
G   N2     N N N 177 
G   N3     N N N 178 
G   C4     C Y N 179 
G   HOP3   H N N 180 
G   HOP2   H N N 181 
G   "H5'"  H N N 182 
G   "H5''" H N N 183 
G   "H4'"  H N N 184 
G   "H3'"  H N N 185 
G   "HO3'" H N N 186 
G   "H2'"  H N N 187 
G   "HO2'" H N N 188 
G   "H1'"  H N N 189 
G   H8     H N N 190 
G   H1     H N N 191 
G   H21    H N N 192 
G   H22    H N N 193 
LCC "O5'"  O N N 194 
LCC "C5'"  C N N 195 
LCC "C4'"  C N R 196 
LCC "O4'"  O N N 197 
LCC "C1'"  C N R 198 
LCC N1     N N N 199 
LCC C6     C N N 200 
LCC C5     C N N 201 
LCC C5M    C N N 202 
LCC C4     C N N 203 
LCC N4     N N N 204 
LCC N3     N N N 205 
LCC C2     C N N 206 
LCC O2     O N N 207 
LCC "C3'"  C N S 208 
LCC "C2'"  C N R 209 
LCC "O2'"  O N N 210 
LCC "O3'"  O N N 211 
LCC "C6'"  C N N 212 
LCC P      P N N 213 
LCC O1P    O N N 214 
LCC O2P    O N N 215 
LCC OXT    O N N 216 
LCC "H5'1" H N N 217 
LCC "H5'2" H N N 218 
LCC "H1'"  H N N 219 
LCC H6     H N N 220 
LCC H5M1   H N N 221 
LCC H5M2   H N N 222 
LCC H5M3   H N N 223 
LCC H41    H N N 224 
LCC H42    H N N 225 
LCC "H3'"  H N N 226 
LCC "H2'1" H N N 227 
LCC H3T    H N N 228 
LCC "H6'1" H N N 229 
LCC "H6'2" H N N 230 
LCC H1P    H N N 231 
LCC HXT    H N N 232 
U   OP3    O N N 233 
U   P      P N N 234 
U   OP1    O N N 235 
U   OP2    O N N 236 
U   "O5'"  O N N 237 
U   "C5'"  C N N 238 
U   "C4'"  C N R 239 
U   "O4'"  O N N 240 
U   "C3'"  C N S 241 
U   "O3'"  O N N 242 
U   "C2'"  C N R 243 
U   "O2'"  O N N 244 
U   "C1'"  C N R 245 
U   N1     N N N 246 
U   C2     C N N 247 
U   O2     O N N 248 
U   N3     N N N 249 
U   C4     C N N 250 
U   O4     O N N 251 
U   C5     C N N 252 
U   C6     C N N 253 
U   HOP3   H N N 254 
U   HOP2   H N N 255 
U   "H5'"  H N N 256 
U   "H5''" H N N 257 
U   "H4'"  H N N 258 
U   "H3'"  H N N 259 
U   "HO3'" H N N 260 
U   "H2'"  H N N 261 
U   "HO2'" H N N 262 
U   "H1'"  H N N 263 
U   H3     H N N 264 
U   H5     H N N 265 
U   H6     H N N 266 
# 
loop_
_chem_comp_bond.comp_id 
_chem_comp_bond.atom_id_1 
_chem_comp_bond.atom_id_2 
_chem_comp_bond.value_order 
_chem_comp_bond.pdbx_aromatic_flag 
_chem_comp_bond.pdbx_stereo_config 
_chem_comp_bond.pdbx_ordinal 
86P O2G   PG     doub N N 1   
86P O3C   PG     sing N N 2   
86P O3C   PC     sing N N 3   
86P PG    O1G    sing N N 4   
86P PG    O5E    sing N N 5   
86P O1C   PC     doub N N 6   
86P O2B   PB     doub N N 7   
86P O3B   PC     sing N N 8   
86P O3B   PB     sing N N 9   
86P PC    O2C    sing N N 10  
86P O3E   C3E    sing N N 11  
86P PB    O1B    sing N N 12  
86P PB    O3A    sing N N 13  
86P O5E   C5E    sing N N 14  
86P C3E   C4E    sing N N 15  
86P C3E   C2E    sing N N 16  
86P C5E   C4E    sing N N 17  
86P O2A   PA     doub N N 18  
86P C4E   O4E    sing N N 19  
86P C2E   O2E    sing N N 20  
86P C2E   C1E    sing N N 21  
86P O3A   PA     sing N N 22  
86P PA    O5D    sing N N 23  
86P PA    O1A    sing N N 24  
86P C8B   N7B    doub Y N 25  
86P C8B   N9B    sing Y N 26  
86P C5D   O5D    sing N N 27  
86P C5D   C4D    sing N N 28  
86P O4E   C1E    sing N N 29  
86P N7B   C5B    sing Y N 30  
86P C1E   N9B    sing N N 31  
86P N9B   C4B    sing Y N 32  
86P O3D   C3D    sing N N 33  
86P C5B   C4B    doub Y N 34  
86P C5B   C6B    sing N N 35  
86P C4B   N3B    sing N N 36  
86P C3D   C4D    sing N N 37  
86P C3D   C2D    sing N N 38  
86P O6B   C6B    doub N N 39  
86P C6B   N1B    sing N N 40  
86P N3B   C2B    doub N N 41  
86P C4D   O4D    sing N N 42  
86P N1B   C2B    sing N N 43  
86P C2B   N2B    sing N N 44  
86P C2D   O2D    sing N N 45  
86P C2D   C1D    sing N N 46  
86P O4D   C1D    sing N N 47  
86P C8A   N9A    sing Y N 48  
86P C8A   N7A    doub Y N 49  
86P C1D   N9A    sing N N 50  
86P N9A   C4A    sing Y N 51  
86P N7A   C5A    sing Y N 52  
86P C4A   C5A    doub Y N 53  
86P C4A   N3A    sing N N 54  
86P C5A   C6A    sing N N 55  
86P N3A   C2A    doub N N 56  
86P C6A   O6A    doub N N 57  
86P C6A   N1A    sing N N 58  
86P C2A   N1A    sing N N 59  
86P C2A   N2A    sing N N 60  
86P N2A   H1     sing N N 61  
86P N2A   H2     sing N N 62  
86P O1A   H3     sing N N 63  
86P C1D   H4     sing N N 64  
86P C1E   H5     sing N N 65  
86P N1A   H6     sing N N 66  
86P N1B   H7     sing N N 67  
86P O1B   H8     sing N N 68  
86P O1G   H9     sing N N 69  
86P C2D   H10    sing N N 70  
86P C2E   H11    sing N N 71  
86P N2B   H12    sing N N 72  
86P N2B   H13    sing N N 73  
86P O2C   H14    sing N N 74  
86P O2D   H15    sing N N 75  
86P O2E   H16    sing N N 76  
86P C3D   H17    sing N N 77  
86P C3E   H18    sing N N 78  
86P O3D   H19    sing N N 79  
86P O3E   H20    sing N N 80  
86P C4D   H21    sing N N 81  
86P C4E   H22    sing N N 82  
86P C5D   H23    sing N N 83  
86P C5D   H24    sing N N 84  
86P C5E   H25    sing N N 85  
86P C5E   H26    sing N N 86  
86P C8A   H27    sing N N 87  
86P C8B   H28    sing N N 88  
A   OP3   P      sing N N 89  
A   OP3   HOP3   sing N N 90  
A   P     OP1    doub N N 91  
A   P     OP2    sing N N 92  
A   P     "O5'"  sing N N 93  
A   OP2   HOP2   sing N N 94  
A   "O5'" "C5'"  sing N N 95  
A   "C5'" "C4'"  sing N N 96  
A   "C5'" "H5'"  sing N N 97  
A   "C5'" "H5''" sing N N 98  
A   "C4'" "O4'"  sing N N 99  
A   "C4'" "C3'"  sing N N 100 
A   "C4'" "H4'"  sing N N 101 
A   "O4'" "C1'"  sing N N 102 
A   "C3'" "O3'"  sing N N 103 
A   "C3'" "C2'"  sing N N 104 
A   "C3'" "H3'"  sing N N 105 
A   "O3'" "HO3'" sing N N 106 
A   "C2'" "O2'"  sing N N 107 
A   "C2'" "C1'"  sing N N 108 
A   "C2'" "H2'"  sing N N 109 
A   "O2'" "HO2'" sing N N 110 
A   "C1'" N9     sing N N 111 
A   "C1'" "H1'"  sing N N 112 
A   N9    C8     sing Y N 113 
A   N9    C4     sing Y N 114 
A   C8    N7     doub Y N 115 
A   C8    H8     sing N N 116 
A   N7    C5     sing Y N 117 
A   C5    C6     sing Y N 118 
A   C5    C4     doub Y N 119 
A   C6    N6     sing N N 120 
A   C6    N1     doub Y N 121 
A   N6    H61    sing N N 122 
A   N6    H62    sing N N 123 
A   N1    C2     sing Y N 124 
A   C2    N3     doub Y N 125 
A   C2    H2     sing N N 126 
A   N3    C4     sing Y N 127 
C   OP3   P      sing N N 128 
C   OP3   HOP3   sing N N 129 
C   P     OP1    doub N N 130 
C   P     OP2    sing N N 131 
C   P     "O5'"  sing N N 132 
C   OP2   HOP2   sing N N 133 
C   "O5'" "C5'"  sing N N 134 
C   "C5'" "C4'"  sing N N 135 
C   "C5'" "H5'"  sing N N 136 
C   "C5'" "H5''" sing N N 137 
C   "C4'" "O4'"  sing N N 138 
C   "C4'" "C3'"  sing N N 139 
C   "C4'" "H4'"  sing N N 140 
C   "O4'" "C1'"  sing N N 141 
C   "C3'" "O3'"  sing N N 142 
C   "C3'" "C2'"  sing N N 143 
C   "C3'" "H3'"  sing N N 144 
C   "O3'" "HO3'" sing N N 145 
C   "C2'" "O2'"  sing N N 146 
C   "C2'" "C1'"  sing N N 147 
C   "C2'" "H2'"  sing N N 148 
C   "O2'" "HO2'" sing N N 149 
C   "C1'" N1     sing N N 150 
C   "C1'" "H1'"  sing N N 151 
C   N1    C2     sing N N 152 
C   N1    C6     sing N N 153 
C   C2    O2     doub N N 154 
C   C2    N3     sing N N 155 
C   N3    C4     doub N N 156 
C   C4    N4     sing N N 157 
C   C4    C5     sing N N 158 
C   N4    H41    sing N N 159 
C   N4    H42    sing N N 160 
C   C5    C6     doub N N 161 
C   C5    H5     sing N N 162 
C   C6    H6     sing N N 163 
G   OP3   P      sing N N 164 
G   OP3   HOP3   sing N N 165 
G   P     OP1    doub N N 166 
G   P     OP2    sing N N 167 
G   P     "O5'"  sing N N 168 
G   OP2   HOP2   sing N N 169 
G   "O5'" "C5'"  sing N N 170 
G   "C5'" "C4'"  sing N N 171 
G   "C5'" "H5'"  sing N N 172 
G   "C5'" "H5''" sing N N 173 
G   "C4'" "O4'"  sing N N 174 
G   "C4'" "C3'"  sing N N 175 
G   "C4'" "H4'"  sing N N 176 
G   "O4'" "C1'"  sing N N 177 
G   "C3'" "O3'"  sing N N 178 
G   "C3'" "C2'"  sing N N 179 
G   "C3'" "H3'"  sing N N 180 
G   "O3'" "HO3'" sing N N 181 
G   "C2'" "O2'"  sing N N 182 
G   "C2'" "C1'"  sing N N 183 
G   "C2'" "H2'"  sing N N 184 
G   "O2'" "HO2'" sing N N 185 
G   "C1'" N9     sing N N 186 
G   "C1'" "H1'"  sing N N 187 
G   N9    C8     sing Y N 188 
G   N9    C4     sing Y N 189 
G   C8    N7     doub Y N 190 
G   C8    H8     sing N N 191 
G   N7    C5     sing Y N 192 
G   C5    C6     sing N N 193 
G   C5    C4     doub Y N 194 
G   C6    O6     doub N N 195 
G   C6    N1     sing N N 196 
G   N1    C2     sing N N 197 
G   N1    H1     sing N N 198 
G   C2    N2     sing N N 199 
G   C2    N3     doub N N 200 
G   N2    H21    sing N N 201 
G   N2    H22    sing N N 202 
G   N3    C4     sing N N 203 
LCC "O5'" "C5'"  sing N N 204 
LCC "O5'" P      sing N N 205 
LCC "C5'" "C4'"  sing N N 206 
LCC "C5'" "H5'1" sing N N 207 
LCC "C5'" "H5'2" sing N N 208 
LCC "C4'" "O4'"  sing N N 209 
LCC "C4'" "C3'"  sing N N 210 
LCC "C4'" "C6'"  sing N N 211 
LCC "O4'" "C1'"  sing N N 212 
LCC "C1'" N1     sing N N 213 
LCC "C1'" "C2'"  sing N N 214 
LCC "C1'" "H1'"  sing N N 215 
LCC N1    C6     sing N N 216 
LCC N1    C2     sing N N 217 
LCC C6    C5     doub N N 218 
LCC C6    H6     sing N N 219 
LCC C5    C5M    sing N N 220 
LCC C5    C4     sing N N 221 
LCC C5M   H5M1   sing N N 222 
LCC C5M   H5M2   sing N N 223 
LCC C5M   H5M3   sing N N 224 
LCC C4    N4     sing N N 225 
LCC C4    N3     doub N N 226 
LCC N4    H41    sing N N 227 
LCC N4    H42    sing N N 228 
LCC N3    C2     sing N N 229 
LCC C2    O2     doub N N 230 
LCC "C3'" "C2'"  sing N N 231 
LCC "C3'" "O3'"  sing N N 232 
LCC "C3'" "H3'"  sing N N 233 
LCC "C2'" "O2'"  sing N N 234 
LCC "C2'" "H2'1" sing N N 235 
LCC "O2'" "C6'"  sing N N 236 
LCC "O3'" H3T    sing N N 237 
LCC "C6'" "H6'1" sing N N 238 
LCC "C6'" "H6'2" sing N N 239 
LCC P     O1P    sing N N 240 
LCC P     O2P    doub N N 241 
LCC P     OXT    sing N N 242 
LCC O1P   H1P    sing N N 243 
LCC OXT   HXT    sing N N 244 
U   OP3   P      sing N N 245 
U   OP3   HOP3   sing N N 246 
U   P     OP1    doub N N 247 
U   P     OP2    sing N N 248 
U   P     "O5'"  sing N N 249 
U   OP2   HOP2   sing N N 250 
U   "O5'" "C5'"  sing N N 251 
U   "C5'" "C4'"  sing N N 252 
U   "C5'" "H5'"  sing N N 253 
U   "C5'" "H5''" sing N N 254 
U   "C4'" "O4'"  sing N N 255 
U   "C4'" "C3'"  sing N N 256 
U   "C4'" "H4'"  sing N N 257 
U   "O4'" "C1'"  sing N N 258 
U   "C3'" "O3'"  sing N N 259 
U   "C3'" "C2'"  sing N N 260 
U   "C3'" "H3'"  sing N N 261 
U   "O3'" "HO3'" sing N N 262 
U   "C2'" "O2'"  sing N N 263 
U   "C2'" "C1'"  sing N N 264 
U   "C2'" "H2'"  sing N N 265 
U   "O2'" "HO2'" sing N N 266 
U   "C1'" N1     sing N N 267 
U   "C1'" "H1'"  sing N N 268 
U   N1    C2     sing N N 269 
U   N1    C6     sing N N 270 
U   C2    O2     doub N N 271 
U   C2    N3     sing N N 272 
U   N3    C4     sing N N 273 
U   N3    H3     sing N N 274 
U   C4    O4     doub N N 275 
U   C4    C5     sing N N 276 
U   C5    C6     doub N N 277 
U   C5    H5     sing N N 278 
U   C6    H6     sing N N 279 
# 
_ndb_struct_conf_na.entry_id   5UEG 
_ndb_struct_conf_na.feature    'a-form double helix' 
# 
loop_
_ndb_struct_na_base_pair.model_number 
_ndb_struct_na_base_pair.i_label_asym_id 
_ndb_struct_na_base_pair.i_label_comp_id 
_ndb_struct_na_base_pair.i_label_seq_id 
_ndb_struct_na_base_pair.i_symmetry 
_ndb_struct_na_base_pair.j_label_asym_id 
_ndb_struct_na_base_pair.j_label_comp_id 
_ndb_struct_na_base_pair.j_label_seq_id 
_ndb_struct_na_base_pair.j_symmetry 
_ndb_struct_na_base_pair.shear 
_ndb_struct_na_base_pair.stretch 
_ndb_struct_na_base_pair.stagger 
_ndb_struct_na_base_pair.buckle 
_ndb_struct_na_base_pair.propeller 
_ndb_struct_na_base_pair.opening 
_ndb_struct_na_base_pair.pair_number 
_ndb_struct_na_base_pair.pair_name 
_ndb_struct_na_base_pair.i_auth_asym_id 
_ndb_struct_na_base_pair.i_auth_seq_id 
_ndb_struct_na_base_pair.i_PDB_ins_code 
_ndb_struct_na_base_pair.j_auth_asym_id 
_ndb_struct_na_base_pair.j_auth_seq_id 
_ndb_struct_na_base_pair.j_PDB_ins_code 
_ndb_struct_na_base_pair.hbond_type_28 
_ndb_struct_na_base_pair.hbond_type_12 
1 A G 4  1_555 B C 13 1_555 0.022  0.006  0.102  0.681   -8.074  1.104  1  A_G4:C13_B A 4  ? B 13 ? 19 1 
1 A A 5  1_555 B U 12 1_555 -0.276 0.017  0.550  13.853  -5.564  -1.535 2  A_A5:U12_B A 5  ? B 12 ? 20 1 
1 A C 6  1_555 B G 11 1_555 0.047  0.016  0.342  5.515   -12.091 1.800  3  A_C6:G11_B A 6  ? B 11 ? 19 1 
1 A U 7  1_555 B A 10 1_555 -0.202 0.172  -0.128 -1.472  -14.742 6.321  4  A_U7:A10_B A 7  ? B 10 ? 20 1 
1 A U 8  1_555 B A 9  1_555 0.124  -0.097 0.176  -4.033  -13.247 -1.953 5  A_U8:A9_B  A 8  ? B 9  ? 20 1 
1 A A 9  1_555 B U 8  1_555 -0.199 -0.125 0.879  5.861   -7.192  -1.230 6  A_A9:U8_B  A 9  ? B 8  ? 20 1 
1 A A 10 1_555 B U 7  1_555 0.572  0.109  0.288  3.071   -15.051 1.930  7  A_A10:U7_B A 10 ? B 7  ? 20 1 
1 A G 11 1_555 B C 6  1_555 -0.187 0.014  0.320  -5.709  -14.937 6.502  8  A_G11:C6_B A 11 ? B 6  ? 19 1 
1 A U 12 1_555 B A 5  1_555 0.182  0.019  0.767  -10.019 -9.267  -3.490 9  A_U12:A5_B A 12 ? B 5  ? 20 1 
1 A C 13 1_555 B G 4  1_555 0.041  -0.100 0.419  -4.887  -8.148  0.096  10 A_C13:G4_B A 13 ? B 4  ? 19 1 
1 C G 4  1_555 D C 13 1_555 0.104  0.029  0.394  4.246   -6.577  0.681  11 C_G4:C13_D C 4  ? D 13 ? 19 1 
1 C A 5  1_555 D U 12 1_555 -0.213 -0.068 0.499  13.741  -3.755  -1.793 12 C_A5:U12_D C 5  ? D 12 ? 20 1 
1 C C 6  1_555 D G 11 1_555 0.206  -0.131 0.154  6.204   -14.891 1.298  13 C_C6:G11_D C 6  ? D 11 ? 19 1 
1 C U 7  1_555 D A 10 1_555 -0.545 0.059  0.140  -3.439  -9.753  -1.862 14 C_U7:A10_D C 7  ? D 10 ? 20 1 
1 C U 8  1_555 D A 9  1_555 0.024  -0.376 0.764  -1.251  -3.492  -1.429 15 C_U8:A9_D  C 8  ? D 9  ? 20 1 
1 C A 9  1_555 D U 8  1_555 -0.224 -0.134 0.033  -3.082  -16.604 -3.351 16 C_A9:U8_D  C 9  ? D 8  ? 20 1 
1 C A 10 1_555 D U 7  1_555 0.309  0.193  0.335  6.672   -12.038 7.831  17 C_A10:U7_D C 10 ? D 7  ? 20 1 
1 C G 11 1_555 D C 6  1_555 0.029  0.204  0.221  -5.926  -15.252 7.376  18 C_G11:C6_D C 11 ? D 6  ? 19 1 
1 C U 12 1_555 D A 5  1_555 -0.025 0.057  0.775  -9.547  -10.435 -4.517 19 C_U12:A5_D C 12 ? D 5  ? 20 1 
1 C C 13 1_555 D G 4  1_555 0.137  -0.175 0.443  -5.860  -7.207  -1.373 20 C_C13:G4_D C 13 ? D 4  ? 19 1 
# 
loop_
_ndb_struct_na_base_pair_step.model_number 
_ndb_struct_na_base_pair_step.i_label_asym_id_1 
_ndb_struct_na_base_pair_step.i_label_comp_id_1 
_ndb_struct_na_base_pair_step.i_label_seq_id_1 
_ndb_struct_na_base_pair_step.i_symmetry_1 
_ndb_struct_na_base_pair_step.j_label_asym_id_1 
_ndb_struct_na_base_pair_step.j_label_comp_id_1 
_ndb_struct_na_base_pair_step.j_label_seq_id_1 
_ndb_struct_na_base_pair_step.j_symmetry_1 
_ndb_struct_na_base_pair_step.i_label_asym_id_2 
_ndb_struct_na_base_pair_step.i_label_comp_id_2 
_ndb_struct_na_base_pair_step.i_label_seq_id_2 
_ndb_struct_na_base_pair_step.i_symmetry_2 
_ndb_struct_na_base_pair_step.j_label_asym_id_2 
_ndb_struct_na_base_pair_step.j_label_comp_id_2 
_ndb_struct_na_base_pair_step.j_label_seq_id_2 
_ndb_struct_na_base_pair_step.j_symmetry_2 
_ndb_struct_na_base_pair_step.shift 
_ndb_struct_na_base_pair_step.slide 
_ndb_struct_na_base_pair_step.rise 
_ndb_struct_na_base_pair_step.tilt 
_ndb_struct_na_base_pair_step.roll 
_ndb_struct_na_base_pair_step.twist 
_ndb_struct_na_base_pair_step.x_displacement 
_ndb_struct_na_base_pair_step.y_displacement 
_ndb_struct_na_base_pair_step.helical_rise 
_ndb_struct_na_base_pair_step.inclination 
_ndb_struct_na_base_pair_step.tip 
_ndb_struct_na_base_pair_step.helical_twist 
_ndb_struct_na_base_pair_step.step_number 
_ndb_struct_na_base_pair_step.step_name 
_ndb_struct_na_base_pair_step.i_auth_asym_id_1 
_ndb_struct_na_base_pair_step.i_auth_seq_id_1 
_ndb_struct_na_base_pair_step.i_PDB_ins_code_1 
_ndb_struct_na_base_pair_step.j_auth_asym_id_1 
_ndb_struct_na_base_pair_step.j_auth_seq_id_1 
_ndb_struct_na_base_pair_step.j_PDB_ins_code_1 
_ndb_struct_na_base_pair_step.i_auth_asym_id_2 
_ndb_struct_na_base_pair_step.i_auth_seq_id_2 
_ndb_struct_na_base_pair_step.i_PDB_ins_code_2 
_ndb_struct_na_base_pair_step.j_auth_asym_id_2 
_ndb_struct_na_base_pair_step.j_auth_seq_id_2 
_ndb_struct_na_base_pair_step.j_PDB_ins_code_2 
1 A G 4  1_555 B C 13 1_555 A A 5  1_555 B U 12 1_555 -0.064 -1.805 2.929 -4.307 2.245  26.776 -4.331 -0.809 2.748 4.797  9.204   
27.205 1  AA_G4A5:U12C13_BB A 4  ? B 13 ? A 5  ? B 12 ? 
1 A A 5  1_555 B U 12 1_555 A C 6  1_555 B G 11 1_555 0.396  -1.599 3.333 1.127  7.990  37.636 -3.393 -0.465 2.955 12.214 -1.722  
38.460 2  AA_A5C6:G11U12_BB A 5  ? B 12 ? A 6  ? B 11 ? 
1 A C 6  1_555 B G 11 1_555 A U 7  1_555 B A 10 1_555 -0.416 -1.769 3.377 -0.912 5.879  26.226 -5.280 0.667  2.930 12.748 1.977   
26.881 3  AA_C6U7:A10G11_BB A 6  ? B 11 ? A 7  ? B 10 ? 
1 A U 7  1_555 B A 10 1_555 A U 8  1_555 B A 9  1_555 -0.490 -1.083 3.415 -3.007 7.767  33.762 -3.019 0.354  3.127 13.127 5.083   
34.745 4  AA_U7U8:A9A10_BB  A 7  ? B 10 ? A 8  ? B 9  ? 
1 A U 8  1_555 B A 9  1_555 A A 9  1_555 B U 8  1_555 0.495  -1.785 2.830 -4.760 10.439 28.161 -5.002 -1.671 1.952 20.414 9.308   
30.365 5  AA_U8A9:U8A9_BB   A 8  ? B 9  ? A 9  ? B 8  ? 
1 A A 9  1_555 B U 8  1_555 A A 10 1_555 B U 7  1_555 0.290  -1.511 3.395 7.770  8.393  37.090 -3.304 0.514  2.995 12.825 -11.873 
38.754 6  AA_A9A10:U7U8_BB  A 9  ? B 8  ? A 10 ? B 7  ? 
1 A A 10 1_555 B U 7  1_555 A G 11 1_555 B C 6  1_555 0.695  -1.977 3.247 3.806  9.081  28.772 -5.445 -0.626 2.586 17.635 -7.391  
30.377 7  AA_A10G11:C6U7_BB A 10 ? B 7  ? A 11 ? B 6  ? 
1 A G 11 1_555 B C 6  1_555 A U 12 1_555 B A 5  1_555 -0.410 -1.501 3.446 -1.345 5.243  35.807 -3.170 0.466  3.214 8.468  2.173   
36.201 8  AA_G11U12:A5C6_BB A 11 ? B 6  ? A 12 ? B 5  ? 
1 A U 12 1_555 B A 5  1_555 A C 13 1_555 B G 4  1_555 0.081  -1.864 3.036 2.843  4.218  28.276 -4.601 0.406  2.730 8.546  -5.761  
28.720 9  AA_U12C13:G4A5_BB A 12 ? B 5  ? A 13 ? B 4  ? 
1 C G 4  1_555 D C 13 1_555 C A 5  1_555 D U 12 1_555 -0.082 -1.851 3.044 -1.615 2.080  25.823 -4.642 -0.223 2.888 4.639  3.602   
25.955 10 CC_G4A5:U12C13_DD C 4  ? D 13 ? C 5  ? D 12 ? 
1 C A 5  1_555 D U 12 1_555 C C 6  1_555 D G 11 1_555 0.323  -1.569 3.346 2.600  8.852  37.410 -3.450 -0.175 2.928 13.549 -3.980  
38.492 11 CC_A5C6:G11U12_DD C 5  ? D 12 ? C 6  ? D 11 ? 
1 C C 6  1_555 D G 11 1_555 C U 7  1_555 D A 10 1_555 -0.660 -1.929 3.419 -5.239 8.858  28.760 -5.392 0.234  2.790 17.155 10.145  
30.509 12 CC_C6U7:A10G11_DD C 6  ? D 11 ? C 7  ? D 10 ? 
1 C U 7  1_555 D A 10 1_555 C U 8  1_555 D A 9  1_555 -0.389 -1.481 3.229 -7.944 5.522  34.049 -3.226 -0.492 2.973 9.202  13.238  
35.357 13 CC_U7U8:A9A10_DD  C 7  ? D 10 ? C 8  ? D 9  ? 
1 C U 8  1_555 D A 9  1_555 C A 9  1_555 D U 8  1_555 -0.140 -1.842 3.181 6.612  13.900 28.840 -5.329 1.224  2.025 25.724 -12.237 
32.614 14 CC_U8A9:U8A9_DD   C 8  ? D 9  ? C 9  ? D 8  ? 
1 C A 9  1_555 D U 8  1_555 C A 10 1_555 D U 7  1_555 0.477  -1.190 3.060 -0.363 3.905  34.072 -2.579 -0.861 2.905 6.636  0.617   
34.290 15 CC_A9A10:U7U8_DD  C 9  ? D 8  ? C 10 ? D 7  ? 
1 C A 10 1_555 D U 7  1_555 C G 11 1_555 D C 6  1_555 0.473  -1.866 3.370 4.479  8.925  29.891 -5.042 -0.068 2.753 16.727 -8.394  
31.479 16 CC_A10G11:C6U7_DD C 10 ? D 7  ? C 11 ? D 6  ? 
1 C G 11 1_555 D C 6  1_555 C U 12 1_555 D A 5  1_555 -0.457 -1.525 3.336 -2.505 5.689  33.423 -3.508 0.386  3.067 9.787  4.309   
33.980 17 CC_G11U12:A5C6_DD C 11 ? D 6  ? C 12 ? D 5  ? 
1 C U 12 1_555 D A 5  1_555 C C 13 1_555 D G 4  1_555 -0.029 -1.888 3.049 2.306  4.941  30.188 -4.432 0.458  2.703 9.390  -4.383  
30.665 18 CC_U12C13:G4A5_DD C 12 ? D 5  ? C 13 ? D 4  ? 
# 
_pdbx_entity_nonpoly.entity_id   2 
_pdbx_entity_nonpoly.name        
;[[(2~{R},3~{S},4~{R},5~{R})-5-(2-azanyl-6-oxidanylidene-1~{H}-purin-9-yl)-3,4-bis(oxidanyl)oxolan-2-yl]methoxy-oxidanyl-phosphoryl] [[[(2~{R},3~{S},4~{R},5~{R})-5-(2-azanyl-6-oxidanylidene-1~{H}-purin-9-yl)-3,4-bis(oxidanyl)oxolan-2-yl]methoxy-oxidanyl-phosphoryl]oxy-oxidanyl-phosphoryl] hydrogen phosphate
;
_pdbx_entity_nonpoly.comp_id     86P 
# 
_pdbx_initial_refinement_model.id               1 
_pdbx_initial_refinement_model.entity_id_list   ? 
_pdbx_initial_refinement_model.type             'experimental model' 
_pdbx_initial_refinement_model.source_name      PDB 
_pdbx_initial_refinement_model.accession_code   5DHC 
_pdbx_initial_refinement_model.details          ? 
# 
